data_9C8V
#
_entry.id   9C8V
#
_cell.length_a   1.00
_cell.length_b   1.00
_cell.length_c   1.00
_cell.angle_alpha   90.00
_cell.angle_beta   90.00
_cell.angle_gamma   90.00
#
_symmetry.space_group_name_H-M   'P 1'
#
loop_
_entity.id
_entity.type
_entity.pdbx_description
1 polymer 'DNA primase small subunit'
2 polymer 'DNA primase large subunit'
3 polymer 'DNA polymerase alpha catalytic subunit'
4 polymer 'DNA polymerase alpha subunit B'
5 non-polymer 'ZINC ION'
6 non-polymer 'IRON/SULFUR CLUSTER'
#
loop_
_entity_poly.entity_id
_entity_poly.type
_entity_poly.pdbx_seq_one_letter_code
_entity_poly.pdbx_strand_id
1 'polypeptide(L)'
;METFDPTELPELLKLYYRRLFPYSQYYRWLNYGGVIKNYFQHREFSFTLKDDIYIRYQSFNNQSDLEKEMQKMNPYKIDI
GAVYSHRPNQHNTVKLGAFQAQEKELVFDIDMTDYDDVRRCCSSADICPKCWTLMTMAIRIIDRALKEDFGFKHRLWVYS
GRRGVHCWVCDESVRKLSSAVRSGIVEYLSLVKGGQDVKKKVHLSEKIHPFIRKSINIIKKYFEEYALVNQDILENKESW
DKILALVPETIHDELQQSFQKSHNSLQRWEHLKKVASRYQNNIKNDKYGPWLEWEIMLQYCFPRLDINVSKGINHLLKSP
FSVHPKTGRISVPIDLQKVDQFDPFTVPTISFICRELDAISTNEEEKEENEAESDVKHRTRDYKKTSLAPYVKVFEHFLE
NLDKSRKGELLK
;
A
2 'polypeptide(L)'
;YPHCLQFYLQPPSENISLIEFENLAIDRVKLLKSVENLGVSYVKGTEQYQSKLESELRKLKFSYRENLEDEYEPRRRDHI
SHFILRLAYCQSEELRRWFIQQEMDLLRFRFSILPKDKIQDFLKDSQLQFEAISDEEKTLREQEIVASSPSLSGLKLGFE
SIYKIPFADALDLFRGRKVYLEDGFAYVPLKDIVAIILNEFRAKLSKALALTARSLPAVQSDERLQPLLNHLSHSYTGQD
YSTQGNVGKISLDQIDLLSTKSFPPCMRQLHKALRENHHLRHGGRMQYGLFLKGIGLTLEQALQFWKQEFIKGKMDPDKF
DKGYSYNIRHSFGKEGKRTDYTPFSCLKIILSNPPSQGDYHGCPFRHSDPELLKQKLQSYKISPGGISQILDLVKGTHYQ
VACQKYFEMIHNVDDCGFSLNHPNQFFCESQRIL
;
B
3 'polypeptide(L)'
;EQVFHFYWLDAYEDQYNQPGVVFLFGKVWIESAETHVSCCVMVKNIERTLYFLPREMKIDLNTGKETGTPISMKDVYEEF
DEKIATKYKIMKFKSKPVEKNYAFEIPDVPEKSEYLEVKYSAEMPQLPQDLKGETFSHVFGTNTSSLELFLMNRKIKGPC
WLEVKSPQLLNQPVSWCKAEAMALKPDLVNVIKDVSPPPLVVMAFSMKTMQNAKNHQNEIIAMAALVHHSFALDKAAPKP
PFQSHFCVVSKPKDCIFPYAFKEVIEKKNVKVEVAATERTLLGFFLAKVHKIDPDIIVGHNIYGFELEVLLQRINVCKAP
HWSKIGRLKRSNMPKLGGRSGFGERNATCGRMICDVEISAKELIRCKSYHLSELVQQILKTERVVIPMENIQNMYSESSQ
LLYLLEHTWKDAKFILQIMCELNVLPLALQITNIAGNIMSRTLMGGRSERNEFLLLHAFYENNYIVPDKQIFRKPQQKLG
DEDEEIDGDTNKYKKGRKKAAYAGGLVLDPKVGFYDKFILLLDFNSLYPSIIQEFNICFTTVQRVASEAQKVTEDGEQEQ
IPELPDPSLEMGILPREIRKLVERRKQVKQLMKQQDLNPDLILQYDIRQKALKLTANSMYGCLGFSYSRFYAKPLAALVT
YKGREILMHTKEMVQKMNLEVIYGDTDSIMINTNSTNLEEVFKLGNKVKSEVNKLYKLLEIDIDGVFKSLLLLKKKKYAA
LVVEPTSDGNYVTKQELKGLDIVRRDWCDLAKDTGNFVIGQILSDQSRDTIVENIQKRLIEIGENVLNGSVPVSQFEINK
ALTKDPQDYPDKKSLPHVHVALWINSQGGRKVKAGDTVSYVICQDGSNLTASQRAYAPEQLQKQDNLTIDTQYYLAQQIH
PVVARICEPIDGIDAVLIATWLGLDPTQFRVHHYHKDEENDALLGGPAQLTDEEKYRDCERFKCPCPTCGTENIYDNVFD
GSGTDMEPSLYRCSNIDCKASPLTFTVQLSNKLIMDIRRFIKKYYDGWLICEEPTCRNRTRHLPLQFSRTGPLCPACMKA
TLQPEYSDKSLYTQLCFYRYIFDAECALEKLTTDHEKDKLKKQFFTPKVLQDYRKLKNTAEQFLSRSGYSEVNLSKLFA
;
C
4 'polypeptide(L)'
;ATPSQKYNSRSNRGEVVTSFGLAQGVSWSGRGGAGNISLKVLGCPEALTGSYKSMFQKLPDIREVLTCKIEELGSELKEH
YKIEAFTPLLAPAQEPVTLLGQIGCDSNGKLNNKSVILEGDREHSSGAQIPVDLSELKEYSLFPGQVVIMEGINTTGRKL
VATKLYEGVPLPFYQPTEEDADFEQSMVLVACGPYTTSDSITYDPLLDLIAVINHDRPDVCILFGPFLDAKHEQVENCLL
TSPFEDIFKQCLRTIIEGTRSSGSHLVFVPSLRDVHHEPVYPQPPFSYSDLSREDKKQVQFVSEPCSLSINGVIFGLTST
DLLFHLGAEEISSSSGTSDRFSRILKHILTQRSYYPLYPPQEDMAIDYESFYVYAQLPVTPDVLIIPSELRYFVKDVLGC
VCVNPGRLTKGQVGGTFARLYLRRPAADGAERQSPCIAVQVVRI
;
D
#
loop_
_chem_comp.id
_chem_comp.type
_chem_comp.name
_chem_comp.formula
SF4 non-polymer 'IRON/SULFUR CLUSTER' 'Fe4 S4'
ZN non-polymer 'ZINC ION' 'Zn 2'
#
# COMPACT_ATOMS: atom_id res chain seq x y z
N MET A 1 -40.45 -15.34 -65.68
CA MET A 1 -39.13 -14.74 -65.55
C MET A 1 -38.10 -15.53 -66.35
N GLU A 2 -36.83 -15.11 -66.26
CA GLU A 2 -35.74 -15.77 -66.94
C GLU A 2 -34.80 -16.41 -65.92
N THR A 3 -34.25 -17.57 -66.30
CA THR A 3 -33.41 -18.32 -65.38
C THR A 3 -32.11 -17.58 -65.11
N PHE A 4 -31.78 -17.42 -63.84
CA PHE A 4 -30.57 -16.71 -63.43
C PHE A 4 -29.35 -17.59 -63.66
N ASP A 5 -28.33 -17.03 -64.31
CA ASP A 5 -27.10 -17.75 -64.57
C ASP A 5 -26.03 -17.30 -63.61
N PRO A 6 -25.57 -18.16 -62.69
CA PRO A 6 -24.55 -17.72 -61.72
C PRO A 6 -23.24 -17.30 -62.34
N THR A 7 -22.85 -17.87 -63.48
CA THR A 7 -21.57 -17.54 -64.10
C THR A 7 -21.55 -16.12 -64.68
N GLU A 8 -22.71 -15.51 -64.92
CA GLU A 8 -22.76 -14.15 -65.42
C GLU A 8 -22.66 -13.10 -64.33
N LEU A 9 -22.61 -13.52 -63.06
CA LEU A 9 -22.55 -12.59 -61.95
C LEU A 9 -21.37 -11.61 -62.01
N PRO A 10 -20.13 -12.03 -62.28
CA PRO A 10 -19.02 -11.06 -62.27
C PRO A 10 -19.19 -9.91 -63.24
N GLU A 11 -19.87 -10.13 -64.37
CA GLU A 11 -20.04 -9.06 -65.35
C GLU A 11 -21.16 -8.11 -64.96
N LEU A 12 -22.34 -8.65 -64.64
CA LEU A 12 -23.49 -7.80 -64.32
C LEU A 12 -23.34 -7.11 -62.97
N LEU A 13 -22.56 -7.68 -62.05
CA LEU A 13 -22.39 -7.07 -60.73
C LEU A 13 -21.78 -5.68 -60.85
N LYS A 14 -20.72 -5.55 -61.66
CA LYS A 14 -20.05 -4.26 -61.78
C LYS A 14 -21.00 -3.20 -62.34
N LEU A 15 -21.77 -3.57 -63.37
CA LEU A 15 -22.75 -2.63 -63.91
C LEU A 15 -23.80 -2.25 -62.88
N TYR A 16 -24.27 -3.24 -62.10
CA TYR A 16 -25.30 -2.96 -61.10
C TYR A 16 -24.82 -1.98 -60.06
N TYR A 17 -23.64 -2.23 -59.47
CA TYR A 17 -23.18 -1.26 -58.47
C TYR A 17 -22.56 -0.01 -59.10
N ARG A 18 -22.40 0.04 -60.42
CA ARG A 18 -21.89 1.24 -61.05
C ARG A 18 -22.99 2.23 -61.42
N ARG A 19 -24.11 1.75 -61.96
CA ARG A 19 -25.13 2.64 -62.48
C ARG A 19 -26.53 2.41 -61.93
N LEU A 20 -26.70 1.57 -60.91
CA LEU A 20 -28.02 1.30 -60.37
C LEU A 20 -28.11 1.32 -58.85
N PHE A 21 -27.01 1.16 -58.13
CA PHE A 21 -27.07 1.10 -56.67
C PHE A 21 -27.38 2.50 -56.12
N PRO A 22 -28.41 2.64 -55.28
CA PRO A 22 -28.74 3.96 -54.73
C PRO A 22 -27.74 4.41 -53.68
N TYR A 23 -26.61 4.94 -54.12
CA TYR A 23 -25.55 5.35 -53.20
C TYR A 23 -26.00 6.49 -52.29
N SER A 24 -26.77 7.44 -52.83
CA SER A 24 -27.19 8.59 -52.05
C SER A 24 -28.08 8.16 -50.88
N GLN A 25 -29.08 7.34 -51.15
CA GLN A 25 -29.97 6.87 -50.09
C GLN A 25 -29.22 6.02 -49.08
N TYR A 26 -28.31 5.16 -49.56
CA TYR A 26 -27.52 4.31 -48.67
C TYR A 26 -26.70 5.15 -47.71
N TYR A 27 -25.98 6.14 -48.24
CA TYR A 27 -25.17 7.01 -47.40
C TYR A 27 -26.02 7.83 -46.45
N ARG A 28 -27.17 8.33 -46.93
CA ARG A 28 -28.07 9.09 -46.06
C ARG A 28 -28.53 8.26 -44.88
N TRP A 29 -28.99 7.03 -45.15
CA TRP A 29 -29.47 6.16 -44.08
C TRP A 29 -28.37 5.83 -43.09
N LEU A 30 -27.18 5.44 -43.59
CA LEU A 30 -26.14 5.02 -42.68
C LEU A 30 -25.39 6.18 -42.04
N ASN A 31 -25.63 7.42 -42.48
CA ASN A 31 -25.03 8.58 -41.83
C ASN A 31 -25.97 9.24 -40.84
N TYR A 32 -27.29 9.13 -41.05
CA TYR A 32 -28.28 9.67 -40.11
C TYR A 32 -28.11 11.18 -39.93
N GLY A 33 -27.70 11.87 -40.99
CA GLY A 33 -27.58 13.31 -40.96
C GLY A 33 -26.35 13.84 -40.26
N GLY A 34 -25.45 12.97 -39.81
CA GLY A 34 -24.24 13.42 -39.15
C GLY A 34 -24.48 14.14 -37.83
N VAL A 35 -25.48 13.72 -37.08
CA VAL A 35 -25.70 14.28 -35.75
C VAL A 35 -24.54 13.94 -34.83
N ILE A 36 -24.06 12.69 -34.89
CA ILE A 36 -22.94 12.25 -34.08
C ILE A 36 -21.68 12.32 -34.95
N LYS A 37 -20.53 12.23 -34.30
CA LYS A 37 -19.26 12.52 -34.94
C LYS A 37 -19.00 11.63 -36.15
N ASN A 38 -18.89 10.31 -35.91
CA ASN A 38 -18.38 9.39 -36.92
C ASN A 38 -19.27 8.16 -37.06
N TYR A 39 -20.58 8.38 -37.19
CA TYR A 39 -21.49 7.25 -37.33
C TYR A 39 -21.30 6.49 -38.64
N PHE A 40 -20.66 7.08 -39.64
CA PHE A 40 -20.34 6.39 -40.88
C PHE A 40 -18.88 6.00 -40.98
N GLN A 41 -17.96 6.84 -40.50
CA GLN A 41 -16.55 6.49 -40.54
C GLN A 41 -16.24 5.29 -39.67
N HIS A 42 -16.97 5.11 -38.58
CA HIS A 42 -16.78 3.99 -37.67
C HIS A 42 -17.64 2.78 -38.03
N ARG A 43 -18.56 2.92 -38.98
CA ARG A 43 -19.43 1.80 -39.35
C ARG A 43 -18.66 0.79 -40.17
N GLU A 44 -18.94 -0.49 -39.92
CA GLU A 44 -18.23 -1.59 -40.57
C GLU A 44 -19.08 -2.20 -41.67
N PHE A 45 -18.49 -2.39 -42.83
CA PHE A 45 -19.08 -3.16 -43.92
C PHE A 45 -18.25 -4.41 -44.17
N SER A 46 -18.91 -5.48 -44.59
CA SER A 46 -18.26 -6.73 -44.90
C SER A 46 -18.59 -7.11 -46.33
N PHE A 47 -17.58 -7.56 -47.07
CA PHE A 47 -17.72 -7.89 -48.48
C PHE A 47 -17.26 -9.33 -48.71
N THR A 48 -18.13 -10.13 -49.31
CA THR A 48 -17.75 -11.45 -49.78
C THR A 48 -17.40 -11.35 -51.27
N LEU A 49 -16.15 -11.69 -51.59
CA LEU A 49 -15.53 -11.47 -52.88
C LEU A 49 -15.50 -12.76 -53.69
N LYS A 50 -14.77 -12.73 -54.81
CA LYS A 50 -14.47 -13.94 -55.55
C LYS A 50 -13.53 -14.83 -54.73
N ASP A 51 -13.54 -16.12 -55.05
CA ASP A 51 -12.75 -17.15 -54.36
C ASP A 51 -13.19 -17.35 -52.92
N ASP A 52 -14.36 -16.81 -52.55
CA ASP A 52 -14.95 -16.96 -51.22
C ASP A 52 -14.06 -16.41 -50.11
N ILE A 53 -13.17 -15.48 -50.44
CA ILE A 53 -12.36 -14.83 -49.41
C ILE A 53 -13.25 -13.87 -48.63
N TYR A 54 -13.12 -13.89 -47.30
CA TYR A 54 -13.99 -13.11 -46.43
C TYR A 54 -13.18 -11.99 -45.80
N ILE A 55 -13.50 -10.74 -46.18
CA ILE A 55 -12.95 -9.56 -45.52
C ILE A 55 -14.07 -8.94 -44.68
N ARG A 56 -13.75 -8.58 -43.45
CA ARG A 56 -14.75 -8.20 -42.47
C ARG A 56 -14.69 -6.74 -42.07
N TYR A 57 -13.49 -6.20 -41.86
CA TYR A 57 -13.35 -4.86 -41.29
C TYR A 57 -13.03 -3.85 -42.39
N GLN A 58 -14.10 -3.34 -43.00
CA GLN A 58 -14.01 -2.26 -43.98
C GLN A 58 -14.66 -1.01 -43.44
N SER A 59 -14.14 0.15 -43.84
CA SER A 59 -14.69 1.42 -43.41
C SER A 59 -14.39 2.47 -44.47
N PHE A 60 -15.29 3.45 -44.59
CA PHE A 60 -15.18 4.50 -45.59
C PHE A 60 -15.37 5.85 -44.93
N ASN A 61 -14.62 6.84 -45.41
CA ASN A 61 -14.68 8.18 -44.82
C ASN A 61 -15.99 8.87 -45.17
N ASN A 62 -16.46 8.73 -46.41
CA ASN A 62 -17.67 9.41 -46.86
C ASN A 62 -18.25 8.63 -48.04
N GLN A 63 -19.22 9.25 -48.73
CA GLN A 63 -19.90 8.58 -49.83
C GLN A 63 -18.96 8.31 -50.99
N SER A 64 -18.07 9.27 -51.30
CA SER A 64 -17.14 9.08 -52.41
C SER A 64 -16.19 7.92 -52.14
N ASP A 65 -15.72 7.79 -50.89
CA ASP A 65 -14.89 6.65 -50.53
C ASP A 65 -15.64 5.34 -50.74
N LEU A 66 -16.91 5.29 -50.33
CA LEU A 66 -17.72 4.10 -50.55
C LEU A 66 -17.83 3.77 -52.03
N GLU A 67 -18.11 4.78 -52.86
CA GLU A 67 -18.23 4.54 -54.29
C GLU A 67 -16.94 4.01 -54.88
N LYS A 68 -15.81 4.66 -54.57
CA LYS A 68 -14.53 4.26 -55.15
C LYS A 68 -14.14 2.85 -54.69
N GLU A 69 -14.33 2.54 -53.42
CA GLU A 69 -13.90 1.24 -52.90
C GLU A 69 -14.82 0.12 -53.36
N MET A 70 -16.11 0.39 -53.50
CA MET A 70 -17.10 -0.64 -53.79
C MET A 70 -17.49 -0.69 -55.27
N GLN A 71 -16.89 0.15 -56.11
CA GLN A 71 -17.08 0.03 -57.56
C GLN A 71 -15.92 -0.65 -58.27
N LYS A 72 -14.68 -0.42 -57.82
CA LYS A 72 -13.53 -1.09 -58.39
C LYS A 72 -13.41 -2.55 -57.96
N MET A 73 -14.22 -2.97 -56.99
CA MET A 73 -14.13 -4.31 -56.41
C MET A 73 -15.34 -5.18 -56.71
N ASN A 74 -16.55 -4.62 -56.64
CA ASN A 74 -17.80 -5.31 -56.96
C ASN A 74 -17.97 -6.54 -56.08
N PRO A 75 -18.24 -6.38 -54.79
CA PRO A 75 -18.37 -7.54 -53.91
C PRO A 75 -19.56 -8.41 -54.30
N TYR A 76 -19.40 -9.72 -54.08
CA TYR A 76 -20.50 -10.64 -54.36
C TYR A 76 -21.56 -10.58 -53.28
N LYS A 77 -21.18 -10.39 -52.02
CA LYS A 77 -22.14 -10.21 -50.94
C LYS A 77 -21.76 -8.99 -50.11
N ILE A 78 -22.78 -8.25 -49.67
CA ILE A 78 -22.59 -7.06 -48.84
C ILE A 78 -23.31 -7.26 -47.52
N ASP A 79 -22.62 -7.01 -46.41
CA ASP A 79 -23.19 -7.10 -45.08
C ASP A 79 -22.84 -5.85 -44.29
N ILE A 80 -23.72 -5.48 -43.37
CA ILE A 80 -23.54 -4.29 -42.55
C ILE A 80 -23.32 -4.72 -41.11
N GLY A 81 -22.27 -4.19 -40.50
CA GLY A 81 -21.92 -4.48 -39.11
C GLY A 81 -22.38 -3.41 -38.16
N ALA A 82 -21.68 -3.30 -37.04
CA ALA A 82 -22.02 -2.35 -35.99
C ALA A 82 -21.16 -1.09 -36.11
N VAL A 83 -21.27 -0.21 -35.13
CA VAL A 83 -20.47 1.00 -35.06
C VAL A 83 -19.50 0.85 -33.89
N TYR A 84 -18.20 0.95 -34.19
CA TYR A 84 -17.16 0.70 -33.21
C TYR A 84 -16.61 2.02 -32.66
N SER A 85 -15.86 1.89 -31.56
CA SER A 85 -15.18 3.06 -30.99
C SER A 85 -14.10 3.59 -31.92
N HIS A 86 -13.34 2.69 -32.56
CA HIS A 86 -12.31 3.06 -33.51
C HIS A 86 -12.71 2.57 -34.90
N ARG A 87 -12.14 3.21 -35.91
CA ARG A 87 -12.48 2.89 -37.29
C ARG A 87 -12.16 1.42 -37.58
N PRO A 88 -13.08 0.67 -38.20
CA PRO A 88 -12.80 -0.74 -38.48
C PRO A 88 -11.58 -0.95 -39.36
N ASN A 89 -11.24 0.03 -40.21
CA ASN A 89 -10.08 -0.10 -41.08
C ASN A 89 -8.76 0.11 -40.34
N GLN A 90 -8.81 0.60 -39.10
CA GLN A 90 -7.61 0.80 -38.31
C GLN A 90 -7.75 0.09 -36.97
N HIS A 91 -8.23 -1.16 -36.97
CA HIS A 91 -8.47 -1.86 -35.73
C HIS A 91 -7.21 -2.40 -35.07
N ASN A 92 -6.16 -2.68 -35.87
CA ASN A 92 -4.90 -3.14 -35.28
C ASN A 92 -4.04 -1.99 -34.75
N THR A 93 -4.36 -0.75 -35.12
CA THR A 93 -3.62 0.39 -34.58
C THR A 93 -3.79 0.51 -33.07
N VAL A 94 -5.01 0.32 -32.58
CA VAL A 94 -5.30 0.48 -31.16
C VAL A 94 -4.85 -0.75 -30.39
N LYS A 95 -4.82 -0.65 -29.06
CA LYS A 95 -4.45 -1.77 -28.22
C LYS A 95 -5.50 -2.88 -28.31
N LEU A 96 -5.05 -4.11 -28.06
CA LEU A 96 -5.92 -5.28 -28.16
C LEU A 96 -6.90 -5.27 -27.00
N GLY A 97 -8.13 -4.83 -27.27
CA GLY A 97 -9.16 -4.76 -26.25
C GLY A 97 -9.97 -3.49 -26.31
N ALA A 98 -9.43 -2.46 -26.96
CA ALA A 98 -10.12 -1.19 -27.12
C ALA A 98 -11.01 -1.14 -28.35
N PHE A 99 -11.02 -2.19 -29.16
CA PHE A 99 -11.84 -2.26 -30.37
C PHE A 99 -13.10 -3.06 -30.03
N GLN A 100 -14.21 -2.35 -29.84
CA GLN A 100 -15.46 -2.98 -29.47
C GLN A 100 -16.61 -2.27 -30.16
N ALA A 101 -17.73 -2.98 -30.31
CA ALA A 101 -18.93 -2.46 -30.93
C ALA A 101 -19.90 -1.95 -29.86
N GLN A 102 -20.52 -0.80 -30.13
CA GLN A 102 -21.45 -0.21 -29.19
C GLN A 102 -22.87 -0.08 -29.71
N GLU A 103 -23.05 0.31 -30.97
CA GLU A 103 -24.37 0.62 -31.50
C GLU A 103 -24.62 -0.12 -32.81
N LYS A 104 -25.82 -0.66 -32.95
CA LYS A 104 -26.23 -1.34 -34.17
C LYS A 104 -27.74 -1.42 -34.20
N GLU A 105 -28.30 -1.37 -35.41
CA GLU A 105 -29.74 -1.50 -35.57
C GLU A 105 -30.20 -2.89 -35.12
N LEU A 106 -31.44 -2.96 -34.68
CA LEU A 106 -32.03 -4.23 -34.23
C LEU A 106 -32.42 -5.03 -35.46
N VAL A 107 -31.84 -6.21 -35.61
CA VAL A 107 -32.04 -7.05 -36.80
C VAL A 107 -32.88 -8.25 -36.40
N PHE A 108 -34.01 -8.41 -37.07
CA PHE A 108 -34.89 -9.57 -36.89
C PHE A 108 -34.88 -10.32 -38.22
N ASP A 109 -34.09 -11.38 -38.31
CA ASP A 109 -33.99 -12.19 -39.51
C ASP A 109 -34.90 -13.41 -39.37
N ILE A 110 -35.86 -13.55 -40.28
CA ILE A 110 -36.79 -14.66 -40.26
C ILE A 110 -36.70 -15.38 -41.60
N ASP A 111 -36.68 -16.71 -41.55
CA ASP A 111 -36.36 -17.54 -42.70
C ASP A 111 -37.27 -18.75 -42.74
N MET A 112 -37.42 -19.31 -43.94
CA MET A 112 -38.26 -20.48 -44.15
C MET A 112 -37.61 -21.77 -43.69
N THR A 113 -36.29 -21.77 -43.46
CA THR A 113 -35.60 -22.97 -42.99
C THR A 113 -36.08 -23.43 -41.63
N ASP A 114 -36.73 -22.56 -40.85
CA ASP A 114 -37.26 -22.92 -39.55
C ASP A 114 -38.66 -23.53 -39.63
N TYR A 115 -39.22 -23.67 -40.83
CA TYR A 115 -40.54 -24.23 -41.04
C TYR A 115 -40.47 -25.65 -41.61
N ASP A 116 -39.46 -26.42 -41.21
CA ASP A 116 -39.27 -27.75 -41.77
C ASP A 116 -40.38 -28.70 -41.33
N ASP A 117 -40.75 -28.67 -40.06
CA ASP A 117 -41.69 -29.63 -39.49
C ASP A 117 -43.14 -29.20 -39.64
N VAL A 118 -43.40 -28.04 -40.27
CA VAL A 118 -44.75 -27.53 -40.45
C VAL A 118 -45.14 -27.50 -41.92
N ARG A 119 -44.28 -26.96 -42.78
CA ARG A 119 -44.60 -26.82 -44.20
C ARG A 119 -44.59 -28.17 -44.88
N ARG A 120 -45.50 -28.34 -45.86
CA ARG A 120 -45.67 -29.62 -46.56
C ARG A 120 -45.80 -29.43 -48.07
N CYS A 121 -45.51 -28.24 -48.59
CA CYS A 121 -45.66 -27.96 -50.01
C CYS A 121 -44.34 -27.94 -50.75
N CYS A 122 -43.30 -27.34 -50.18
CA CYS A 122 -41.97 -27.28 -50.78
C CYS A 122 -40.99 -28.06 -49.92
N SER A 123 -39.73 -28.02 -50.31
CA SER A 123 -38.66 -28.60 -49.51
C SER A 123 -38.10 -27.54 -48.56
N SER A 124 -37.04 -27.90 -47.83
CA SER A 124 -36.40 -26.94 -46.93
C SER A 124 -35.62 -25.87 -47.68
N ALA A 125 -35.42 -26.01 -48.98
CA ALA A 125 -34.65 -25.06 -49.78
C ALA A 125 -35.47 -24.44 -50.92
N ASP A 126 -36.80 -24.53 -50.86
CA ASP A 126 -37.63 -24.00 -51.92
C ASP A 126 -38.81 -23.24 -51.32
N ILE A 127 -39.33 -22.27 -52.08
CA ILE A 127 -40.47 -21.48 -51.68
C ILE A 127 -41.48 -21.46 -52.83
N CYS A 128 -42.73 -21.19 -52.49
CA CYS A 128 -43.81 -21.10 -53.46
C CYS A 128 -44.84 -20.12 -52.93
N PRO A 129 -45.74 -19.60 -53.79
CA PRO A 129 -46.73 -18.64 -53.29
C PRO A 129 -47.66 -19.22 -52.24
N LYS A 130 -47.87 -20.54 -52.25
CA LYS A 130 -48.76 -21.16 -51.28
C LYS A 130 -48.17 -21.19 -49.88
N CYS A 131 -46.86 -20.96 -49.74
CA CYS A 131 -46.21 -20.95 -48.43
C CYS A 131 -45.63 -19.60 -48.04
N TRP A 132 -45.42 -18.68 -48.98
CA TRP A 132 -44.87 -17.37 -48.64
C TRP A 132 -45.80 -16.59 -47.72
N THR A 133 -47.08 -16.96 -47.65
CA THR A 133 -47.98 -16.34 -46.70
C THR A 133 -47.49 -16.53 -45.27
N LEU A 134 -46.80 -17.64 -44.99
CA LEU A 134 -46.15 -17.81 -43.69
C LEU A 134 -45.30 -16.61 -43.35
N MET A 135 -44.56 -16.08 -44.33
CA MET A 135 -43.75 -14.89 -44.09
C MET A 135 -44.63 -13.73 -43.68
N THR A 136 -45.74 -13.52 -44.40
CA THR A 136 -46.70 -12.49 -44.01
C THR A 136 -47.27 -12.78 -42.62
N MET A 137 -47.35 -14.06 -42.26
CA MET A 137 -47.73 -14.44 -40.90
C MET A 137 -46.93 -13.66 -39.88
N ALA A 138 -45.62 -13.56 -40.10
CA ALA A 138 -44.78 -12.83 -39.16
C ALA A 138 -44.90 -11.32 -39.36
N ILE A 139 -45.17 -10.87 -40.59
CA ILE A 139 -45.07 -9.45 -40.89
C ILE A 139 -46.06 -8.65 -40.05
N ARG A 140 -47.30 -9.13 -39.96
CA ARG A 140 -48.28 -8.47 -39.11
C ARG A 140 -48.24 -8.95 -37.67
N ILE A 141 -47.41 -9.93 -37.35
CA ILE A 141 -47.24 -10.35 -35.96
C ILE A 141 -46.05 -9.66 -35.31
N ILE A 142 -44.94 -9.52 -36.04
CA ILE A 142 -43.75 -8.90 -35.47
C ILE A 142 -43.85 -7.38 -35.57
N ASP A 143 -44.09 -6.86 -36.78
CA ASP A 143 -44.11 -5.42 -36.98
C ASP A 143 -45.14 -4.74 -36.09
N ARG A 144 -46.28 -5.40 -35.87
CA ARG A 144 -47.26 -4.86 -34.93
C ARG A 144 -46.67 -4.79 -33.52
N ALA A 145 -46.12 -5.91 -33.05
CA ALA A 145 -45.64 -5.96 -31.67
C ALA A 145 -44.57 -4.90 -31.42
N LEU A 146 -43.55 -4.86 -32.27
CA LEU A 146 -42.52 -3.84 -32.14
C LEU A 146 -43.12 -2.45 -32.16
N LYS A 147 -44.16 -2.24 -32.97
CA LYS A 147 -44.83 -0.95 -32.99
C LYS A 147 -45.74 -0.74 -31.80
N GLU A 148 -46.36 -1.80 -31.30
CA GLU A 148 -47.42 -1.68 -30.30
C GLU A 148 -46.92 -1.96 -28.89
N ASP A 149 -46.35 -3.14 -28.66
CA ASP A 149 -45.89 -3.50 -27.33
C ASP A 149 -44.63 -2.73 -26.93
N PHE A 150 -43.71 -2.53 -27.87
CA PHE A 150 -42.45 -1.87 -27.58
C PHE A 150 -42.38 -0.44 -28.08
N GLY A 151 -43.25 -0.04 -29.00
CA GLY A 151 -43.25 1.32 -29.49
C GLY A 151 -42.14 1.68 -30.44
N PHE A 152 -41.57 0.70 -31.16
CA PHE A 152 -40.55 0.99 -32.15
C PHE A 152 -41.21 1.64 -33.37
N LYS A 153 -40.87 2.91 -33.62
CA LYS A 153 -41.57 3.67 -34.65
C LYS A 153 -41.04 3.36 -36.05
N HIS A 154 -39.73 3.42 -36.24
CA HIS A 154 -39.11 3.26 -37.56
C HIS A 154 -38.65 1.82 -37.73
N ARG A 155 -39.39 1.07 -38.54
CA ARG A 155 -39.06 -0.32 -38.84
C ARG A 155 -39.11 -0.51 -40.35
N LEU A 156 -38.06 -1.10 -40.90
CA LEU A 156 -37.97 -1.39 -42.33
C LEU A 156 -38.01 -2.90 -42.53
N TRP A 157 -38.87 -3.36 -43.44
CA TRP A 157 -38.94 -4.76 -43.80
C TRP A 157 -38.30 -4.94 -45.17
N VAL A 158 -37.33 -5.85 -45.25
CA VAL A 158 -36.53 -6.04 -46.45
C VAL A 158 -36.63 -7.50 -46.88
N TYR A 159 -36.91 -7.71 -48.16
CA TYR A 159 -36.95 -9.06 -48.71
C TYR A 159 -35.53 -9.61 -48.81
N SER A 160 -35.24 -10.67 -48.05
CA SER A 160 -33.89 -11.22 -48.04
C SER A 160 -33.51 -11.74 -49.42
N GLY A 161 -34.45 -12.37 -50.12
CA GLY A 161 -34.22 -12.79 -51.48
C GLY A 161 -34.61 -14.22 -51.80
N ARG A 162 -34.37 -15.15 -50.87
CA ARG A 162 -34.65 -16.55 -51.18
C ARG A 162 -35.70 -17.18 -50.28
N ARG A 163 -35.51 -17.13 -48.96
CA ARG A 163 -36.34 -17.94 -48.07
C ARG A 163 -36.81 -17.17 -46.83
N GLY A 164 -36.86 -15.84 -46.89
CA GLY A 164 -37.30 -15.11 -45.73
C GLY A 164 -37.13 -13.61 -45.91
N VAL A 165 -37.32 -12.89 -44.81
CA VAL A 165 -37.21 -11.43 -44.79
C VAL A 165 -36.50 -10.99 -43.52
N HIS A 166 -35.99 -9.77 -43.55
CA HIS A 166 -35.31 -9.14 -42.43
C HIS A 166 -36.08 -7.90 -41.99
N CYS A 167 -35.94 -7.55 -40.72
CA CYS A 167 -36.53 -6.35 -40.14
C CYS A 167 -35.41 -5.54 -39.49
N TRP A 168 -35.30 -4.28 -39.89
CA TRP A 168 -34.34 -3.34 -39.34
C TRP A 168 -35.10 -2.35 -38.47
N VAL A 169 -34.79 -2.32 -37.18
CA VAL A 169 -35.31 -1.33 -36.26
C VAL A 169 -34.19 -0.33 -35.99
N CYS A 170 -34.40 0.93 -36.39
CA CYS A 170 -33.34 1.92 -36.42
C CYS A 170 -33.64 3.12 -35.51
N ASP A 171 -34.43 2.93 -34.46
CA ASP A 171 -34.69 4.02 -33.53
C ASP A 171 -33.42 4.41 -32.79
N GLU A 172 -33.34 5.68 -32.39
CA GLU A 172 -32.14 6.17 -31.72
C GLU A 172 -31.93 5.45 -30.39
N SER A 173 -33.02 5.17 -29.66
CA SER A 173 -32.93 4.44 -28.41
C SER A 173 -32.77 2.94 -28.59
N VAL A 174 -32.96 2.43 -29.81
CA VAL A 174 -32.81 1.00 -30.06
C VAL A 174 -31.40 0.64 -30.50
N ARG A 175 -30.72 1.52 -31.22
CA ARG A 175 -29.37 1.23 -31.68
C ARG A 175 -28.40 1.06 -30.51
N LYS A 176 -28.59 1.84 -29.44
CA LYS A 176 -27.75 1.76 -28.26
C LYS A 176 -28.29 0.77 -27.23
N LEU A 177 -29.04 -0.23 -27.66
CA LEU A 177 -29.63 -1.22 -26.76
C LEU A 177 -28.62 -2.33 -26.47
N SER A 178 -28.59 -2.78 -25.22
CA SER A 178 -27.64 -3.80 -24.82
C SER A 178 -28.03 -5.16 -25.38
N SER A 179 -27.09 -6.10 -25.32
CA SER A 179 -27.34 -7.44 -25.85
C SER A 179 -28.31 -8.22 -24.98
N ALA A 180 -28.25 -8.03 -23.66
CA ALA A 180 -29.19 -8.72 -22.77
C ALA A 180 -30.62 -8.30 -23.04
N VAL A 181 -30.84 -7.00 -23.28
CA VAL A 181 -32.19 -6.53 -23.60
C VAL A 181 -32.65 -7.09 -24.94
N ARG A 182 -31.72 -7.22 -25.89
CA ARG A 182 -32.06 -7.83 -27.17
C ARG A 182 -32.48 -9.28 -27.01
N SER A 183 -31.75 -10.03 -26.18
CA SER A 183 -32.11 -11.41 -25.90
C SER A 183 -33.46 -11.50 -25.21
N GLY A 184 -33.73 -10.59 -24.26
CA GLY A 184 -35.04 -10.56 -23.64
C GLY A 184 -36.16 -10.25 -24.62
N ILE A 185 -35.90 -9.34 -25.55
CA ILE A 185 -36.90 -8.98 -26.54
C ILE A 185 -37.21 -10.17 -27.44
N VAL A 186 -36.18 -10.87 -27.90
CA VAL A 186 -36.42 -12.00 -28.78
C VAL A 186 -37.05 -13.17 -28.01
N GLU A 187 -36.73 -13.32 -26.72
CA GLU A 187 -37.37 -14.35 -25.91
C GLU A 187 -38.84 -14.06 -25.69
N TYR A 188 -39.19 -12.80 -25.44
CA TYR A 188 -40.59 -12.42 -25.27
C TYR A 188 -41.39 -12.66 -26.54
N LEU A 189 -40.79 -12.35 -27.70
CA LEU A 189 -41.47 -12.49 -28.97
C LEU A 189 -41.49 -13.92 -29.50
N SER A 190 -40.73 -14.82 -28.89
CA SER A 190 -40.67 -16.22 -29.32
C SER A 190 -41.53 -17.06 -28.37
N LEU A 191 -42.38 -17.90 -28.95
CA LEU A 191 -43.32 -18.69 -28.17
C LEU A 191 -43.11 -20.18 -28.40
N VAL A 192 -42.71 -20.55 -29.62
CA VAL A 192 -42.51 -21.96 -29.96
C VAL A 192 -41.17 -22.40 -29.35
N LYS A 193 -41.25 -23.17 -28.28
CA LYS A 193 -40.06 -23.67 -27.58
C LYS A 193 -39.60 -24.95 -28.27
N GLY A 194 -38.91 -24.78 -29.39
CA GLY A 194 -38.39 -25.90 -30.14
C GLY A 194 -37.25 -26.61 -29.45
N GLY A 195 -37.50 -27.84 -28.99
CA GLY A 195 -36.51 -28.64 -28.29
C GLY A 195 -35.80 -29.61 -29.21
N GLN A 196 -35.35 -30.73 -28.62
CA GLN A 196 -34.65 -31.77 -29.38
C GLN A 196 -35.68 -32.67 -30.07
N ASP A 197 -36.30 -32.11 -31.10
CA ASP A 197 -37.34 -32.79 -31.88
C ASP A 197 -38.47 -33.27 -30.97
N VAL A 198 -39.03 -32.32 -30.22
CA VAL A 198 -40.12 -32.59 -29.29
C VAL A 198 -41.44 -32.32 -30.01
N LYS A 199 -42.40 -33.24 -29.84
CA LYS A 199 -43.70 -33.06 -30.48
C LYS A 199 -44.39 -31.80 -29.98
N LYS A 200 -44.39 -31.59 -28.66
CA LYS A 200 -45.00 -30.40 -28.07
C LYS A 200 -43.95 -29.30 -27.95
N LYS A 201 -44.14 -28.22 -28.69
CA LYS A 201 -43.25 -27.07 -28.62
C LYS A 201 -43.92 -25.81 -28.10
N VAL A 202 -45.24 -25.80 -27.97
CA VAL A 202 -45.98 -24.65 -27.44
C VAL A 202 -46.77 -25.10 -26.22
N HIS A 203 -46.89 -24.20 -25.24
CA HIS A 203 -47.64 -24.47 -24.03
C HIS A 203 -48.27 -23.17 -23.54
N LEU A 204 -49.56 -23.24 -23.19
CA LEU A 204 -50.30 -22.08 -22.74
C LEU A 204 -50.96 -22.37 -21.40
N SER A 205 -50.98 -21.36 -20.55
CA SER A 205 -51.60 -21.44 -19.24
C SER A 205 -53.03 -20.90 -19.30
N GLU A 206 -53.68 -20.85 -18.14
CA GLU A 206 -55.04 -20.30 -18.09
C GLU A 206 -55.05 -18.82 -18.43
N LYS A 207 -54.07 -18.06 -17.94
CA LYS A 207 -53.95 -16.66 -18.28
C LYS A 207 -53.26 -16.53 -19.63
N ILE A 208 -53.93 -15.86 -20.58
CA ILE A 208 -53.39 -15.66 -21.91
C ILE A 208 -52.91 -14.21 -22.01
N HIS A 209 -51.64 -14.03 -22.34
CA HIS A 209 -51.10 -12.69 -22.48
C HIS A 209 -51.78 -11.99 -23.67
N PRO A 210 -52.08 -10.71 -23.55
CA PRO A 210 -52.74 -10.00 -24.67
C PRO A 210 -51.97 -10.07 -25.98
N PHE A 211 -50.64 -10.16 -25.92
CA PHE A 211 -49.86 -10.35 -27.14
C PHE A 211 -50.24 -11.66 -27.82
N ILE A 212 -50.38 -12.73 -27.04
CA ILE A 212 -50.75 -14.03 -27.60
C ILE A 212 -52.15 -13.97 -28.19
N ARG A 213 -53.08 -13.33 -27.48
CA ARG A 213 -54.46 -13.24 -27.96
C ARG A 213 -54.53 -12.45 -29.26
N LYS A 214 -53.82 -11.32 -29.34
CA LYS A 214 -53.85 -10.52 -30.55
C LYS A 214 -53.16 -11.24 -31.71
N SER A 215 -52.07 -11.95 -31.43
CA SER A 215 -51.42 -12.73 -32.48
C SER A 215 -52.34 -13.83 -33.00
N ILE A 216 -53.07 -14.49 -32.10
CA ILE A 216 -54.02 -15.51 -32.51
C ILE A 216 -55.12 -14.88 -33.37
N ASN A 217 -55.59 -13.70 -32.98
CA ASN A 217 -56.60 -13.00 -33.76
C ASN A 217 -56.09 -12.69 -35.16
N ILE A 218 -54.84 -12.23 -35.27
CA ILE A 218 -54.25 -11.98 -36.58
C ILE A 218 -54.08 -13.30 -37.35
N ILE A 219 -53.62 -14.35 -36.66
CA ILE A 219 -53.47 -15.65 -37.30
C ILE A 219 -54.83 -16.17 -37.76
N LYS A 220 -55.87 -15.93 -36.96
CA LYS A 220 -57.21 -16.39 -37.31
C LYS A 220 -57.68 -15.81 -38.63
N LYS A 221 -57.30 -14.56 -38.92
CA LYS A 221 -57.73 -13.92 -40.16
C LYS A 221 -57.19 -14.61 -41.40
N TYR A 222 -55.94 -15.07 -41.35
CA TYR A 222 -55.31 -15.72 -42.49
C TYR A 222 -55.15 -17.23 -42.33
N PHE A 223 -55.64 -17.81 -41.22
CA PHE A 223 -55.48 -19.25 -41.03
C PHE A 223 -56.22 -20.05 -42.10
N GLU A 224 -57.44 -19.64 -42.43
CA GLU A 224 -58.23 -20.42 -43.39
C GLU A 224 -57.65 -20.33 -44.79
N GLU A 225 -57.03 -19.19 -45.13
CA GLU A 225 -56.51 -19.00 -46.48
C GLU A 225 -55.31 -19.91 -46.74
N TYR A 226 -54.33 -19.91 -45.83
CA TYR A 226 -53.10 -20.66 -46.07
C TYR A 226 -53.12 -22.04 -45.44
N ALA A 227 -53.23 -22.11 -44.11
CA ALA A 227 -52.94 -23.36 -43.41
C ALA A 227 -54.08 -24.36 -43.51
N LEU A 228 -55.24 -23.96 -44.02
CA LEU A 228 -56.39 -24.84 -44.08
C LEU A 228 -56.88 -25.10 -45.49
N VAL A 229 -56.64 -24.19 -46.43
CA VAL A 229 -57.07 -24.37 -47.82
C VAL A 229 -55.86 -24.52 -48.72
N ASN A 230 -54.94 -23.55 -48.66
CA ASN A 230 -53.79 -23.58 -49.56
C ASN A 230 -52.81 -24.69 -49.20
N GLN A 231 -52.69 -25.02 -47.92
CA GLN A 231 -51.68 -25.97 -47.45
C GLN A 231 -52.24 -27.37 -47.22
N ASP A 232 -53.48 -27.49 -46.78
CA ASP A 232 -54.14 -28.79 -46.53
C ASP A 232 -53.34 -29.64 -45.55
N ILE A 233 -53.18 -29.10 -44.34
CA ILE A 233 -52.50 -29.82 -43.26
C ILE A 233 -53.37 -30.91 -42.66
N LEU A 234 -54.64 -30.97 -43.04
CA LEU A 234 -55.61 -31.90 -42.46
C LEU A 234 -56.35 -32.64 -43.57
N GLU A 235 -55.59 -33.18 -44.52
CA GLU A 235 -56.18 -33.87 -45.67
C GLU A 235 -55.91 -35.36 -45.72
N ASN A 236 -54.90 -35.85 -45.00
CA ASN A 236 -54.54 -37.26 -45.03
C ASN A 236 -54.19 -37.74 -43.63
N LYS A 237 -54.17 -39.07 -43.48
CA LYS A 237 -53.78 -39.65 -42.20
C LYS A 237 -52.34 -39.33 -41.85
N GLU A 238 -51.44 -39.42 -42.84
CA GLU A 238 -50.07 -38.99 -42.63
C GLU A 238 -50.00 -37.49 -42.34
N SER A 239 -50.98 -36.73 -42.82
CA SER A 239 -51.02 -35.31 -42.52
C SER A 239 -51.54 -35.05 -41.10
N TRP A 240 -52.52 -35.84 -40.65
CA TRP A 240 -53.18 -35.55 -39.39
C TRP A 240 -52.60 -36.27 -38.19
N ASP A 241 -51.69 -37.24 -38.38
CA ASP A 241 -51.04 -37.84 -37.23
C ASP A 241 -50.20 -36.80 -36.48
N LYS A 242 -49.48 -35.96 -37.22
CA LYS A 242 -48.75 -34.86 -36.61
C LYS A 242 -49.68 -33.92 -35.86
N ILE A 243 -50.88 -33.70 -36.40
CA ILE A 243 -51.84 -32.82 -35.73
C ILE A 243 -52.32 -33.45 -34.42
N LEU A 244 -52.69 -34.74 -34.44
CA LEU A 244 -53.23 -35.35 -33.23
C LEU A 244 -52.14 -35.64 -32.20
N ALA A 245 -50.88 -35.69 -32.61
CA ALA A 245 -49.79 -35.87 -31.65
C ALA A 245 -49.76 -34.74 -30.62
N LEU A 246 -50.20 -33.55 -31.00
CA LEU A 246 -50.34 -32.43 -30.06
C LEU A 246 -51.57 -32.58 -29.18
N VAL A 247 -52.63 -33.17 -29.72
CA VAL A 247 -53.85 -33.41 -28.94
C VAL A 247 -53.59 -34.51 -27.92
N PRO A 248 -54.17 -34.45 -26.72
CA PRO A 248 -54.03 -35.57 -25.78
C PRO A 248 -54.57 -36.86 -26.35
N GLU A 249 -53.96 -37.97 -25.93
CA GLU A 249 -54.25 -39.27 -26.54
C GLU A 249 -55.70 -39.69 -26.37
N THR A 250 -56.37 -39.20 -25.31
CA THR A 250 -57.74 -39.61 -25.05
C THR A 250 -58.74 -39.06 -26.08
N ILE A 251 -58.32 -38.14 -26.94
CA ILE A 251 -59.17 -37.62 -28.01
C ILE A 251 -58.73 -38.12 -29.38
N HIS A 252 -57.67 -38.93 -29.45
CA HIS A 252 -57.12 -39.35 -30.73
C HIS A 252 -58.13 -40.18 -31.53
N ASP A 253 -58.79 -41.13 -30.86
CA ASP A 253 -59.75 -41.98 -31.56
C ASP A 253 -60.94 -41.17 -32.08
N GLU A 254 -61.46 -40.26 -31.24
CA GLU A 254 -62.57 -39.43 -31.67
C GLU A 254 -62.19 -38.55 -32.85
N LEU A 255 -60.99 -37.95 -32.80
CA LEU A 255 -60.56 -37.09 -33.89
C LEU A 255 -60.35 -37.87 -35.17
N GLN A 256 -59.76 -39.06 -35.09
CA GLN A 256 -59.54 -39.86 -36.30
C GLN A 256 -60.87 -40.33 -36.88
N GLN A 257 -61.83 -40.69 -36.03
CA GLN A 257 -63.15 -41.07 -36.54
C GLN A 257 -63.86 -39.89 -37.18
N SER A 258 -63.72 -38.70 -36.60
CA SER A 258 -64.34 -37.52 -37.20
C SER A 258 -63.70 -37.18 -38.54
N PHE A 259 -62.37 -37.31 -38.64
CA PHE A 259 -61.67 -37.03 -39.88
C PHE A 259 -61.90 -38.10 -40.95
N GLN A 260 -62.26 -39.32 -40.55
CA GLN A 260 -62.41 -40.40 -41.52
C GLN A 260 -63.54 -40.12 -42.50
N LYS A 261 -64.69 -39.66 -42.00
CA LYS A 261 -65.85 -39.48 -42.85
C LYS A 261 -65.83 -38.18 -43.64
N SER A 262 -64.95 -37.25 -43.30
CA SER A 262 -64.92 -35.96 -43.97
C SER A 262 -64.18 -36.06 -45.30
N HIS A 263 -64.37 -35.03 -46.14
CA HIS A 263 -63.77 -34.98 -47.47
C HIS A 263 -62.94 -33.73 -47.70
N ASN A 264 -63.06 -32.70 -46.85
CA ASN A 264 -62.27 -31.50 -47.00
C ASN A 264 -61.82 -31.04 -45.62
N SER A 265 -60.75 -30.26 -45.60
CA SER A 265 -60.15 -29.85 -44.33
C SER A 265 -61.03 -28.88 -43.56
N LEU A 266 -61.97 -28.22 -44.22
CA LEU A 266 -62.79 -27.21 -43.56
C LEU A 266 -63.66 -27.83 -42.46
N GLN A 267 -64.41 -28.87 -42.82
CA GLN A 267 -65.29 -29.51 -41.83
C GLN A 267 -64.48 -30.26 -40.78
N ARG A 268 -63.35 -30.86 -41.18
CA ARG A 268 -62.46 -31.49 -40.21
C ARG A 268 -62.03 -30.48 -39.15
N TRP A 269 -61.61 -29.30 -39.61
CA TRP A 269 -61.20 -28.24 -38.70
C TRP A 269 -62.34 -27.79 -37.81
N GLU A 270 -63.55 -27.65 -38.37
CA GLU A 270 -64.65 -27.10 -37.58
C GLU A 270 -65.07 -28.08 -36.49
N HIS A 271 -65.14 -29.38 -36.80
CA HIS A 271 -65.53 -30.25 -35.71
C HIS A 271 -64.37 -30.56 -34.77
N LEU A 272 -63.12 -30.40 -35.23
CA LEU A 272 -62.00 -30.39 -34.29
C LEU A 272 -62.14 -29.23 -33.30
N LYS A 273 -62.56 -28.07 -33.80
CA LYS A 273 -62.84 -26.93 -32.92
C LYS A 273 -63.92 -27.29 -31.92
N LYS A 274 -65.00 -27.92 -32.38
CA LYS A 274 -66.08 -28.29 -31.47
C LYS A 274 -65.61 -29.26 -30.40
N VAL A 275 -64.86 -30.30 -30.79
CA VAL A 275 -64.40 -31.29 -29.83
C VAL A 275 -63.44 -30.69 -28.83
N ALA A 276 -62.52 -29.83 -29.29
CA ALA A 276 -61.59 -29.19 -28.37
C ALA A 276 -62.32 -28.26 -27.41
N SER A 277 -63.34 -27.54 -27.90
CA SER A 277 -64.13 -26.68 -27.02
C SER A 277 -64.85 -27.50 -25.97
N ARG A 278 -65.41 -28.66 -26.37
CA ARG A 278 -66.07 -29.53 -25.40
C ARG A 278 -65.07 -30.04 -24.36
N TYR A 279 -63.88 -30.43 -24.80
CA TYR A 279 -62.87 -30.91 -23.86
C TYR A 279 -62.46 -29.83 -22.89
N GLN A 280 -62.29 -28.60 -23.38
CA GLN A 280 -61.95 -27.48 -22.50
C GLN A 280 -63.06 -27.20 -21.51
N ASN A 281 -64.32 -27.25 -21.96
CA ASN A 281 -65.45 -27.02 -21.07
C ASN A 281 -65.51 -28.07 -19.98
N ASN A 282 -65.30 -29.34 -20.34
CA ASN A 282 -65.31 -30.40 -19.34
C ASN A 282 -64.11 -30.31 -18.42
N ILE A 283 -62.93 -30.04 -18.97
CA ILE A 283 -61.71 -29.95 -18.17
C ILE A 283 -61.50 -28.52 -17.70
N GLY A 289 -58.93 -23.71 -20.18
CA GLY A 289 -58.09 -24.89 -20.03
C GLY A 289 -56.76 -24.77 -20.77
N PRO A 290 -56.35 -25.87 -21.41
CA PRO A 290 -55.07 -25.85 -22.14
C PRO A 290 -55.09 -25.03 -23.42
N TRP A 291 -56.28 -24.61 -23.88
CA TRP A 291 -56.42 -23.85 -25.12
C TRP A 291 -55.85 -24.64 -26.31
N LEU A 292 -56.47 -25.81 -26.55
CA LEU A 292 -55.95 -26.73 -27.56
C LEU A 292 -56.04 -26.14 -28.96
N GLU A 293 -57.14 -25.44 -29.27
CA GLU A 293 -57.33 -24.92 -30.61
C GLU A 293 -56.28 -23.87 -30.96
N TRP A 294 -55.92 -23.02 -30.00
CA TRP A 294 -54.93 -21.99 -30.27
C TRP A 294 -53.50 -22.54 -30.27
N GLU A 295 -53.25 -23.66 -29.59
CA GLU A 295 -51.89 -24.21 -29.56
C GLU A 295 -51.43 -24.65 -30.95
N ILE A 296 -52.33 -25.26 -31.72
CA ILE A 296 -51.95 -25.71 -33.06
C ILE A 296 -51.76 -24.53 -33.99
N MET A 297 -52.58 -23.49 -33.88
CA MET A 297 -52.29 -22.23 -34.57
C MET A 297 -50.89 -21.74 -34.24
N LEU A 298 -50.55 -21.70 -32.95
CA LEU A 298 -49.29 -21.12 -32.52
C LEU A 298 -48.10 -21.96 -33.01
N GLN A 299 -48.27 -23.27 -33.07
CA GLN A 299 -47.17 -24.10 -33.55
C GLN A 299 -47.05 -24.04 -35.07
N TYR A 300 -48.17 -23.86 -35.79
CA TYR A 300 -48.15 -23.96 -37.24
C TYR A 300 -47.98 -22.62 -37.96
N CYS A 301 -48.14 -21.49 -37.27
CA CYS A 301 -48.10 -20.21 -37.98
C CYS A 301 -47.14 -19.20 -37.36
N PHE A 302 -46.87 -19.32 -36.07
CA PHE A 302 -46.01 -18.37 -35.41
C PHE A 302 -44.58 -18.44 -35.97
N PRO A 303 -43.94 -17.31 -36.26
CA PRO A 303 -42.56 -17.35 -36.72
C PRO A 303 -41.62 -17.85 -35.64
N ARG A 304 -40.53 -18.47 -36.08
CA ARG A 304 -39.47 -18.93 -35.20
C ARG A 304 -38.23 -18.07 -35.45
N LEU A 305 -37.77 -17.41 -34.40
CA LEU A 305 -36.64 -16.49 -34.49
C LEU A 305 -35.36 -17.14 -33.98
N ASP A 306 -34.23 -16.61 -34.44
CA ASP A 306 -32.92 -17.06 -34.01
C ASP A 306 -32.40 -16.12 -32.93
N ILE A 307 -32.07 -16.68 -31.76
CA ILE A 307 -31.60 -15.87 -30.66
C ILE A 307 -30.22 -15.29 -30.95
N ASN A 308 -29.37 -16.06 -31.64
CA ASN A 308 -27.98 -15.64 -31.84
C ASN A 308 -27.88 -14.39 -32.69
N VAL A 309 -28.67 -14.30 -33.76
CA VAL A 309 -28.54 -13.17 -34.69
C VAL A 309 -28.97 -11.87 -34.02
N SER A 310 -30.12 -11.89 -33.33
CA SER A 310 -30.62 -10.69 -32.68
C SER A 310 -29.85 -10.33 -31.42
N LYS A 311 -29.35 -11.32 -30.70
CA LYS A 311 -28.61 -11.04 -29.48
C LYS A 311 -27.27 -10.38 -29.78
N GLY A 312 -26.62 -10.80 -30.87
CA GLY A 312 -25.31 -10.28 -31.22
C GLY A 312 -25.31 -8.81 -31.59
N ILE A 313 -24.72 -7.97 -30.74
CA ILE A 313 -24.62 -6.55 -31.02
C ILE A 313 -23.66 -6.24 -32.15
N ASN A 314 -22.80 -7.19 -32.52
CA ASN A 314 -21.83 -7.00 -33.60
C ASN A 314 -22.00 -8.03 -34.71
N HIS A 315 -23.19 -8.61 -34.84
CA HIS A 315 -23.44 -9.59 -35.89
C HIS A 315 -23.49 -8.91 -37.26
N LEU A 316 -23.20 -9.69 -38.30
CA LEU A 316 -23.21 -9.20 -39.67
C LEU A 316 -24.41 -9.80 -40.40
N LEU A 317 -25.27 -8.93 -40.94
CA LEU A 317 -26.48 -9.36 -41.61
C LEU A 317 -26.51 -8.77 -43.02
N LYS A 318 -27.27 -9.43 -43.89
CA LYS A 318 -27.35 -9.01 -45.29
C LYS A 318 -27.84 -7.58 -45.41
N SER A 319 -27.20 -6.82 -46.28
CA SER A 319 -27.57 -5.43 -46.53
C SER A 319 -28.76 -5.35 -47.48
N PRO A 320 -29.60 -4.32 -47.33
CA PRO A 320 -30.68 -4.11 -48.30
C PRO A 320 -30.11 -3.72 -49.66
N PHE A 321 -30.91 -3.97 -50.69
CA PHE A 321 -30.56 -3.69 -52.08
C PHE A 321 -29.36 -4.51 -52.56
N SER A 322 -29.03 -5.59 -51.86
CA SER A 322 -27.94 -6.47 -52.24
C SER A 322 -28.43 -7.44 -53.32
N VAL A 323 -27.61 -8.43 -53.65
CA VAL A 323 -27.94 -9.42 -54.66
C VAL A 323 -27.66 -10.81 -54.11
N HIS A 324 -28.63 -11.71 -54.24
CA HIS A 324 -28.43 -13.09 -53.84
C HIS A 324 -27.64 -13.82 -54.92
N PRO A 325 -26.49 -14.43 -54.60
CA PRO A 325 -25.70 -15.11 -55.65
C PRO A 325 -26.45 -16.24 -56.34
N LYS A 326 -27.31 -16.96 -55.62
CA LYS A 326 -27.95 -18.13 -56.19
C LYS A 326 -29.04 -17.74 -57.19
N THR A 327 -29.86 -16.74 -56.86
CA THR A 327 -31.01 -16.38 -57.67
C THR A 327 -30.97 -14.98 -58.27
N GLY A 328 -30.17 -14.07 -57.71
CA GLY A 328 -30.05 -12.74 -58.26
C GLY A 328 -31.11 -11.75 -57.85
N ARG A 329 -32.02 -12.11 -56.94
CA ARG A 329 -33.02 -11.17 -56.48
C ARG A 329 -32.38 -10.05 -55.67
N ILE A 330 -33.03 -8.89 -55.68
CA ILE A 330 -32.54 -7.72 -54.96
C ILE A 330 -33.17 -7.70 -53.57
N SER A 331 -32.41 -7.24 -52.58
CA SER A 331 -32.89 -7.11 -51.21
C SER A 331 -33.69 -5.81 -51.09
N VAL A 332 -34.83 -5.79 -51.76
CA VAL A 332 -35.69 -4.61 -51.82
C VAL A 332 -36.43 -4.44 -50.50
N PRO A 333 -36.75 -3.21 -50.09
CA PRO A 333 -37.61 -3.02 -48.93
C PRO A 333 -39.05 -3.43 -49.23
N ILE A 334 -39.75 -3.84 -48.18
CA ILE A 334 -41.15 -4.22 -48.27
C ILE A 334 -42.01 -3.01 -47.91
N ASP A 335 -43.10 -2.83 -48.64
CA ASP A 335 -44.05 -1.74 -48.38
C ASP A 335 -44.99 -2.21 -47.27
N LEU A 336 -44.83 -1.63 -46.08
CA LEU A 336 -45.64 -2.03 -44.94
C LEU A 336 -47.12 -1.72 -45.13
N GLN A 337 -47.44 -0.74 -45.97
CA GLN A 337 -48.84 -0.44 -46.27
C GLN A 337 -49.51 -1.60 -46.97
N LYS A 338 -48.84 -2.25 -47.92
CA LYS A 338 -49.41 -3.34 -48.71
C LYS A 338 -48.62 -4.60 -48.36
N VAL A 339 -49.02 -5.27 -47.28
CA VAL A 339 -48.28 -6.42 -46.79
C VAL A 339 -48.65 -7.68 -47.55
N ASP A 340 -49.95 -7.99 -47.61
CA ASP A 340 -50.40 -9.22 -48.26
C ASP A 340 -50.22 -9.22 -49.77
N GLN A 341 -49.90 -8.06 -50.37
CA GLN A 341 -49.70 -7.96 -51.80
C GLN A 341 -48.23 -8.07 -52.21
N PHE A 342 -47.33 -8.30 -51.26
CA PHE A 342 -45.93 -8.53 -51.60
C PHE A 342 -45.79 -9.83 -52.37
N ASP A 343 -45.06 -9.78 -53.48
CA ASP A 343 -44.90 -10.92 -54.39
C ASP A 343 -43.42 -11.20 -54.59
N PRO A 344 -42.91 -12.32 -54.08
CA PRO A 344 -41.49 -12.66 -54.32
C PRO A 344 -41.17 -12.84 -55.79
N PHE A 345 -42.12 -13.34 -56.58
CA PHE A 345 -41.89 -13.54 -58.01
C PHE A 345 -41.93 -12.24 -58.80
N THR A 346 -42.41 -11.15 -58.19
CA THR A 346 -42.41 -9.85 -58.83
C THR A 346 -41.09 -9.10 -58.64
N VAL A 347 -40.37 -9.38 -57.56
CA VAL A 347 -39.12 -8.69 -57.28
C VAL A 347 -38.15 -8.88 -58.45
N PRO A 348 -37.61 -7.83 -59.03
CA PRO A 348 -36.73 -7.98 -60.19
C PRO A 348 -35.41 -8.64 -59.83
N THR A 349 -34.80 -9.25 -60.84
CA THR A 349 -33.49 -9.87 -60.71
C THR A 349 -32.42 -8.89 -61.19
N ILE A 350 -31.20 -9.04 -60.64
CA ILE A 350 -30.11 -8.16 -61.02
C ILE A 350 -29.84 -8.24 -62.51
N SER A 351 -29.91 -9.46 -63.08
CA SER A 351 -29.77 -9.61 -64.52
C SER A 351 -30.89 -8.87 -65.24
N PHE A 352 -32.11 -8.94 -64.71
CA PHE A 352 -33.25 -8.28 -65.34
C PHE A 352 -33.09 -6.76 -65.31
N ILE A 353 -32.67 -6.21 -64.17
CA ILE A 353 -32.54 -4.75 -64.06
C ILE A 353 -31.35 -4.26 -64.90
N CYS A 354 -30.26 -5.03 -64.93
CA CYS A 354 -29.12 -4.64 -65.76
C CYS A 354 -29.45 -4.73 -67.24
N ARG A 355 -30.30 -5.69 -67.62
CA ARG A 355 -30.71 -5.79 -69.01
C ARG A 355 -31.56 -4.59 -69.43
N GLU A 356 -32.43 -4.10 -68.55
CA GLU A 356 -33.20 -2.90 -68.88
C GLU A 356 -32.29 -1.69 -69.07
N LEU A 357 -31.27 -1.55 -68.23
CA LEU A 357 -30.35 -0.42 -68.35
C LEU A 357 -29.61 -0.46 -69.68
N ASP A 358 -29.18 -1.64 -70.10
CA ASP A 358 -28.50 -1.78 -71.39
C ASP A 358 -29.44 -1.53 -72.56
N ALA A 359 -30.75 -1.58 -72.34
CA ALA A 359 -31.74 -1.34 -73.38
C ALA A 359 -32.15 0.14 -73.46
N ILE A 360 -31.56 0.99 -72.63
CA ILE A 360 -31.90 2.40 -72.61
C ILE A 360 -30.96 3.17 -73.55
N ARG A 379 -26.66 13.74 -60.79
CA ARG A 379 -27.76 13.83 -61.75
C ARG A 379 -28.17 12.44 -62.22
N THR A 380 -27.37 11.44 -61.85
CA THR A 380 -27.64 10.07 -62.26
C THR A 380 -28.86 9.54 -61.52
N ARG A 381 -29.97 9.37 -62.25
CA ARG A 381 -31.22 8.86 -61.71
C ARG A 381 -31.75 7.73 -62.57
N ASP A 382 -30.85 6.85 -63.02
CA ASP A 382 -31.26 5.76 -63.90
C ASP A 382 -32.11 4.72 -63.19
N TYR A 383 -32.12 4.73 -61.85
CA TYR A 383 -32.96 3.77 -61.12
C TYR A 383 -34.44 4.01 -61.36
N LYS A 384 -34.82 5.26 -61.66
CA LYS A 384 -36.22 5.56 -61.94
C LYS A 384 -36.70 4.85 -63.20
N LYS A 385 -35.86 4.80 -64.23
CA LYS A 385 -36.24 4.14 -65.47
C LYS A 385 -36.35 2.63 -65.32
N THR A 386 -35.78 2.06 -64.26
CA THR A 386 -35.84 0.63 -64.00
C THR A 386 -36.89 0.33 -62.94
N SER A 387 -37.18 -0.95 -62.77
CA SER A 387 -38.18 -1.42 -61.81
C SER A 387 -37.72 -1.30 -60.36
N LEU A 388 -36.55 -0.73 -60.09
CA LEU A 388 -36.11 -0.54 -58.71
C LEU A 388 -36.78 0.67 -58.05
N ALA A 389 -37.35 1.58 -58.84
CA ALA A 389 -37.96 2.78 -58.29
C ALA A 389 -39.08 2.52 -57.30
N PRO A 390 -40.00 1.58 -57.51
CA PRO A 390 -41.07 1.36 -56.51
C PRO A 390 -40.55 1.00 -55.13
N TYR A 391 -39.35 0.44 -55.02
CA TYR A 391 -38.76 0.17 -53.71
C TYR A 391 -37.83 1.28 -53.25
N VAL A 392 -37.20 1.98 -54.19
CA VAL A 392 -36.38 3.14 -53.82
C VAL A 392 -37.25 4.22 -53.19
N LYS A 393 -38.48 4.37 -53.67
CA LYS A 393 -39.39 5.35 -53.07
C LYS A 393 -39.80 4.95 -51.66
N VAL A 394 -39.98 3.65 -51.40
CA VAL A 394 -40.26 3.21 -50.04
C VAL A 394 -39.06 3.49 -49.13
N PHE A 395 -37.86 3.23 -49.64
CA PHE A 395 -36.65 3.55 -48.88
C PHE A 395 -36.58 5.05 -48.57
N GLU A 396 -36.90 5.87 -49.57
CA GLU A 396 -36.89 7.33 -49.38
C GLU A 396 -37.93 7.76 -48.36
N HIS A 397 -39.09 7.10 -48.35
CA HIS A 397 -40.09 7.37 -47.31
C HIS A 397 -39.55 7.02 -45.94
N PHE A 398 -38.84 5.90 -45.83
CA PHE A 398 -38.20 5.52 -44.57
C PHE A 398 -37.26 6.63 -44.10
N LEU A 399 -36.40 7.10 -45.00
CA LEU A 399 -35.43 8.14 -44.61
C LEU A 399 -36.11 9.47 -44.29
N GLU A 400 -37.20 9.79 -44.99
CA GLU A 400 -37.93 11.02 -44.66
C GLU A 400 -38.58 10.92 -43.29
N ASN A 401 -39.10 9.75 -42.93
CA ASN A 401 -39.59 9.56 -41.57
C ASN A 401 -38.48 9.72 -40.55
N LEU A 402 -37.29 9.18 -40.85
CA LEU A 402 -36.15 9.38 -39.97
C LEU A 402 -35.79 10.85 -39.82
N ASP A 403 -35.78 11.59 -40.92
CA ASP A 403 -35.45 13.01 -40.87
C ASP A 403 -36.48 13.78 -40.06
N LYS A 404 -37.76 13.45 -40.24
CA LYS A 404 -38.81 14.09 -39.46
C LYS A 404 -38.65 13.81 -37.98
N SER A 405 -38.34 12.56 -37.62
CA SER A 405 -38.14 12.22 -36.21
C SER A 405 -36.94 12.95 -35.64
N ARG A 406 -35.84 13.02 -36.40
CA ARG A 406 -34.64 13.71 -35.92
C ARG A 406 -34.93 15.20 -35.72
N LYS A 407 -35.63 15.82 -36.67
CA LYS A 407 -35.96 17.23 -36.55
C LYS A 407 -36.85 17.48 -35.34
N GLY A 408 -37.86 16.63 -35.14
CA GLY A 408 -38.74 16.80 -34.00
C GLY A 408 -38.03 16.63 -32.67
N GLU A 409 -37.11 15.67 -32.59
CA GLU A 409 -36.40 15.42 -31.34
C GLU A 409 -35.32 16.47 -31.07
N LEU A 410 -34.70 17.02 -32.12
CA LEU A 410 -33.57 17.92 -31.93
C LEU A 410 -34.00 19.39 -31.90
N LEU A 411 -34.64 19.86 -32.98
CA LEU A 411 -34.98 21.27 -33.08
C LEU A 411 -36.07 21.71 -32.10
N LYS A 412 -36.74 20.77 -31.46
CA LYS A 412 -37.78 21.10 -30.49
C LYS A 412 -37.40 20.63 -29.10
N TYR B 1 -38.60 4.67 9.41
CA TYR B 1 -39.86 5.27 9.85
C TYR B 1 -39.99 6.73 9.39
N PRO B 2 -38.91 7.53 9.52
CA PRO B 2 -38.86 8.81 8.79
C PRO B 2 -38.38 8.60 7.36
N HIS B 3 -38.09 9.69 6.64
CA HIS B 3 -37.59 9.57 5.28
C HIS B 3 -36.13 9.12 5.30
N CYS B 4 -35.86 8.01 5.98
CA CYS B 4 -34.53 7.42 6.04
C CYS B 4 -34.29 6.42 4.91
N LEU B 5 -35.31 6.11 4.13
CA LEU B 5 -35.15 5.25 2.97
C LEU B 5 -34.31 5.97 1.92
N GLN B 6 -33.05 5.58 1.79
CA GLN B 6 -32.13 6.29 0.92
C GLN B 6 -31.17 5.32 0.25
N PHE B 7 -30.90 5.54 -1.03
CA PHE B 7 -29.82 4.85 -1.71
C PHE B 7 -28.50 5.46 -1.28
N TYR B 8 -27.57 4.63 -0.82
CA TYR B 8 -26.36 5.13 -0.15
C TYR B 8 -25.30 5.47 -1.20
N LEU B 9 -25.36 6.70 -1.68
CA LEU B 9 -24.34 7.29 -2.53
C LEU B 9 -23.99 8.67 -1.97
N GLN B 10 -23.13 9.39 -2.69
CA GLN B 10 -22.68 10.71 -2.27
C GLN B 10 -22.10 10.68 -0.85
N PRO B 11 -20.88 10.18 -0.69
CA PRO B 11 -20.31 10.04 0.65
C PRO B 11 -20.26 11.38 1.37
N PRO B 12 -20.43 11.38 2.68
CA PRO B 12 -20.48 12.65 3.42
C PRO B 12 -19.15 13.38 3.43
N SER B 13 -19.23 14.70 3.58
CA SER B 13 -18.06 15.56 3.66
C SER B 13 -17.95 16.28 5.00
N GLU B 14 -18.82 15.96 5.94
CA GLU B 14 -18.78 16.51 7.29
C GLU B 14 -17.50 16.03 7.99
N ASN B 15 -17.15 16.67 9.11
CA ASN B 15 -16.12 16.17 10.00
C ASN B 15 -16.71 15.91 11.38
N ILE B 16 -16.18 14.90 12.07
CA ILE B 16 -16.71 14.45 13.36
C ILE B 16 -15.55 14.13 14.30
N SER B 17 -15.91 13.77 15.53
CA SER B 17 -14.94 13.39 16.55
C SER B 17 -14.62 11.90 16.44
N LEU B 18 -13.57 11.48 17.16
CA LEU B 18 -13.23 10.07 17.22
C LEU B 18 -14.31 9.25 17.93
N ILE B 19 -14.82 9.78 19.05
CA ILE B 19 -15.80 9.05 19.83
C ILE B 19 -17.07 8.81 19.03
N GLU B 20 -17.53 9.83 18.30
CA GLU B 20 -18.70 9.66 17.45
C GLU B 20 -18.44 8.62 16.36
N PHE B 21 -17.24 8.65 15.78
CA PHE B 21 -16.86 7.67 14.77
C PHE B 21 -17.00 6.25 15.30
N GLU B 22 -16.37 5.96 16.45
CA GLU B 22 -16.40 4.60 16.96
C GLU B 22 -17.79 4.19 17.45
N ASN B 23 -18.53 5.11 18.08
CA ASN B 23 -19.89 4.77 18.49
C ASN B 23 -20.79 4.46 17.30
N LEU B 24 -20.67 5.23 16.23
CA LEU B 24 -21.45 4.95 15.03
C LEU B 24 -21.10 3.60 14.43
N ALA B 25 -19.79 3.29 14.36
CA ALA B 25 -19.38 2.00 13.82
C ALA B 25 -19.94 0.85 14.65
N ILE B 26 -19.82 0.94 15.98
CA ILE B 26 -20.29 -0.11 16.85
C ILE B 26 -21.80 -0.27 16.75
N ASP B 27 -22.53 0.85 16.71
CA ASP B 27 -23.99 0.78 16.62
C ASP B 27 -24.44 0.13 15.32
N ARG B 28 -23.80 0.48 14.20
CA ARG B 28 -24.20 -0.12 12.94
C ARG B 28 -23.86 -1.61 12.89
N VAL B 29 -22.70 -2.00 13.45
CA VAL B 29 -22.36 -3.41 13.49
C VAL B 29 -23.38 -4.18 14.32
N LYS B 30 -23.77 -3.62 15.47
CA LYS B 30 -24.78 -4.26 16.31
C LYS B 30 -26.11 -4.39 15.58
N LEU B 31 -26.51 -3.35 14.86
CA LEU B 31 -27.78 -3.39 14.14
C LEU B 31 -27.75 -4.47 13.06
N LEU B 32 -26.66 -4.56 12.31
CA LEU B 32 -26.56 -5.58 11.26
C LEU B 32 -26.56 -6.98 11.84
N LYS B 33 -25.84 -7.18 12.95
CA LYS B 33 -25.85 -8.49 13.60
C LYS B 33 -27.25 -8.86 14.09
N SER B 34 -27.97 -7.87 14.64
CA SER B 34 -29.35 -8.13 15.06
C SER B 34 -30.24 -8.48 13.88
N VAL B 35 -30.03 -7.83 12.74
CA VAL B 35 -30.79 -8.15 11.54
C VAL B 35 -30.54 -9.60 11.13
N GLU B 36 -29.27 -10.02 11.14
CA GLU B 36 -28.96 -11.40 10.78
C GLU B 36 -29.61 -12.38 11.76
N ASN B 37 -29.52 -12.10 13.06
CA ASN B 37 -30.07 -12.99 14.07
C ASN B 37 -31.59 -13.11 13.89
N LEU B 38 -32.26 -11.98 13.67
CA LEU B 38 -33.71 -12.01 13.46
C LEU B 38 -34.08 -12.79 12.21
N GLY B 39 -33.33 -12.60 11.12
CA GLY B 39 -33.61 -13.33 9.90
C GLY B 39 -33.40 -14.81 10.03
N VAL B 40 -32.41 -15.23 10.84
CA VAL B 40 -32.14 -16.65 11.01
C VAL B 40 -33.18 -17.29 11.92
N SER B 41 -33.45 -16.67 13.07
CA SER B 41 -34.36 -17.28 14.04
C SER B 41 -35.82 -17.17 13.64
N TYR B 42 -36.20 -16.10 12.94
CA TYR B 42 -37.58 -15.87 12.54
C TYR B 42 -37.67 -15.82 11.02
N VAL B 43 -38.85 -15.46 10.51
CA VAL B 43 -39.06 -15.28 9.08
C VAL B 43 -39.40 -13.81 8.82
N LYS B 44 -39.42 -13.44 7.55
CA LYS B 44 -39.55 -12.05 7.14
C LYS B 44 -41.01 -11.60 6.99
N GLY B 45 -41.96 -12.26 7.65
CA GLY B 45 -43.35 -11.89 7.49
C GLY B 45 -44.20 -11.96 8.74
N THR B 46 -43.57 -12.16 9.89
CA THR B 46 -44.29 -12.23 11.16
C THR B 46 -44.21 -10.91 11.91
N GLU B 47 -45.19 -10.71 12.81
CA GLU B 47 -45.21 -9.50 13.62
C GLU B 47 -44.01 -9.44 14.56
N GLN B 48 -43.52 -10.59 15.02
CA GLN B 48 -42.34 -10.61 15.88
C GLN B 48 -41.13 -10.04 15.17
N TYR B 49 -40.94 -10.41 13.90
CA TYR B 49 -39.79 -9.92 13.13
C TYR B 49 -39.82 -8.40 13.04
N GLN B 50 -40.93 -7.84 12.58
CA GLN B 50 -41.04 -6.39 12.43
C GLN B 50 -40.91 -5.68 13.77
N SER B 51 -41.57 -6.21 14.81
CA SER B 51 -41.54 -5.57 16.12
C SER B 51 -40.12 -5.55 16.68
N LYS B 52 -39.42 -6.68 16.61
CA LYS B 52 -38.05 -6.71 17.14
C LYS B 52 -37.12 -5.85 16.32
N LEU B 53 -37.27 -5.84 14.99
CA LEU B 53 -36.40 -5.01 14.16
C LEU B 53 -36.61 -3.53 14.44
N GLU B 54 -37.87 -3.11 14.58
CA GLU B 54 -38.12 -1.70 14.87
C GLU B 54 -37.72 -1.34 16.30
N SER B 55 -37.80 -2.28 17.24
CA SER B 55 -37.29 -2.02 18.57
C SER B 55 -35.78 -1.83 18.55
N GLU B 56 -35.07 -2.66 17.78
CA GLU B 56 -33.63 -2.49 17.62
C GLU B 56 -33.31 -1.15 16.97
N LEU B 57 -34.08 -0.76 15.96
CA LEU B 57 -33.87 0.53 15.30
C LEU B 57 -34.08 1.69 16.27
N ARG B 58 -35.12 1.61 17.10
CA ARG B 58 -35.41 2.69 18.04
C ARG B 58 -34.36 2.76 19.14
N LYS B 59 -33.91 1.61 19.65
CA LYS B 59 -32.95 1.61 20.74
C LYS B 59 -31.61 2.19 20.31
N LEU B 60 -31.17 1.87 19.09
CA LEU B 60 -29.88 2.32 18.59
C LEU B 60 -29.91 3.74 18.03
N LYS B 61 -31.03 4.45 18.17
CA LYS B 61 -31.19 5.82 17.71
C LYS B 61 -30.94 5.93 16.21
N PHE B 62 -31.79 5.22 15.45
CA PHE B 62 -31.77 5.30 14.00
C PHE B 62 -33.10 5.75 13.41
N SER B 63 -34.07 6.09 14.25
CA SER B 63 -35.34 6.67 13.77
C SER B 63 -35.98 7.40 14.96
N TYR B 64 -35.96 8.73 14.93
CA TYR B 64 -36.39 9.51 16.07
C TYR B 64 -36.79 10.91 15.60
N ARG B 65 -36.87 11.86 16.54
CA ARG B 65 -37.42 13.19 16.30
C ARG B 65 -36.65 13.95 15.23
N GLU B 66 -37.22 15.07 14.81
CA GLU B 66 -36.68 15.88 13.73
C GLU B 66 -36.00 17.13 14.26
N ASN B 67 -35.38 17.89 13.36
CA ASN B 67 -34.66 19.10 13.70
C ASN B 67 -34.70 20.04 12.49
N LEU B 68 -33.85 21.06 12.51
CA LEU B 68 -33.87 22.11 11.49
C LEU B 68 -33.14 21.62 10.24
N GLU B 69 -33.91 21.07 9.30
CA GLU B 69 -33.45 20.73 7.96
C GLU B 69 -32.14 19.94 7.93
N ASP B 70 -31.03 20.59 8.27
CA ASP B 70 -29.71 20.01 8.02
C ASP B 70 -29.44 18.84 8.96
N GLU B 71 -29.46 19.08 10.27
CA GLU B 71 -29.00 18.10 11.25
C GLU B 71 -30.18 17.28 11.75
N TYR B 72 -30.72 16.43 10.87
CA TYR B 72 -31.63 15.38 11.30
C TYR B 72 -30.79 14.24 11.86
N GLU B 73 -30.88 14.02 13.18
CA GLU B 73 -29.92 13.14 13.83
C GLU B 73 -29.96 11.71 13.31
N PRO B 74 -31.11 11.02 13.24
CA PRO B 74 -31.10 9.64 12.72
C PRO B 74 -30.60 9.53 11.28
N ARG B 75 -30.91 10.49 10.42
CA ARG B 75 -30.41 10.46 9.05
C ARG B 75 -28.89 10.53 9.02
N ARG B 76 -28.31 11.46 9.79
CA ARG B 76 -26.86 11.57 9.87
C ARG B 76 -26.24 10.30 10.42
N ARG B 77 -26.84 9.76 11.49
CA ARG B 77 -26.37 8.51 12.07
C ARG B 77 -26.31 7.41 11.03
N ASP B 78 -27.42 7.20 10.31
CA ASP B 78 -27.49 6.12 9.33
C ASP B 78 -26.48 6.32 8.21
N HIS B 79 -26.42 7.52 7.64
CA HIS B 79 -25.52 7.79 6.54
C HIS B 79 -24.07 7.57 6.94
N ILE B 80 -23.64 8.20 8.02
CA ILE B 80 -22.24 8.13 8.42
C ILE B 80 -21.86 6.71 8.83
N SER B 81 -22.76 6.01 9.53
CA SER B 81 -22.44 4.64 9.94
C SER B 81 -22.31 3.71 8.74
N HIS B 82 -23.20 3.85 7.75
CA HIS B 82 -23.10 3.01 6.56
C HIS B 82 -21.78 3.25 5.84
N PHE B 83 -21.42 4.52 5.65
CA PHE B 83 -20.19 4.78 4.92
C PHE B 83 -18.94 4.47 5.73
N ILE B 84 -19.05 4.43 7.06
CA ILE B 84 -17.94 3.97 7.89
C ILE B 84 -17.75 2.46 7.73
N LEU B 85 -18.84 1.70 7.81
CA LEU B 85 -18.75 0.25 7.71
C LEU B 85 -18.41 -0.23 6.31
N ARG B 86 -18.64 0.58 5.27
CA ARG B 86 -18.17 0.20 3.94
C ARG B 86 -16.67 -0.07 3.95
N LEU B 87 -15.90 0.80 4.63
CA LEU B 87 -14.46 0.61 4.72
C LEU B 87 -14.11 -0.68 5.46
N ALA B 88 -14.83 -0.99 6.54
CA ALA B 88 -14.51 -2.16 7.34
C ALA B 88 -14.85 -3.45 6.60
N TYR B 89 -15.93 -3.46 5.84
CA TYR B 89 -16.39 -4.68 5.17
C TYR B 89 -16.02 -4.75 3.69
N CYS B 90 -15.23 -3.80 3.18
CA CYS B 90 -14.86 -3.85 1.77
C CYS B 90 -13.66 -4.75 1.50
N GLN B 91 -12.95 -5.21 2.54
CA GLN B 91 -11.70 -5.94 2.37
C GLN B 91 -11.87 -7.27 1.65
N SER B 92 -12.60 -8.20 2.26
CA SER B 92 -12.68 -9.57 1.77
C SER B 92 -13.99 -9.83 1.05
N GLU B 93 -13.98 -10.79 0.13
CA GLU B 93 -15.18 -11.10 -0.64
C GLU B 93 -16.29 -11.66 0.24
N GLU B 94 -15.94 -12.54 1.18
CA GLU B 94 -16.95 -13.09 2.09
C GLU B 94 -17.56 -12.00 2.95
N LEU B 95 -16.73 -11.08 3.45
CA LEU B 95 -17.24 -9.93 4.19
C LEU B 95 -18.13 -9.07 3.30
N ARG B 96 -17.75 -8.91 2.03
CA ARG B 96 -18.58 -8.13 1.11
C ARG B 96 -19.95 -8.77 0.92
N ARG B 97 -20.00 -10.09 0.74
CA ARG B 97 -21.29 -10.77 0.59
C ARG B 97 -22.13 -10.64 1.85
N TRP B 98 -21.50 -10.80 3.02
CA TRP B 98 -22.24 -10.63 4.28
C TRP B 98 -22.83 -9.22 4.38
N PHE B 99 -22.01 -8.21 4.11
CA PHE B 99 -22.47 -6.83 4.22
C PHE B 99 -23.59 -6.53 3.23
N ILE B 100 -23.47 -7.03 2.00
CA ILE B 100 -24.51 -6.80 1.01
C ILE B 100 -25.81 -7.50 1.41
N GLN B 101 -25.71 -8.75 1.87
CA GLN B 101 -26.92 -9.49 2.25
C GLN B 101 -27.64 -8.82 3.42
N GLN B 102 -26.88 -8.39 4.43
CA GLN B 102 -27.52 -7.80 5.60
C GLN B 102 -28.08 -6.41 5.31
N GLU B 103 -27.42 -5.64 4.44
CA GLU B 103 -27.88 -4.29 4.14
C GLU B 103 -29.18 -4.28 3.35
N MET B 104 -29.44 -5.31 2.53
CA MET B 104 -30.68 -5.37 1.77
C MET B 104 -31.88 -5.74 2.64
N ASP B 105 -31.67 -6.54 3.68
CA ASP B 105 -32.77 -6.87 4.58
C ASP B 105 -33.29 -5.63 5.28
N LEU B 106 -32.39 -4.75 5.72
CA LEU B 106 -32.80 -3.49 6.32
C LEU B 106 -33.57 -2.62 5.34
N LEU B 107 -33.11 -2.56 4.08
CA LEU B 107 -33.81 -1.78 3.07
C LEU B 107 -35.20 -2.33 2.82
N ARG B 108 -35.33 -3.66 2.75
CA ARG B 108 -36.63 -4.28 2.56
C ARG B 108 -37.56 -3.97 3.72
N PHE B 109 -37.05 -4.05 4.95
CA PHE B 109 -37.87 -3.75 6.12
C PHE B 109 -38.31 -2.30 6.11
N ARG B 110 -37.41 -1.38 5.78
CA ARG B 110 -37.76 0.03 5.73
C ARG B 110 -38.83 0.29 4.66
N PHE B 111 -38.68 -0.34 3.50
CA PHE B 111 -39.68 -0.19 2.44
C PHE B 111 -41.03 -0.75 2.86
N SER B 112 -41.03 -1.86 3.60
CA SER B 112 -42.29 -2.43 4.07
C SER B 112 -43.00 -1.54 5.07
N ILE B 113 -42.25 -0.73 5.83
CA ILE B 113 -42.87 0.13 6.85
C ILE B 113 -43.72 1.22 6.19
N LEU B 114 -43.22 1.79 5.10
CA LEU B 114 -43.86 2.96 4.50
C LEU B 114 -45.27 2.63 4.02
N PRO B 115 -46.20 3.56 4.16
CA PRO B 115 -47.55 3.38 3.61
C PRO B 115 -47.52 3.58 2.10
N LYS B 116 -48.61 3.15 1.45
CA LYS B 116 -48.69 3.20 -0.01
C LYS B 116 -48.67 4.61 -0.58
N ASP B 117 -48.56 5.63 0.28
CA ASP B 117 -48.54 7.03 -0.18
C ASP B 117 -47.12 7.53 -0.38
N LYS B 118 -46.27 7.37 0.64
CA LYS B 118 -44.92 7.93 0.59
C LYS B 118 -44.00 7.19 -0.37
N ILE B 119 -44.30 5.94 -0.71
CA ILE B 119 -43.42 5.19 -1.60
C ILE B 119 -43.42 5.79 -3.00
N GLN B 120 -44.56 6.33 -3.43
CA GLN B 120 -44.60 6.99 -4.73
C GLN B 120 -43.69 8.21 -4.76
N ASP B 121 -43.75 9.04 -3.70
CA ASP B 121 -42.88 10.21 -3.62
C ASP B 121 -41.41 9.80 -3.55
N PHE B 122 -41.11 8.74 -2.79
CA PHE B 122 -39.73 8.26 -2.70
C PHE B 122 -39.23 7.81 -4.06
N LEU B 123 -40.04 7.06 -4.80
CA LEU B 123 -39.63 6.59 -6.12
C LEU B 123 -39.43 7.76 -7.08
N LYS B 124 -40.34 8.74 -7.06
CA LYS B 124 -40.22 9.88 -7.95
C LYS B 124 -38.96 10.69 -7.64
N ASP B 125 -38.64 10.84 -6.35
CA ASP B 125 -37.52 11.69 -5.95
C ASP B 125 -36.19 10.94 -5.94
N SER B 126 -36.23 9.60 -5.95
CA SER B 126 -35.02 8.82 -5.68
C SER B 126 -33.89 9.04 -6.68
N GLN B 127 -34.07 8.57 -7.92
CA GLN B 127 -32.92 8.61 -8.81
C GLN B 127 -32.93 9.81 -9.76
N LEU B 128 -33.81 9.79 -10.76
CA LEU B 128 -34.07 11.00 -11.52
C LEU B 128 -35.54 11.18 -11.86
N GLN B 129 -36.19 10.09 -12.28
CA GLN B 129 -37.53 10.16 -12.89
C GLN B 129 -38.22 8.81 -12.70
N PHE B 130 -39.33 8.80 -11.97
CA PHE B 130 -40.20 7.64 -11.89
C PHE B 130 -41.64 8.11 -11.78
N GLU B 131 -42.57 7.32 -12.33
CA GLU B 131 -43.95 7.76 -12.45
C GLU B 131 -44.89 6.57 -12.24
N ALA B 132 -46.13 6.89 -11.93
CA ALA B 132 -47.24 5.95 -11.80
C ALA B 132 -48.37 6.38 -12.73
N ILE B 133 -49.51 5.71 -12.60
CA ILE B 133 -50.68 5.98 -13.43
C ILE B 133 -51.85 6.36 -12.53
N SER B 134 -52.76 7.16 -13.06
CA SER B 134 -53.93 7.61 -12.32
C SER B 134 -55.02 6.54 -12.37
N ASP B 135 -56.17 6.86 -11.77
CA ASP B 135 -57.26 5.90 -11.71
C ASP B 135 -57.89 5.66 -13.08
N GLU B 136 -57.97 6.69 -13.92
CA GLU B 136 -58.60 6.55 -15.23
C GLU B 136 -57.84 5.55 -16.10
N GLU B 137 -56.52 5.75 -16.22
CA GLU B 137 -55.71 4.82 -17.01
C GLU B 137 -55.64 3.44 -16.36
N LYS B 138 -55.65 3.38 -15.03
CA LYS B 138 -55.62 2.10 -14.34
C LYS B 138 -56.88 1.29 -14.63
N THR B 139 -58.04 1.95 -14.65
CA THR B 139 -59.28 1.26 -14.95
C THR B 139 -59.44 0.95 -16.43
N LEU B 140 -58.91 1.82 -17.30
CA LEU B 140 -59.06 1.61 -18.74
C LEU B 140 -58.36 0.34 -19.19
N ARG B 141 -57.16 0.08 -18.66
CA ARG B 141 -56.37 -1.08 -19.05
C ARG B 141 -56.34 -2.17 -17.98
N GLU B 142 -57.39 -2.25 -17.16
CA GLU B 142 -57.38 -3.17 -16.03
C GLU B 142 -57.38 -4.63 -16.49
N GLN B 143 -58.23 -4.96 -17.47
CA GLN B 143 -58.34 -6.34 -17.93
C GLN B 143 -57.03 -6.83 -18.54
N GLU B 144 -56.39 -6.00 -19.37
CA GLU B 144 -55.12 -6.40 -19.96
C GLU B 144 -54.06 -6.57 -18.88
N ILE B 145 -54.07 -5.69 -17.87
CA ILE B 145 -53.07 -5.78 -16.81
C ILE B 145 -53.24 -7.07 -16.03
N VAL B 146 -54.48 -7.43 -15.68
CA VAL B 146 -54.68 -8.65 -14.90
C VAL B 146 -54.41 -9.89 -15.75
N ALA B 147 -54.71 -9.82 -17.06
CA ALA B 147 -54.41 -10.96 -17.92
C ALA B 147 -52.92 -11.17 -18.08
N SER B 148 -52.15 -10.09 -18.21
CA SER B 148 -50.71 -10.19 -18.38
C SER B 148 -50.00 -10.54 -17.08
N SER B 149 -50.68 -10.39 -15.94
CA SER B 149 -50.04 -10.50 -14.64
C SER B 149 -49.63 -11.94 -14.36
N PRO B 150 -48.72 -12.15 -13.40
CA PRO B 150 -48.36 -13.51 -13.02
C PRO B 150 -49.51 -14.26 -12.35
N SER B 151 -49.24 -15.43 -11.79
CA SER B 151 -50.27 -16.36 -11.34
C SER B 151 -51.12 -15.80 -10.21
N LEU B 152 -50.94 -14.53 -9.87
CA LEU B 152 -51.81 -13.82 -8.94
C LEU B 152 -53.27 -14.12 -9.21
N SER B 153 -53.95 -14.65 -8.19
CA SER B 153 -55.29 -15.20 -8.37
C SER B 153 -56.33 -14.10 -8.54
N GLY B 154 -57.35 -14.41 -9.34
CA GLY B 154 -58.51 -13.54 -9.46
C GLY B 154 -58.28 -12.37 -10.39
N LEU B 155 -59.37 -11.63 -10.61
CA LEU B 155 -59.34 -10.39 -11.40
C LEU B 155 -59.30 -9.15 -10.53
N LYS B 156 -59.06 -9.30 -9.23
CA LYS B 156 -59.10 -8.17 -8.30
C LYS B 156 -57.86 -7.31 -8.51
N LEU B 157 -58.00 -6.28 -9.34
CA LEU B 157 -56.96 -5.26 -9.47
C LEU B 157 -57.24 -4.21 -8.40
N GLY B 158 -56.87 -4.56 -7.17
CA GLY B 158 -57.24 -3.77 -6.00
C GLY B 158 -56.60 -2.41 -5.90
N PHE B 159 -56.67 -1.80 -4.72
CA PHE B 159 -56.20 -0.45 -4.51
C PHE B 159 -54.68 -0.34 -4.54
N GLU B 160 -53.97 -1.46 -4.61
CA GLU B 160 -52.52 -1.42 -4.71
C GLU B 160 -52.09 -0.64 -5.96
N SER B 161 -51.11 0.23 -5.79
CA SER B 161 -50.67 1.07 -6.89
C SER B 161 -50.01 0.24 -7.98
N ILE B 162 -50.19 0.69 -9.22
CA ILE B 162 -49.56 0.08 -10.39
C ILE B 162 -48.71 1.13 -11.06
N TYR B 163 -47.45 0.81 -11.32
CA TYR B 163 -46.48 1.77 -11.83
C TYR B 163 -46.08 1.42 -13.25
N LYS B 164 -46.01 2.44 -14.10
CA LYS B 164 -45.51 2.30 -15.46
C LYS B 164 -44.02 2.59 -15.48
N ILE B 165 -43.26 1.71 -16.10
CA ILE B 165 -41.80 1.86 -16.15
C ILE B 165 -41.32 1.58 -17.57
N PRO B 166 -40.16 2.08 -17.98
CA PRO B 166 -39.60 1.66 -19.27
C PRO B 166 -39.39 0.15 -19.29
N PHE B 167 -39.65 -0.45 -20.45
CA PHE B 167 -39.63 -1.91 -20.54
C PHE B 167 -38.26 -2.48 -20.23
N ALA B 168 -37.20 -1.79 -20.65
CA ALA B 168 -35.85 -2.31 -20.43
C ALA B 168 -35.56 -2.49 -18.95
N ASP B 169 -35.92 -1.51 -18.13
CA ASP B 169 -35.72 -1.60 -16.70
C ASP B 169 -36.49 -2.75 -16.08
N ALA B 170 -37.54 -3.24 -16.75
CA ALA B 170 -38.28 -4.41 -16.29
C ALA B 170 -37.89 -5.67 -17.05
N LEU B 171 -36.64 -5.75 -17.52
CA LEU B 171 -36.21 -6.86 -18.36
C LEU B 171 -36.50 -8.20 -17.70
N ASP B 172 -36.03 -8.37 -16.46
CA ASP B 172 -36.18 -9.64 -15.75
C ASP B 172 -37.63 -10.10 -15.65
N LEU B 173 -38.59 -9.21 -15.92
CA LEU B 173 -40.00 -9.55 -15.91
C LEU B 173 -40.58 -9.77 -17.30
N PHE B 174 -40.15 -8.99 -18.29
CA PHE B 174 -40.81 -9.06 -19.59
C PHE B 174 -40.21 -10.12 -20.50
N ARG B 175 -39.04 -10.64 -20.15
CA ARG B 175 -38.45 -11.73 -20.95
C ARG B 175 -39.21 -13.02 -20.80
N GLY B 176 -40.00 -13.17 -19.73
CA GLY B 176 -40.80 -14.35 -19.49
C GLY B 176 -42.29 -14.16 -19.69
N ARG B 177 -42.72 -13.03 -20.24
CA ARG B 177 -44.13 -12.74 -20.49
C ARG B 177 -44.95 -12.79 -19.20
N LYS B 178 -44.60 -11.90 -18.27
CA LYS B 178 -45.32 -11.78 -17.01
C LYS B 178 -45.84 -10.37 -16.74
N VAL B 179 -45.68 -9.44 -17.67
CA VAL B 179 -46.13 -8.06 -17.50
C VAL B 179 -46.86 -7.63 -18.77
N TYR B 180 -47.52 -6.48 -18.67
CA TYR B 180 -48.25 -5.89 -19.78
C TYR B 180 -47.46 -4.73 -20.35
N LEU B 181 -47.29 -4.73 -21.68
CA LEU B 181 -46.54 -3.69 -22.36
C LEU B 181 -47.46 -2.92 -23.30
N GLU B 182 -47.27 -1.61 -23.34
CA GLU B 182 -48.00 -0.74 -24.26
C GLU B 182 -47.13 0.48 -24.54
N ASP B 183 -46.76 0.65 -25.81
CA ASP B 183 -45.86 1.74 -26.22
C ASP B 183 -44.55 1.71 -25.41
N GLY B 184 -44.03 0.51 -25.19
CA GLY B 184 -42.76 0.36 -24.52
C GLY B 184 -42.79 0.63 -23.04
N PHE B 185 -43.96 0.54 -22.40
CA PHE B 185 -44.08 0.79 -20.97
C PHE B 185 -44.70 -0.45 -20.32
N ALA B 186 -44.08 -0.91 -19.24
CA ALA B 186 -44.53 -2.07 -18.50
C ALA B 186 -45.25 -1.64 -17.23
N TYR B 187 -46.41 -2.23 -16.98
CA TYR B 187 -47.22 -1.93 -15.81
C TYR B 187 -46.96 -2.99 -14.75
N VAL B 188 -46.49 -2.56 -13.58
CA VAL B 188 -45.96 -3.48 -12.58
C VAL B 188 -46.50 -3.12 -11.20
N PRO B 189 -46.93 -4.10 -10.41
CA PRO B 189 -47.42 -3.82 -9.05
C PRO B 189 -46.27 -3.69 -8.05
N LEU B 190 -46.63 -3.59 -6.77
CA LEU B 190 -45.65 -3.26 -5.74
C LEU B 190 -44.59 -4.36 -5.57
N LYS B 191 -44.99 -5.63 -5.68
CA LYS B 191 -44.07 -6.73 -5.40
C LYS B 191 -42.90 -6.72 -6.37
N ASP B 192 -43.19 -6.70 -7.67
CA ASP B 192 -42.10 -6.65 -8.64
C ASP B 192 -41.34 -5.34 -8.56
N ILE B 193 -42.02 -4.25 -8.16
CA ILE B 193 -41.33 -2.98 -7.98
C ILE B 193 -40.25 -3.10 -6.92
N VAL B 194 -40.60 -3.65 -5.74
CA VAL B 194 -39.61 -3.77 -4.68
C VAL B 194 -38.53 -4.77 -5.05
N ALA B 195 -38.88 -5.80 -5.83
CA ALA B 195 -37.85 -6.70 -6.33
C ALA B 195 -36.84 -5.95 -7.20
N ILE B 196 -37.33 -5.07 -8.07
CA ILE B 196 -36.44 -4.28 -8.93
C ILE B 196 -35.56 -3.35 -8.09
N ILE B 197 -36.16 -2.69 -7.09
CA ILE B 197 -35.36 -1.80 -6.24
C ILE B 197 -34.27 -2.57 -5.52
N LEU B 198 -34.59 -3.77 -5.00
CA LEU B 198 -33.58 -4.57 -4.33
C LEU B 198 -32.47 -4.96 -5.30
N ASN B 199 -32.83 -5.31 -6.54
CA ASN B 199 -31.81 -5.69 -7.51
C ASN B 199 -30.86 -4.53 -7.82
N GLU B 200 -31.42 -3.34 -8.06
CA GLU B 200 -30.57 -2.18 -8.34
C GLU B 200 -29.71 -1.83 -7.13
N PHE B 201 -30.28 -1.91 -5.93
CA PHE B 201 -29.49 -1.63 -4.73
C PHE B 201 -28.34 -2.61 -4.59
N ARG B 202 -28.59 -3.89 -4.84
CA ARG B 202 -27.52 -4.89 -4.76
C ARG B 202 -26.43 -4.57 -5.77
N ALA B 203 -26.81 -4.25 -7.01
CA ALA B 203 -25.81 -3.97 -8.03
C ALA B 203 -24.95 -2.77 -7.65
N LYS B 204 -25.60 -1.67 -7.25
CA LYS B 204 -24.85 -0.46 -6.91
C LYS B 204 -23.97 -0.67 -5.68
N LEU B 205 -24.48 -1.38 -4.67
CA LEU B 205 -23.69 -1.62 -3.47
C LEU B 205 -22.48 -2.48 -3.77
N SER B 206 -22.65 -3.53 -4.58
CA SER B 206 -21.52 -4.39 -4.93
C SER B 206 -20.47 -3.60 -5.72
N LYS B 207 -20.91 -2.78 -6.68
CA LYS B 207 -19.97 -1.97 -7.43
C LYS B 207 -19.23 -0.99 -6.54
N ALA B 208 -19.94 -0.34 -5.61
CA ALA B 208 -19.31 0.62 -4.71
C ALA B 208 -18.30 -0.06 -3.79
N LEU B 209 -18.64 -1.23 -3.26
CA LEU B 209 -17.70 -1.96 -2.42
C LEU B 209 -16.45 -2.37 -3.20
N ALA B 210 -16.64 -2.86 -4.43
CA ALA B 210 -15.50 -3.26 -5.24
C ALA B 210 -14.60 -2.07 -5.53
N LEU B 211 -15.18 -0.90 -5.84
CA LEU B 211 -14.38 0.29 -6.07
C LEU B 211 -13.66 0.72 -4.80
N THR B 212 -14.33 0.64 -3.66
CA THR B 212 -13.73 1.08 -2.39
C THR B 212 -12.54 0.19 -2.04
N ALA B 213 -12.63 -1.11 -2.31
CA ALA B 213 -11.56 -2.03 -1.95
C ALA B 213 -10.23 -1.65 -2.59
N ARG B 214 -10.26 -0.97 -3.74
CA ARG B 214 -9.03 -0.58 -4.41
C ARG B 214 -8.27 0.48 -3.61
N SER B 215 -8.99 1.50 -3.13
CA SER B 215 -8.38 2.64 -2.46
C SER B 215 -8.23 2.42 -0.95
N LEU B 216 -8.18 1.17 -0.51
CA LEU B 216 -8.03 0.84 0.91
C LEU B 216 -6.60 1.06 1.42
N PRO B 217 -5.54 0.70 0.68
CA PRO B 217 -4.18 0.90 1.19
C PRO B 217 -3.84 2.35 1.50
N ALA B 218 -4.54 3.32 0.90
CA ALA B 218 -4.30 4.72 1.20
C ALA B 218 -4.74 5.12 2.60
N VAL B 219 -5.52 4.28 3.29
CA VAL B 219 -6.02 4.59 4.62
C VAL B 219 -5.49 3.65 5.69
N GLN B 220 -4.79 2.57 5.32
CA GLN B 220 -4.28 1.62 6.30
C GLN B 220 -3.18 2.21 7.16
N SER B 221 -2.63 3.37 6.77
CA SER B 221 -1.55 3.98 7.53
C SER B 221 -2.02 4.66 8.80
N ASP B 222 -3.31 4.94 8.93
CA ASP B 222 -3.82 5.63 10.12
C ASP B 222 -3.86 4.67 11.31
N GLU B 223 -3.14 5.01 12.37
CA GLU B 223 -3.10 4.18 13.56
C GLU B 223 -4.37 4.29 14.40
N ARG B 224 -5.15 5.36 14.23
CA ARG B 224 -6.39 5.50 14.98
C ARG B 224 -7.46 4.55 14.46
N LEU B 225 -7.43 4.24 13.16
CA LEU B 225 -8.44 3.42 12.52
C LEU B 225 -8.04 1.95 12.41
N GLN B 226 -6.88 1.57 12.94
CA GLN B 226 -6.48 0.17 12.90
C GLN B 226 -7.43 -0.76 13.63
N PRO B 227 -7.92 -0.46 14.84
CA PRO B 227 -8.93 -1.33 15.46
C PRO B 227 -10.28 -1.34 14.75
N LEU B 228 -10.45 -0.58 13.67
CA LEU B 228 -11.68 -0.58 12.88
C LEU B 228 -11.64 -1.59 11.75
N LEU B 229 -10.66 -1.49 10.86
CA LEU B 229 -10.63 -2.31 9.66
C LEU B 229 -10.46 -3.79 10.01
N ASN B 230 -9.52 -4.10 10.90
CA ASN B 230 -9.12 -5.49 11.10
C ASN B 230 -9.79 -6.13 12.30
N HIS B 231 -10.28 -5.35 13.26
CA HIS B 231 -10.71 -5.90 14.54
C HIS B 231 -12.15 -5.54 14.88
N LEU B 232 -13.08 -5.71 13.92
CA LEU B 232 -14.50 -5.53 14.19
C LEU B 232 -15.18 -6.84 14.56
N SER B 233 -14.55 -7.98 14.21
CA SER B 233 -15.09 -9.28 14.59
C SER B 233 -13.97 -10.25 14.97
N HIS B 234 -12.83 -9.74 15.42
CA HIS B 234 -11.67 -10.61 15.65
C HIS B 234 -11.79 -11.38 16.96
N SER B 235 -11.76 -10.67 18.09
CA SER B 235 -12.00 -11.30 19.40
C SER B 235 -12.91 -10.49 20.31
N TYR B 236 -13.06 -9.19 20.09
CA TYR B 236 -13.91 -8.35 20.93
C TYR B 236 -15.30 -8.25 20.31
N THR B 237 -16.32 -8.52 21.13
CA THR B 237 -17.69 -8.54 20.66
C THR B 237 -18.14 -7.15 20.24
N GLY B 238 -19.32 -7.10 19.60
CA GLY B 238 -19.87 -5.82 19.18
C GLY B 238 -20.07 -4.87 20.34
N GLN B 239 -20.66 -5.37 21.43
CA GLN B 239 -20.81 -4.58 22.65
C GLN B 239 -20.94 -5.56 23.80
N ASP B 240 -19.86 -5.73 24.56
CA ASP B 240 -19.83 -6.68 25.66
C ASP B 240 -20.12 -5.97 26.98
N TYR B 241 -20.65 -6.73 27.93
CA TYR B 241 -21.08 -6.20 29.22
C TYR B 241 -20.34 -6.82 30.39
N SER B 242 -20.21 -8.15 30.43
CA SER B 242 -19.66 -8.83 31.59
C SER B 242 -18.15 -8.60 31.67
N THR B 243 -17.73 -7.77 32.62
CA THR B 243 -16.33 -7.51 32.91
C THR B 243 -16.08 -7.77 34.39
N GLN B 244 -14.89 -7.41 34.85
CA GLN B 244 -14.56 -7.55 36.26
C GLN B 244 -15.34 -6.52 37.10
N GLY B 245 -15.47 -6.82 38.38
CA GLY B 245 -16.18 -5.94 39.29
C GLY B 245 -17.57 -6.48 39.59
N ASN B 246 -18.58 -5.63 39.38
CA ASN B 246 -19.99 -5.98 39.59
C ASN B 246 -20.27 -6.39 41.03
N VAL B 247 -21.47 -6.88 41.29
CA VAL B 247 -21.88 -7.31 42.62
C VAL B 247 -22.45 -8.72 42.52
N GLY B 248 -22.12 -9.55 43.51
CA GLY B 248 -22.59 -10.92 43.53
C GLY B 248 -22.14 -11.69 44.76
N LYS B 249 -22.95 -12.65 45.19
CA LYS B 249 -22.64 -13.47 46.36
C LYS B 249 -23.13 -14.89 46.09
N ILE B 250 -22.20 -15.80 45.81
CA ILE B 250 -22.52 -17.18 45.47
C ILE B 250 -21.74 -18.10 46.40
N SER B 251 -22.43 -19.07 47.00
CA SER B 251 -21.79 -20.02 47.89
C SER B 251 -20.94 -21.01 47.10
N LEU B 252 -20.04 -21.68 47.82
CA LEU B 252 -19.12 -22.64 47.20
C LEU B 252 -19.74 -24.02 47.03
N ASP B 253 -20.63 -24.43 47.94
CA ASP B 253 -21.23 -25.76 47.86
C ASP B 253 -22.39 -25.84 46.87
N GLN B 254 -22.82 -24.71 46.32
CA GLN B 254 -23.95 -24.69 45.39
C GLN B 254 -23.52 -24.83 43.94
N ILE B 255 -22.23 -25.03 43.67
CA ILE B 255 -21.74 -25.06 42.30
C ILE B 255 -22.30 -26.26 41.54
N ASP B 256 -22.48 -27.38 42.24
CA ASP B 256 -22.93 -28.60 41.57
C ASP B 256 -24.33 -28.44 40.98
N LEU B 257 -25.24 -27.78 41.71
CA LEU B 257 -26.58 -27.55 41.20
C LEU B 257 -26.57 -26.64 39.97
N LEU B 258 -25.82 -25.53 40.06
CA LEU B 258 -25.73 -24.61 38.94
C LEU B 258 -25.05 -25.23 37.73
N SER B 259 -24.20 -26.24 37.94
CA SER B 259 -23.57 -26.93 36.82
C SER B 259 -24.63 -27.62 35.95
N THR B 260 -25.63 -28.22 36.57
CA THR B 260 -26.68 -28.88 35.80
C THR B 260 -27.74 -27.91 35.31
N LYS B 261 -28.11 -26.94 36.15
CA LYS B 261 -29.24 -26.06 35.82
C LYS B 261 -28.84 -24.82 35.03
N SER B 262 -27.74 -24.16 35.40
CA SER B 262 -27.45 -22.82 34.90
C SER B 262 -26.27 -22.74 33.93
N PHE B 263 -25.19 -23.48 34.19
CA PHE B 263 -23.98 -23.34 33.39
C PHE B 263 -24.23 -23.75 31.94
N PRO B 264 -23.62 -23.05 30.99
CA PRO B 264 -23.74 -23.40 29.58
C PRO B 264 -23.02 -24.71 29.30
N PRO B 265 -23.25 -25.32 28.12
CA PRO B 265 -22.63 -26.62 27.85
C PRO B 265 -21.12 -26.63 27.96
N CYS B 266 -20.44 -25.58 27.50
CA CYS B 266 -18.97 -25.56 27.57
C CYS B 266 -18.49 -25.51 29.00
N MET B 267 -19.05 -24.60 29.80
CA MET B 267 -18.62 -24.47 31.19
C MET B 267 -18.97 -25.72 31.98
N ARG B 268 -20.13 -26.33 31.72
CA ARG B 268 -20.50 -27.54 32.44
C ARG B 268 -19.60 -28.71 32.05
N GLN B 269 -19.21 -28.80 30.77
CA GLN B 269 -18.26 -29.82 30.36
C GLN B 269 -16.91 -29.63 31.05
N LEU B 270 -16.44 -28.38 31.13
CA LEU B 270 -15.20 -28.11 31.84
C LEU B 270 -15.32 -28.49 33.32
N HIS B 271 -16.47 -28.19 33.93
CA HIS B 271 -16.69 -28.55 35.33
C HIS B 271 -16.67 -30.05 35.52
N LYS B 272 -17.29 -30.80 34.61
CA LYS B 272 -17.27 -32.26 34.69
C LYS B 272 -15.85 -32.79 34.58
N ALA B 273 -15.06 -32.23 33.65
CA ALA B 273 -13.67 -32.66 33.52
C ALA B 273 -12.88 -32.35 34.79
N LEU B 274 -13.08 -31.17 35.37
CA LEU B 274 -12.36 -30.80 36.58
C LEU B 274 -12.74 -31.69 37.75
N ARG B 275 -14.03 -32.00 37.91
CA ARG B 275 -14.47 -32.79 39.05
C ARG B 275 -14.12 -34.26 38.88
N GLU B 276 -13.97 -34.73 37.64
CA GLU B 276 -13.67 -36.14 37.40
C GLU B 276 -12.17 -36.42 37.42
N ASN B 277 -11.41 -35.73 36.57
CA ASN B 277 -9.98 -35.97 36.44
C ASN B 277 -9.14 -35.22 37.46
N HIS B 278 -9.73 -34.27 38.19
CA HIS B 278 -9.03 -33.46 39.19
C HIS B 278 -7.86 -32.68 38.59
N HIS B 279 -7.89 -32.44 37.28
CA HIS B 279 -6.83 -31.68 36.63
C HIS B 279 -7.34 -31.18 35.28
N LEU B 280 -6.87 -30.00 34.88
CA LEU B 280 -7.25 -29.40 33.62
C LEU B 280 -6.02 -28.81 32.94
N ARG B 281 -6.05 -28.74 31.62
CA ARG B 281 -4.97 -28.14 30.86
C ARG B 281 -5.04 -26.62 30.94
N HIS B 282 -4.04 -25.96 30.35
CA HIS B 282 -3.93 -24.51 30.50
C HIS B 282 -5.15 -23.79 29.95
N GLY B 283 -5.62 -24.19 28.76
CA GLY B 283 -6.78 -23.54 28.20
C GLY B 283 -8.02 -23.72 29.06
N GLY B 284 -8.26 -24.94 29.50
CA GLY B 284 -9.40 -25.19 30.37
C GLY B 284 -9.29 -24.47 31.69
N ARG B 285 -8.10 -24.49 32.30
CA ARG B 285 -7.90 -23.77 33.56
C ARG B 285 -8.21 -22.29 33.40
N MET B 286 -7.63 -21.65 32.37
CA MET B 286 -7.85 -20.22 32.19
C MET B 286 -9.31 -19.91 31.91
N GLN B 287 -9.93 -20.69 31.01
CA GLN B 287 -11.33 -20.45 30.67
C GLN B 287 -12.23 -20.56 31.89
N TYR B 288 -12.13 -21.68 32.61
CA TYR B 288 -13.01 -21.90 33.75
C TYR B 288 -12.70 -20.96 34.91
N GLY B 289 -11.44 -20.62 35.14
CA GLY B 289 -11.12 -19.68 36.20
C GLY B 289 -11.68 -18.29 35.91
N LEU B 290 -11.55 -17.83 34.66
CA LEU B 290 -12.13 -16.54 34.31
C LEU B 290 -13.65 -16.58 34.42
N PHE B 291 -14.28 -17.68 34.00
CA PHE B 291 -15.72 -17.80 34.13
C PHE B 291 -16.15 -17.76 35.59
N LEU B 292 -15.45 -18.48 36.46
CA LEU B 292 -15.80 -18.49 37.88
C LEU B 292 -15.56 -17.14 38.54
N LYS B 293 -14.52 -16.42 38.12
CA LYS B 293 -14.33 -15.06 38.60
C LYS B 293 -15.48 -14.16 38.15
N GLY B 294 -15.97 -14.36 36.92
CA GLY B 294 -17.03 -13.53 36.41
C GLY B 294 -18.33 -13.67 37.17
N ILE B 295 -18.64 -14.87 37.66
CA ILE B 295 -19.93 -15.10 38.32
C ILE B 295 -19.99 -14.56 39.73
N GLY B 296 -18.87 -14.11 40.30
CA GLY B 296 -18.90 -13.46 41.59
C GLY B 296 -18.06 -14.09 42.67
N LEU B 297 -17.21 -15.05 42.31
CA LEU B 297 -16.32 -15.67 43.27
C LEU B 297 -15.20 -14.72 43.65
N THR B 298 -14.73 -14.82 44.89
CA THR B 298 -13.67 -13.99 45.40
C THR B 298 -12.34 -14.74 45.38
N LEU B 299 -11.26 -14.01 45.70
CA LEU B 299 -9.93 -14.60 45.64
C LEU B 299 -9.79 -15.76 46.62
N GLU B 300 -10.24 -15.57 47.86
CA GLU B 300 -10.12 -16.62 48.87
C GLU B 300 -10.94 -17.85 48.48
N GLN B 301 -12.18 -17.63 48.02
CA GLN B 301 -13.04 -18.74 47.65
C GLN B 301 -12.48 -19.51 46.45
N ALA B 302 -12.01 -18.80 45.43
CA ALA B 302 -11.45 -19.46 44.26
C ALA B 302 -10.18 -20.22 44.61
N LEU B 303 -9.31 -19.63 45.44
CA LEU B 303 -8.11 -20.32 45.87
C LEU B 303 -8.45 -21.59 46.63
N GLN B 304 -9.42 -21.51 47.54
CA GLN B 304 -9.83 -22.68 48.31
C GLN B 304 -10.40 -23.76 47.39
N PHE B 305 -11.24 -23.36 46.44
CA PHE B 305 -11.83 -24.31 45.51
C PHE B 305 -10.77 -25.03 44.70
N TRP B 306 -9.84 -24.28 44.10
CA TRP B 306 -8.81 -24.89 43.27
C TRP B 306 -7.88 -25.76 44.09
N LYS B 307 -7.52 -25.32 45.30
CA LYS B 307 -6.64 -26.12 46.16
C LYS B 307 -7.31 -27.42 46.55
N GLN B 308 -8.58 -27.35 46.97
CA GLN B 308 -9.30 -28.55 47.37
C GLN B 308 -9.45 -29.52 46.21
N GLU B 309 -9.73 -29.00 45.01
CA GLU B 309 -9.87 -29.88 43.86
C GLU B 309 -8.52 -30.49 43.44
N PHE B 310 -7.43 -29.74 43.60
CA PHE B 310 -6.11 -30.23 43.22
C PHE B 310 -5.49 -31.15 44.26
N ILE B 311 -5.78 -30.93 45.54
CA ILE B 311 -5.28 -31.84 46.58
C ILE B 311 -5.88 -33.22 46.42
N LYS B 312 -7.15 -33.28 45.99
CA LYS B 312 -7.78 -34.56 45.70
C LYS B 312 -7.05 -35.32 44.59
N GLY B 313 -6.27 -34.62 43.77
CA GLY B 313 -5.41 -35.23 42.79
C GLY B 313 -4.07 -35.71 43.31
N LYS B 314 -3.90 -35.69 44.64
CA LYS B 314 -2.69 -36.20 45.31
C LYS B 314 -1.44 -35.44 44.87
N MET B 315 -1.44 -34.14 45.17
CA MET B 315 -0.28 -33.28 44.98
C MET B 315 0.11 -32.66 46.33
N ASP B 316 1.24 -31.97 46.34
CA ASP B 316 1.71 -31.29 47.54
C ASP B 316 1.05 -29.93 47.68
N PRO B 317 0.46 -29.61 48.83
CA PRO B 317 -0.12 -28.27 49.01
C PRO B 317 0.89 -27.16 48.82
N ASP B 318 2.14 -27.37 49.26
CA ASP B 318 3.19 -26.38 48.99
C ASP B 318 3.47 -26.28 47.50
N LYS B 319 3.39 -27.40 46.78
CA LYS B 319 3.54 -27.35 45.33
C LYS B 319 2.43 -26.54 44.68
N PHE B 320 1.18 -26.67 45.17
CA PHE B 320 0.11 -25.83 44.68
C PHE B 320 0.37 -24.36 44.99
N ASP B 321 0.86 -24.08 46.20
CA ASP B 321 1.14 -22.70 46.57
C ASP B 321 2.22 -22.09 45.68
N LYS B 322 3.24 -22.87 45.35
CA LYS B 322 4.34 -22.38 44.54
C LYS B 322 4.07 -22.46 43.04
N GLY B 323 3.02 -23.17 42.61
CA GLY B 323 2.81 -23.36 41.19
C GLY B 323 1.54 -22.78 40.61
N TYR B 324 0.46 -22.73 41.41
CA TYR B 324 -0.83 -22.27 40.91
C TYR B 324 -1.40 -21.09 41.67
N SER B 325 -0.92 -20.81 42.88
CA SER B 325 -1.40 -19.63 43.60
C SER B 325 -1.04 -18.35 42.85
N TYR B 326 0.16 -18.28 42.28
CA TYR B 326 0.61 -17.07 41.60
C TYR B 326 -0.33 -16.72 40.45
N ASN B 327 -0.73 -17.71 39.66
CA ASN B 327 -1.60 -17.44 38.51
C ASN B 327 -2.95 -16.90 38.95
N ILE B 328 -3.55 -17.49 39.99
CA ILE B 328 -4.86 -17.06 40.45
C ILE B 328 -4.78 -15.65 41.02
N ARG B 329 -3.78 -15.38 41.86
CA ARG B 329 -3.65 -14.04 42.43
C ARG B 329 -3.36 -13.00 41.35
N HIS B 330 -2.63 -13.38 40.29
CA HIS B 330 -2.39 -12.44 39.20
C HIS B 330 -3.66 -12.19 38.41
N SER B 331 -4.47 -13.23 38.20
CA SER B 331 -5.74 -13.05 37.48
C SER B 331 -6.69 -12.16 38.26
N PHE B 332 -6.73 -12.30 39.58
CA PHE B 332 -7.65 -11.50 40.39
C PHE B 332 -7.13 -10.09 40.62
N GLY B 333 -5.86 -9.83 40.34
CA GLY B 333 -5.24 -8.58 40.75
C GLY B 333 -5.08 -7.50 39.70
N LYS B 334 -3.93 -6.83 39.75
CA LYS B 334 -3.61 -5.65 38.95
C LYS B 334 -3.19 -5.99 37.53
N GLU B 335 -2.53 -5.04 36.87
CA GLU B 335 -2.26 -5.07 35.45
C GLU B 335 -1.56 -6.36 35.01
N GLY B 336 -1.48 -6.53 33.70
CA GLY B 336 -1.26 -7.83 33.09
C GLY B 336 -2.58 -8.28 32.52
N LYS B 337 -3.26 -7.34 31.87
CA LYS B 337 -4.67 -7.38 31.56
C LYS B 337 -4.91 -7.85 30.12
N ARG B 338 -6.19 -7.84 29.72
CA ARG B 338 -6.66 -8.08 28.36
C ARG B 338 -6.57 -9.55 27.97
N THR B 339 -5.90 -10.36 28.78
CA THR B 339 -5.86 -11.80 28.55
C THR B 339 -6.03 -12.63 29.81
N ASP B 340 -5.87 -12.05 31.01
CA ASP B 340 -5.98 -12.78 32.25
C ASP B 340 -6.96 -12.14 33.23
N TYR B 341 -7.75 -11.16 32.78
CA TYR B 341 -8.57 -10.36 33.67
C TYR B 341 -10.03 -10.27 33.27
N THR B 342 -10.35 -10.44 31.98
CA THR B 342 -11.72 -10.38 31.51
C THR B 342 -12.20 -11.78 31.12
N PRO B 343 -13.36 -12.22 31.60
CA PRO B 343 -13.84 -13.56 31.22
C PRO B 343 -14.05 -13.68 29.73
N PHE B 344 -13.83 -14.89 29.21
CA PHE B 344 -13.90 -15.13 27.78
C PHE B 344 -15.32 -14.93 27.27
N SER B 345 -15.44 -14.41 26.05
CA SER B 345 -16.72 -14.23 25.39
C SER B 345 -16.97 -15.37 24.41
N CYS B 346 -18.17 -15.39 23.82
CA CYS B 346 -18.52 -16.45 22.89
C CYS B 346 -17.66 -16.40 21.64
N LEU B 347 -17.41 -15.21 21.11
CA LEU B 347 -16.59 -15.07 19.92
C LEU B 347 -15.15 -15.50 20.18
N LYS B 348 -14.59 -15.13 21.33
CA LYS B 348 -13.24 -15.53 21.66
C LYS B 348 -13.14 -17.04 21.85
N ILE B 349 -14.17 -17.65 22.46
CA ILE B 349 -14.18 -19.09 22.64
C ILE B 349 -14.25 -19.80 21.28
N ILE B 350 -15.09 -19.30 20.38
CA ILE B 350 -15.31 -19.99 19.11
C ILE B 350 -14.10 -19.82 18.19
N LEU B 351 -13.61 -18.60 18.03
CA LEU B 351 -12.63 -18.28 17.01
C LEU B 351 -11.18 -18.40 17.46
N SER B 352 -10.93 -18.68 18.73
CA SER B 352 -9.57 -18.72 19.24
C SER B 352 -9.34 -19.99 20.05
N ASN B 353 -8.10 -20.48 20.00
CA ASN B 353 -7.62 -21.63 20.77
C ASN B 353 -8.47 -22.87 20.50
N PRO B 354 -8.35 -23.47 19.30
CA PRO B 354 -9.07 -24.71 19.05
C PRO B 354 -8.54 -25.83 19.95
N PRO B 355 -9.40 -26.75 20.37
CA PRO B 355 -8.97 -27.80 21.29
C PRO B 355 -8.29 -28.95 20.56
N SER B 356 -7.64 -29.79 21.35
CA SER B 356 -6.99 -31.00 20.85
C SER B 356 -7.27 -32.16 21.80
N GLN B 357 -6.57 -33.29 21.62
CA GLN B 357 -6.73 -34.41 22.54
C GLN B 357 -6.21 -34.04 23.91
N GLY B 358 -7.03 -34.25 24.94
CA GLY B 358 -6.73 -33.85 26.29
C GLY B 358 -7.26 -32.48 26.65
N ASP B 359 -7.65 -31.68 25.66
CA ASP B 359 -8.23 -30.36 25.90
C ASP B 359 -9.74 -30.43 25.73
N TYR B 360 -10.46 -29.89 26.71
CA TYR B 360 -11.91 -29.92 26.70
C TYR B 360 -12.53 -28.53 26.56
N HIS B 361 -11.74 -27.53 26.22
CA HIS B 361 -12.25 -26.18 26.07
C HIS B 361 -12.88 -26.01 24.68
N GLY B 362 -13.37 -24.80 24.41
CA GLY B 362 -14.02 -24.51 23.15
C GLY B 362 -15.53 -24.65 23.22
N CYS B 363 -16.16 -24.34 22.10
CA CYS B 363 -17.61 -24.41 21.99
C CYS B 363 -18.03 -25.77 21.48
N PRO B 364 -18.87 -26.52 22.21
CA PRO B 364 -19.29 -27.84 21.71
C PRO B 364 -19.97 -27.80 20.36
N PHE B 365 -20.75 -26.76 20.08
CA PHE B 365 -21.43 -26.66 18.79
C PHE B 365 -20.48 -26.33 17.66
N ARG B 366 -19.28 -25.82 17.97
CA ARG B 366 -18.30 -25.42 16.96
C ARG B 366 -17.22 -26.47 16.77
N HIS B 367 -16.54 -26.86 17.84
CA HIS B 367 -15.37 -27.73 17.73
C HIS B 367 -15.73 -29.20 17.84
N SER B 368 -16.64 -29.56 18.74
CA SER B 368 -16.97 -30.97 18.95
C SER B 368 -17.67 -31.54 17.72
N ASP B 369 -17.47 -32.84 17.49
CA ASP B 369 -18.06 -33.50 16.34
C ASP B 369 -19.58 -33.56 16.49
N PRO B 370 -20.30 -33.52 15.37
CA PRO B 370 -21.78 -33.57 15.46
C PRO B 370 -22.30 -34.82 16.15
N GLU B 371 -21.69 -35.99 15.91
CA GLU B 371 -22.14 -37.20 16.60
C GLU B 371 -21.89 -37.10 18.10
N LEU B 372 -20.70 -36.63 18.48
CA LEU B 372 -20.42 -36.37 19.88
C LEU B 372 -21.34 -35.30 20.43
N LEU B 373 -21.74 -34.34 19.59
CA LEU B 373 -22.67 -33.31 20.03
C LEU B 373 -24.03 -33.91 20.39
N LYS B 374 -24.55 -34.79 19.54
CA LYS B 374 -25.82 -35.45 19.85
C LYS B 374 -25.69 -36.33 21.08
N GLN B 375 -24.57 -37.06 21.20
CA GLN B 375 -24.36 -37.91 22.36
C GLN B 375 -24.33 -37.08 23.65
N LYS B 376 -23.70 -35.91 23.60
CA LYS B 376 -23.70 -35.01 24.75
C LYS B 376 -25.11 -34.53 25.06
N LEU B 377 -25.81 -33.97 24.06
CA LEU B 377 -27.11 -33.37 24.31
C LEU B 377 -28.13 -34.38 24.79
N GLN B 378 -27.99 -35.66 24.40
CA GLN B 378 -28.92 -36.66 24.90
C GLN B 378 -28.77 -36.87 26.40
N SER B 379 -27.60 -36.57 26.97
CA SER B 379 -27.40 -36.69 28.40
C SER B 379 -28.04 -35.54 29.19
N TYR B 380 -28.36 -34.43 28.52
CA TYR B 380 -28.94 -33.27 29.20
C TYR B 380 -30.46 -33.31 29.25
N LYS B 381 -31.09 -34.39 28.79
CA LYS B 381 -32.55 -34.50 28.70
C LYS B 381 -33.12 -33.44 27.77
N ILE B 382 -32.69 -33.51 26.50
CA ILE B 382 -33.11 -32.58 25.46
C ILE B 382 -34.06 -33.31 24.53
N SER B 383 -35.16 -32.64 24.17
CA SER B 383 -36.16 -33.25 23.31
C SER B 383 -35.57 -33.51 21.92
N PRO B 384 -35.96 -34.62 21.27
CA PRO B 384 -35.36 -34.93 19.95
C PRO B 384 -35.61 -33.88 18.89
N GLY B 385 -36.77 -33.23 18.90
CA GLY B 385 -37.01 -32.15 17.95
C GLY B 385 -36.06 -30.97 18.18
N GLY B 386 -35.84 -30.63 19.44
CA GLY B 386 -34.84 -29.62 19.74
C GLY B 386 -33.44 -30.03 19.32
N ILE B 387 -33.12 -31.32 19.44
CA ILE B 387 -31.83 -31.82 18.97
C ILE B 387 -31.70 -31.64 17.47
N SER B 388 -32.77 -31.96 16.72
CA SER B 388 -32.73 -31.79 15.28
C SER B 388 -32.58 -30.32 14.89
N GLN B 389 -33.32 -29.45 15.57
CA GLN B 389 -33.20 -28.01 15.27
C GLN B 389 -31.81 -27.49 15.59
N ILE B 390 -31.23 -27.92 16.71
CA ILE B 390 -29.89 -27.47 17.09
C ILE B 390 -28.88 -27.95 16.06
N LEU B 391 -29.00 -29.21 15.63
CA LEU B 391 -28.08 -29.72 14.62
C LEU B 391 -28.25 -29.00 13.29
N ASP B 392 -29.48 -28.62 12.94
CA ASP B 392 -29.71 -27.87 11.71
C ASP B 392 -29.04 -26.50 11.78
N LEU B 393 -29.18 -25.82 12.92
CA LEU B 393 -28.55 -24.50 13.05
C LEU B 393 -27.03 -24.60 13.11
N VAL B 394 -26.51 -25.69 13.68
CA VAL B 394 -25.05 -25.87 13.75
C VAL B 394 -24.46 -25.94 12.35
N LYS B 395 -25.18 -26.56 11.41
CA LYS B 395 -24.70 -26.64 10.03
C LYS B 395 -24.56 -25.26 9.42
N GLY B 396 -25.52 -24.36 9.69
CA GLY B 396 -25.47 -23.03 9.12
C GLY B 396 -24.62 -22.06 9.91
N THR B 397 -23.66 -22.59 10.68
CA THR B 397 -22.73 -21.81 11.49
C THR B 397 -23.44 -20.89 12.47
N HIS B 398 -24.66 -21.22 12.89
CA HIS B 398 -25.38 -20.45 13.89
C HIS B 398 -25.26 -21.13 15.25
N TYR B 399 -24.03 -21.12 15.77
CA TYR B 399 -23.76 -21.76 17.06
C TYR B 399 -24.43 -20.99 18.20
N GLN B 400 -24.30 -19.67 18.19
CA GLN B 400 -24.90 -18.88 19.26
C GLN B 400 -26.43 -18.93 19.21
N VAL B 401 -27.01 -19.02 18.01
CA VAL B 401 -28.46 -19.19 17.90
C VAL B 401 -28.87 -20.55 18.47
N ALA B 402 -28.06 -21.58 18.21
CA ALA B 402 -28.33 -22.88 18.79
C ALA B 402 -28.28 -22.83 20.30
N CYS B 403 -27.33 -22.09 20.87
CA CYS B 403 -27.27 -21.94 22.32
C CYS B 403 -28.46 -21.14 22.85
N GLN B 404 -28.94 -20.15 22.08
CA GLN B 404 -30.15 -19.43 22.47
C GLN B 404 -31.34 -20.39 22.56
N LYS B 405 -31.50 -21.24 21.55
CA LYS B 405 -32.56 -22.24 21.60
C LYS B 405 -32.36 -23.19 22.78
N TYR B 406 -31.11 -23.53 23.06
CA TYR B 406 -30.81 -24.39 24.21
C TYR B 406 -31.29 -23.76 25.51
N PHE B 407 -30.97 -22.48 25.71
CA PHE B 407 -31.40 -21.77 26.90
C PHE B 407 -32.93 -21.72 26.97
N GLU B 408 -33.57 -21.40 25.86
CA GLU B 408 -35.03 -21.27 25.84
C GLU B 408 -35.69 -22.59 26.17
N MET B 409 -35.15 -23.70 25.66
CA MET B 409 -35.72 -25.01 25.93
C MET B 409 -35.49 -25.45 27.36
N ILE B 410 -34.26 -25.29 27.85
CA ILE B 410 -33.94 -25.80 29.18
C ILE B 410 -34.66 -25.00 30.27
N HIS B 411 -34.83 -23.70 30.07
CA HIS B 411 -35.51 -22.87 31.06
C HIS B 411 -36.99 -22.68 30.74
N ASN B 412 -37.50 -23.37 29.72
CA ASN B 412 -38.93 -23.45 29.44
C ASN B 412 -39.53 -22.06 29.17
N VAL B 413 -38.95 -21.37 28.19
CA VAL B 413 -39.48 -20.10 27.70
C VAL B 413 -39.55 -20.17 26.18
N ASP B 414 -40.49 -19.42 25.62
CA ASP B 414 -40.61 -19.37 24.15
C ASP B 414 -39.53 -18.49 23.54
N ASP B 415 -39.20 -17.38 24.19
CA ASP B 415 -38.15 -16.48 23.72
C ASP B 415 -37.38 -15.97 24.93
N CYS B 416 -36.05 -16.07 24.86
CA CYS B 416 -35.21 -15.59 25.95
C CYS B 416 -35.26 -14.07 26.10
N GLY B 417 -35.72 -13.36 25.08
CA GLY B 417 -35.85 -11.92 25.15
C GLY B 417 -34.55 -11.16 24.93
N PHE B 418 -33.54 -11.80 24.35
CA PHE B 418 -32.25 -11.15 24.14
C PHE B 418 -31.49 -11.95 23.09
N SER B 419 -30.22 -11.57 22.88
CA SER B 419 -29.31 -12.29 22.01
C SER B 419 -28.03 -12.54 22.80
N LEU B 420 -27.74 -13.80 23.11
CA LEU B 420 -26.62 -14.11 23.98
C LEU B 420 -25.30 -13.98 23.23
N ASN B 421 -24.31 -13.40 23.91
CA ASN B 421 -22.97 -13.25 23.34
C ASN B 421 -21.88 -13.52 24.38
N HIS B 422 -22.23 -14.13 25.51
CA HIS B 422 -21.26 -14.34 26.59
C HIS B 422 -21.78 -15.41 27.54
N PRO B 423 -20.96 -16.42 27.88
CA PRO B 423 -21.42 -17.44 28.84
C PRO B 423 -21.78 -16.88 30.20
N ASN B 424 -21.05 -15.87 30.67
CA ASN B 424 -21.40 -15.23 31.94
C ASN B 424 -22.75 -14.56 31.85
N GLN B 425 -23.07 -13.97 30.69
CA GLN B 425 -24.40 -13.42 30.48
C GLN B 425 -25.45 -14.51 30.47
N PHE B 426 -25.13 -15.69 29.90
CA PHE B 426 -26.02 -16.84 30.00
C PHE B 426 -26.32 -17.18 31.45
N PHE B 427 -25.29 -17.25 32.29
CA PHE B 427 -25.49 -17.55 33.70
C PHE B 427 -26.31 -16.47 34.38
N CYS B 428 -26.02 -15.20 34.09
CA CYS B 428 -26.76 -14.11 34.73
C CYS B 428 -28.23 -14.13 34.35
N GLU B 429 -28.54 -14.39 33.09
CA GLU B 429 -29.93 -14.42 32.66
C GLU B 429 -30.64 -15.67 33.19
N SER B 430 -29.90 -16.76 33.38
CA SER B 430 -30.49 -17.93 34.03
C SER B 430 -30.77 -17.66 35.51
N GLN B 431 -29.92 -16.85 36.15
CA GLN B 431 -30.17 -16.47 37.53
C GLN B 431 -31.33 -15.49 37.66
N ARG B 432 -31.52 -14.65 36.64
CA ARG B 432 -32.62 -13.68 36.68
C ARG B 432 -33.98 -14.38 36.73
N ILE B 433 -34.18 -15.38 35.87
CA ILE B 433 -35.42 -16.14 35.89
C ILE B 433 -35.49 -17.00 37.14
N LEU B 434 -34.36 -17.61 37.53
CA LEU B 434 -34.26 -18.44 38.72
C LEU B 434 -35.27 -19.58 38.69
N GLU C 1 35.29 -18.90 -48.45
CA GLU C 1 36.66 -18.41 -48.56
C GLU C 1 37.51 -18.90 -47.39
N GLN C 2 37.13 -18.48 -46.18
CA GLN C 2 37.87 -18.85 -44.97
C GLN C 2 36.96 -18.63 -43.78
N VAL C 3 36.90 -19.62 -42.89
CA VAL C 3 36.00 -19.57 -41.73
C VAL C 3 36.60 -20.41 -40.61
N PHE C 4 36.50 -19.91 -39.38
CA PHE C 4 36.96 -20.67 -38.23
C PHE C 4 36.02 -20.45 -37.05
N HIS C 5 36.12 -21.38 -36.09
CA HIS C 5 35.22 -21.49 -34.96
C HIS C 5 35.89 -21.01 -33.68
N PHE C 6 35.08 -20.47 -32.77
CA PHE C 6 35.63 -20.09 -31.47
C PHE C 6 34.49 -20.00 -30.45
N TYR C 7 34.80 -20.35 -29.20
CA TYR C 7 33.79 -20.42 -28.13
C TYR C 7 33.86 -19.10 -27.35
N TRP C 8 32.96 -18.18 -27.67
CA TRP C 8 32.99 -16.87 -27.05
C TRP C 8 32.49 -16.93 -25.61
N LEU C 9 33.09 -16.08 -24.77
CA LEU C 9 32.73 -15.99 -23.35
C LEU C 9 32.41 -14.56 -22.92
N ASP C 10 33.13 -13.57 -23.44
CA ASP C 10 32.97 -12.18 -23.01
C ASP C 10 32.99 -11.26 -24.23
N ALA C 11 32.55 -10.03 -24.03
CA ALA C 11 32.50 -9.05 -25.09
C ALA C 11 32.76 -7.66 -24.50
N TYR C 12 33.24 -6.76 -25.35
CA TYR C 12 33.59 -5.41 -24.92
C TYR C 12 33.36 -4.44 -26.06
N GLU C 13 32.87 -3.24 -25.72
CA GLU C 13 32.65 -2.17 -26.69
C GLU C 13 33.07 -0.85 -26.08
N ASP C 14 33.52 0.08 -26.94
CA ASP C 14 33.98 1.40 -26.53
C ASP C 14 33.33 2.45 -27.44
N GLN C 15 32.18 2.95 -27.02
CA GLN C 15 31.48 3.96 -27.82
C GLN C 15 32.24 5.27 -27.87
N TYR C 16 32.87 5.66 -26.75
CA TYR C 16 33.54 6.96 -26.69
C TYR C 16 34.77 6.99 -27.57
N ASN C 17 35.50 5.88 -27.65
CA ASN C 17 36.78 5.84 -28.36
C ASN C 17 36.65 5.25 -29.77
N GLN C 18 36.10 4.04 -29.88
CA GLN C 18 35.99 3.34 -31.16
C GLN C 18 34.54 2.92 -31.37
N PRO C 19 33.69 3.83 -31.83
CA PRO C 19 32.28 3.48 -32.07
C PRO C 19 32.15 2.48 -33.22
N GLY C 20 31.13 1.64 -33.11
CA GLY C 20 30.85 0.67 -34.15
C GLY C 20 31.77 -0.54 -34.18
N VAL C 21 32.41 -0.87 -33.05
CA VAL C 21 33.29 -2.03 -32.97
C VAL C 21 32.89 -2.87 -31.77
N VAL C 22 33.15 -4.17 -31.86
CA VAL C 22 32.92 -5.09 -30.75
C VAL C 22 34.07 -6.09 -30.70
N PHE C 23 34.47 -6.47 -29.49
CA PHE C 23 35.57 -7.39 -29.24
C PHE C 23 34.99 -8.62 -28.54
N LEU C 24 35.01 -9.76 -29.22
CA LEU C 24 34.55 -11.02 -28.64
C LEU C 24 35.78 -11.82 -28.19
N PHE C 25 35.84 -12.11 -26.90
CA PHE C 25 36.94 -12.88 -26.32
C PHE C 25 36.44 -14.30 -26.05
N GLY C 26 37.21 -15.28 -26.47
CA GLY C 26 36.83 -16.66 -26.30
C GLY C 26 38.00 -17.60 -26.38
N LYS C 27 37.70 -18.89 -26.59
CA LYS C 27 38.70 -19.94 -26.65
C LYS C 27 38.64 -20.64 -28.00
N VAL C 28 39.81 -20.90 -28.57
CA VAL C 28 39.94 -21.58 -29.86
C VAL C 28 40.77 -22.83 -29.66
N TRP C 29 40.30 -23.94 -30.20
CA TRP C 29 41.03 -25.19 -30.16
C TRP C 29 42.09 -25.18 -31.26
N ILE C 30 43.36 -25.16 -30.85
CA ILE C 30 44.48 -25.15 -31.79
C ILE C 30 45.14 -26.52 -31.74
N GLU C 31 45.47 -27.05 -32.91
CA GLU C 31 46.05 -28.39 -32.99
C GLU C 31 47.52 -28.40 -32.60
N SER C 32 48.22 -27.28 -32.80
CA SER C 32 49.65 -27.22 -32.51
C SER C 32 49.93 -27.42 -31.02
N ALA C 33 49.16 -26.76 -30.16
CA ALA C 33 49.37 -26.84 -28.72
C ALA C 33 48.53 -27.91 -28.05
N GLU C 34 47.65 -28.59 -28.78
CA GLU C 34 46.80 -29.66 -28.24
C GLU C 34 45.92 -29.18 -27.10
N THR C 35 45.53 -27.90 -27.13
CA THR C 35 44.71 -27.33 -26.07
C THR C 35 44.01 -26.10 -26.60
N HIS C 36 43.00 -25.65 -25.86
CA HIS C 36 42.30 -24.42 -26.21
C HIS C 36 43.04 -23.22 -25.67
N VAL C 37 43.24 -22.23 -26.55
CA VAL C 37 43.97 -21.02 -26.20
C VAL C 37 43.02 -19.82 -26.32
N SER C 38 43.40 -18.73 -25.66
CA SER C 38 42.60 -17.53 -25.69
C SER C 38 42.66 -16.87 -27.06
N CYS C 39 41.61 -16.11 -27.38
CA CYS C 39 41.57 -15.39 -28.65
C CYS C 39 40.54 -14.28 -28.56
N CYS C 40 40.70 -13.29 -29.45
CA CYS C 40 39.77 -12.19 -29.58
C CYS C 40 39.48 -11.93 -31.05
N VAL C 41 38.25 -11.55 -31.35
CA VAL C 41 37.80 -11.24 -32.70
C VAL C 41 37.09 -9.90 -32.67
N MET C 42 37.46 -9.00 -33.57
CA MET C 42 36.81 -7.70 -33.67
C MET C 42 35.82 -7.68 -34.82
N VAL C 43 34.63 -7.17 -34.57
CA VAL C 43 33.60 -7.00 -35.58
C VAL C 43 33.31 -5.50 -35.71
N LYS C 44 33.42 -4.97 -36.92
CA LYS C 44 33.24 -3.56 -37.19
C LYS C 44 31.96 -3.34 -38.01
N ASN C 45 31.75 -2.08 -38.40
CA ASN C 45 30.57 -1.67 -39.15
C ASN C 45 29.27 -2.11 -38.47
N ILE C 46 29.07 -1.57 -37.26
CA ILE C 46 27.80 -1.69 -36.56
C ILE C 46 26.98 -0.47 -36.94
N GLU C 47 25.98 -0.66 -37.81
CA GLU C 47 25.20 0.45 -38.33
C GLU C 47 24.10 0.84 -37.35
N ARG C 48 24.09 2.09 -36.93
CA ARG C 48 22.98 2.63 -36.14
C ARG C 48 21.69 2.51 -36.94
N THR C 49 20.66 1.97 -36.30
CA THR C 49 19.35 1.78 -36.92
C THR C 49 18.31 2.58 -36.15
N LEU C 50 17.56 3.41 -36.87
CA LEU C 50 16.52 4.25 -36.28
C LEU C 50 15.21 4.01 -37.01
N TYR C 51 14.11 4.21 -36.28
CA TYR C 51 12.76 4.03 -36.81
C TYR C 51 12.01 5.35 -36.61
N PHE C 52 11.61 5.97 -37.72
CA PHE C 52 10.81 7.19 -37.69
C PHE C 52 9.34 6.84 -37.83
N LEU C 53 8.51 7.40 -36.96
CA LEU C 53 7.08 7.16 -36.98
C LEU C 53 6.38 8.29 -37.74
N PRO C 54 5.82 8.03 -38.92
CA PRO C 54 5.18 9.12 -39.67
C PRO C 54 3.91 9.60 -38.99
N ARG C 55 3.63 10.89 -39.17
CA ARG C 55 2.41 11.48 -38.64
C ARG C 55 1.23 11.15 -39.54
N GLU C 56 0.03 11.35 -39.01
CA GLU C 56 -1.20 11.18 -39.79
C GLU C 56 -1.43 12.33 -40.76
N MET C 57 -0.97 13.53 -40.43
CA MET C 57 -1.18 14.70 -41.27
C MET C 57 -0.11 15.74 -40.96
N LYS C 58 0.39 16.41 -42.00
CA LYS C 58 1.46 17.37 -41.84
C LYS C 58 1.01 18.55 -40.98
N ILE C 59 1.87 18.97 -40.07
CA ILE C 59 1.59 20.08 -39.16
C ILE C 59 2.73 21.09 -39.26
N ASP C 60 2.44 22.31 -38.81
CA ASP C 60 3.44 23.37 -38.71
C ASP C 60 3.94 23.42 -37.27
N LEU C 61 5.21 23.06 -37.07
CA LEU C 61 5.74 22.96 -35.71
C LEU C 61 5.80 24.32 -35.03
N ASN C 62 5.99 25.40 -35.80
CA ASN C 62 6.05 26.73 -35.21
C ASN C 62 4.73 27.10 -34.55
N THR C 63 3.61 26.77 -35.19
CA THR C 63 2.30 27.07 -34.64
C THR C 63 1.69 25.88 -33.92
N GLY C 64 1.66 24.71 -34.56
CA GLY C 64 1.12 23.53 -33.94
C GLY C 64 -0.27 23.17 -34.41
N LYS C 65 -0.51 23.26 -35.73
CA LYS C 65 -1.81 22.94 -36.29
C LYS C 65 -1.62 22.27 -37.65
N GLU C 66 -2.66 21.55 -38.07
CA GLU C 66 -2.62 20.78 -39.31
C GLU C 66 -2.57 21.70 -40.52
N THR C 67 -1.97 21.19 -41.60
CA THR C 67 -1.80 21.96 -42.83
C THR C 67 -2.68 21.48 -43.97
N GLY C 68 -3.51 20.46 -43.76
CA GLY C 68 -4.40 19.97 -44.80
C GLY C 68 -3.78 18.97 -45.76
N THR C 69 -2.52 18.59 -45.58
CA THR C 69 -1.86 17.65 -46.48
C THR C 69 -1.56 16.36 -45.74
N PRO C 70 -2.17 15.24 -46.12
CA PRO C 70 -1.84 13.96 -45.47
C PRO C 70 -0.37 13.60 -45.67
N ILE C 71 0.20 12.96 -44.65
CA ILE C 71 1.61 12.60 -44.65
C ILE C 71 1.77 11.19 -45.20
N SER C 72 2.60 11.04 -46.22
CA SER C 72 3.00 9.75 -46.75
C SER C 72 4.44 9.47 -46.33
N MET C 73 4.95 8.30 -46.75
CA MET C 73 6.32 7.95 -46.41
C MET C 73 7.34 8.80 -47.17
N LYS C 74 6.99 9.23 -48.39
CA LYS C 74 7.89 10.08 -49.15
C LYS C 74 8.12 11.41 -48.44
N ASP C 75 7.08 11.95 -47.80
CA ASP C 75 7.25 13.18 -47.04
C ASP C 75 8.24 13.00 -45.90
N VAL C 76 8.15 11.88 -45.19
CA VAL C 76 9.09 11.60 -44.12
C VAL C 76 10.51 11.47 -44.67
N TYR C 77 10.66 10.77 -45.80
CA TYR C 77 11.97 10.60 -46.40
C TYR C 77 12.57 11.94 -46.77
N GLU C 78 11.79 12.81 -47.42
CA GLU C 78 12.30 14.11 -47.82
C GLU C 78 12.63 14.98 -46.60
N GLU C 79 11.78 14.93 -45.57
CA GLU C 79 12.05 15.70 -44.37
C GLU C 79 13.37 15.28 -43.74
N PHE C 80 13.59 13.97 -43.61
CA PHE C 80 14.84 13.47 -43.04
C PHE C 80 16.03 13.86 -43.91
N ASP C 81 15.89 13.74 -45.24
CA ASP C 81 17.02 13.96 -46.12
C ASP C 81 17.41 15.44 -46.17
N GLU C 82 16.44 16.35 -46.21
CA GLU C 82 16.74 17.77 -46.33
C GLU C 82 16.94 18.47 -45.00
N LYS C 83 16.06 18.27 -44.02
CA LYS C 83 16.06 19.10 -42.83
C LYS C 83 16.72 18.46 -41.60
N ILE C 84 16.85 17.15 -41.56
CA ILE C 84 17.36 16.44 -40.39
C ILE C 84 18.80 15.96 -40.62
N ALA C 85 19.05 15.29 -41.76
CA ALA C 85 20.37 14.75 -42.01
C ALA C 85 21.43 15.85 -42.12
N THR C 86 21.10 16.93 -42.82
CA THR C 86 22.07 18.01 -43.01
C THR C 86 22.32 18.75 -41.70
N LYS C 87 21.28 18.94 -40.88
CA LYS C 87 21.43 19.66 -39.62
C LYS C 87 22.37 18.92 -38.67
N TYR C 88 22.28 17.60 -38.62
CA TYR C 88 23.05 16.80 -37.67
C TYR C 88 24.27 16.14 -38.32
N LYS C 89 24.66 16.59 -39.51
CA LYS C 89 25.91 16.19 -40.16
C LYS C 89 25.94 14.67 -40.39
N ILE C 90 25.02 14.23 -41.25
CA ILE C 90 24.96 12.84 -41.69
C ILE C 90 25.10 12.84 -43.21
N MET C 91 25.98 11.97 -43.72
CA MET C 91 26.30 11.95 -45.14
C MET C 91 25.73 10.75 -45.89
N LYS C 92 25.75 9.56 -45.28
CA LYS C 92 25.29 8.35 -45.93
C LYS C 92 24.37 7.57 -45.00
N PHE C 93 23.40 6.89 -45.60
CA PHE C 93 22.43 6.09 -44.85
C PHE C 93 21.69 5.17 -45.81
N LYS C 94 20.86 4.30 -45.25
CA LYS C 94 19.98 3.42 -46.01
C LYS C 94 18.58 3.52 -45.42
N SER C 95 17.59 3.72 -46.28
CA SER C 95 16.21 3.95 -45.84
C SER C 95 15.28 2.91 -46.47
N LYS C 96 14.41 2.34 -45.66
CA LYS C 96 13.44 1.34 -46.12
C LYS C 96 12.15 1.51 -45.33
N PRO C 97 11.02 1.00 -45.84
CA PRO C 97 9.81 0.93 -45.01
C PRO C 97 9.69 -0.42 -44.30
N VAL C 98 9.33 -0.42 -43.02
CA VAL C 98 9.16 -1.67 -42.28
C VAL C 98 7.92 -1.56 -41.39
N GLU C 99 7.13 -2.64 -41.35
CA GLU C 99 5.99 -2.71 -40.45
C GLU C 99 6.43 -3.24 -39.10
N LYS C 100 6.04 -2.55 -38.03
CA LYS C 100 6.55 -2.84 -36.70
C LYS C 100 5.44 -2.66 -35.67
N ASN C 101 5.50 -3.48 -34.62
CA ASN C 101 4.57 -3.41 -33.49
C ASN C 101 5.20 -2.64 -32.34
N TYR C 102 4.35 -2.21 -31.41
CA TYR C 102 4.81 -1.48 -30.24
C TYR C 102 3.72 -1.50 -29.19
N ALA C 103 4.03 -2.02 -28.01
CA ALA C 103 3.06 -2.18 -26.93
C ALA C 103 3.64 -1.69 -25.61
N PHE C 104 4.23 -0.50 -25.61
CA PHE C 104 4.95 -0.03 -24.44
C PHE C 104 4.47 1.35 -23.98
N GLU C 105 5.20 1.95 -23.03
CA GLU C 105 4.68 3.03 -22.20
C GLU C 105 4.97 4.43 -22.76
N ILE C 106 5.01 4.58 -24.07
CA ILE C 106 5.16 5.90 -24.69
C ILE C 106 3.79 6.31 -25.25
N PRO C 107 3.21 7.42 -24.80
CA PRO C 107 1.85 7.76 -25.22
C PRO C 107 1.76 8.09 -26.69
N ASP C 108 0.58 7.81 -27.26
CA ASP C 108 0.21 8.14 -28.64
C ASP C 108 1.21 7.47 -29.60
N VAL C 109 1.14 6.15 -29.60
CA VAL C 109 1.84 5.32 -30.57
C VAL C 109 0.92 4.18 -31.00
N PRO C 110 0.73 3.96 -32.30
CA PRO C 110 -0.06 2.80 -32.74
C PRO C 110 0.65 1.50 -32.40
N GLU C 111 -0.15 0.47 -32.18
CA GLU C 111 0.39 -0.86 -31.87
C GLU C 111 0.87 -1.60 -33.09
N LYS C 112 0.69 -1.05 -34.29
CA LYS C 112 1.23 -1.61 -35.51
C LYS C 112 1.26 -0.51 -36.55
N SER C 113 2.46 -0.19 -37.06
CA SER C 113 2.59 0.94 -37.97
C SER C 113 3.74 0.70 -38.93
N GLU C 114 3.70 1.42 -40.05
CA GLU C 114 4.77 1.36 -41.04
C GLU C 114 5.78 2.46 -40.71
N TYR C 115 6.84 2.09 -40.03
CA TYR C 115 7.92 3.01 -39.69
C TYR C 115 8.93 3.08 -40.84
N LEU C 116 9.73 4.14 -40.82
CA LEU C 116 10.83 4.31 -41.77
C LEU C 116 12.12 3.93 -41.05
N GLU C 117 12.78 2.87 -41.56
CA GLU C 117 14.02 2.37 -40.98
C GLU C 117 15.20 2.98 -41.72
N VAL C 118 16.06 3.69 -40.98
CA VAL C 118 17.25 4.32 -41.54
C VAL C 118 18.47 3.84 -40.78
N LYS C 119 19.45 3.32 -41.50
CA LYS C 119 20.68 2.81 -40.90
C LYS C 119 21.88 3.57 -41.45
N TYR C 120 22.71 4.08 -40.54
CA TYR C 120 23.90 4.84 -40.92
C TYR C 120 25.03 4.53 -39.95
N SER C 121 26.26 4.76 -40.42
CA SER C 121 27.44 4.32 -39.69
C SER C 121 27.55 5.02 -38.33
N ALA C 122 28.27 4.38 -37.42
CA ALA C 122 28.32 4.82 -36.02
C ALA C 122 29.16 6.08 -35.82
N GLU C 123 30.09 6.37 -36.73
CA GLU C 123 30.96 7.53 -36.52
C GLU C 123 30.19 8.84 -36.63
N MET C 124 29.08 8.85 -37.36
CA MET C 124 28.32 10.08 -37.54
C MET C 124 27.59 10.46 -36.25
N PRO C 125 27.28 11.74 -36.06
CA PRO C 125 26.68 12.18 -34.80
C PRO C 125 25.34 11.53 -34.53
N GLN C 126 25.06 11.37 -33.23
CA GLN C 126 23.83 10.73 -32.76
C GLN C 126 22.73 11.77 -32.61
N LEU C 127 21.56 11.47 -33.15
CA LEU C 127 20.43 12.38 -33.06
C LEU C 127 19.89 12.43 -31.63
N PRO C 128 19.23 13.53 -31.26
CA PRO C 128 18.64 13.61 -29.92
C PRO C 128 17.53 12.57 -29.72
N GLN C 129 17.33 12.19 -28.47
CA GLN C 129 16.31 11.19 -28.14
C GLN C 129 14.91 11.68 -28.48
N ASP C 130 14.62 12.95 -28.21
CA ASP C 130 13.29 13.52 -28.40
C ASP C 130 13.18 14.31 -29.69
N LEU C 131 13.85 13.85 -30.75
CA LEU C 131 13.76 14.52 -32.04
C LEU C 131 12.34 14.45 -32.58
N LYS C 132 11.85 15.58 -33.10
CA LYS C 132 10.52 15.66 -33.69
C LYS C 132 10.60 16.49 -34.96
N GLY C 133 9.64 16.24 -35.86
CA GLY C 133 9.60 16.95 -37.11
C GLY C 133 8.19 17.13 -37.66
N GLU C 134 8.08 17.79 -38.82
CA GLU C 134 6.76 18.02 -39.40
C GLU C 134 6.14 16.72 -39.90
N THR C 135 6.96 15.79 -40.39
CA THR C 135 6.45 14.56 -40.97
C THR C 135 6.58 13.34 -40.07
N PHE C 136 7.56 13.32 -39.16
CA PHE C 136 7.74 12.22 -38.24
C PHE C 136 7.45 12.67 -36.82
N SER C 137 6.73 11.83 -36.08
CA SER C 137 6.31 12.19 -34.73
C SER C 137 7.31 11.75 -33.67
N HIS C 138 7.99 10.62 -33.87
CA HIS C 138 8.93 10.12 -32.87
C HIS C 138 9.98 9.27 -33.56
N VAL C 139 11.13 9.12 -32.89
CA VAL C 139 12.25 8.37 -33.40
C VAL C 139 12.65 7.33 -32.35
N PHE C 140 12.80 6.08 -32.79
CA PHE C 140 13.18 4.98 -31.92
C PHE C 140 14.57 4.48 -32.31
N GLY C 141 15.41 4.24 -31.30
CA GLY C 141 16.73 3.70 -31.53
C GLY C 141 17.84 4.71 -31.67
N THR C 142 17.66 5.93 -31.18
CA THR C 142 18.69 6.96 -31.32
C THR C 142 19.93 6.63 -30.50
N ASN C 143 19.75 6.20 -29.25
CA ASN C 143 20.85 6.01 -28.32
C ASN C 143 21.18 4.53 -28.08
N THR C 144 20.78 3.66 -29.01
CA THR C 144 21.01 2.23 -28.84
C THR C 144 22.50 1.90 -28.87
N SER C 145 22.86 0.78 -28.26
CA SER C 145 24.25 0.38 -28.11
C SER C 145 24.60 -0.73 -29.10
N SER C 146 25.89 -0.78 -29.46
CA SER C 146 26.35 -1.72 -30.48
C SER C 146 26.22 -3.17 -30.03
N LEU C 147 26.54 -3.46 -28.77
CA LEU C 147 26.57 -4.84 -28.29
C LEU C 147 25.20 -5.48 -28.35
N GLU C 148 24.15 -4.73 -27.99
CA GLU C 148 22.81 -5.29 -28.02
C GLU C 148 22.37 -5.64 -29.44
N LEU C 149 22.62 -4.75 -30.40
CA LEU C 149 22.26 -5.04 -31.79
C LEU C 149 23.05 -6.23 -32.31
N PHE C 150 24.35 -6.31 -31.99
CA PHE C 150 25.12 -7.46 -32.45
C PHE C 150 24.59 -8.75 -31.85
N LEU C 151 24.22 -8.73 -30.56
CA LEU C 151 23.76 -9.94 -29.90
C LEU C 151 22.42 -10.41 -30.45
N MET C 152 21.45 -9.50 -30.55
CA MET C 152 20.11 -9.91 -30.95
C MET C 152 19.98 -10.13 -32.46
N ASN C 153 20.74 -9.40 -33.27
CA ASN C 153 20.64 -9.57 -34.72
C ASN C 153 21.12 -10.95 -35.15
N ARG C 154 22.21 -11.44 -34.55
CA ARG C 154 22.74 -12.76 -34.87
C ARG C 154 22.16 -13.86 -34.01
N LYS C 155 21.26 -13.52 -33.08
CA LYS C 155 20.59 -14.49 -32.21
C LYS C 155 21.58 -15.33 -31.42
N ILE C 156 22.52 -14.65 -30.77
CA ILE C 156 23.48 -15.31 -29.89
C ILE C 156 22.90 -15.31 -28.48
N LYS C 157 22.60 -16.49 -27.96
CA LYS C 157 21.97 -16.66 -26.65
C LYS C 157 22.98 -17.34 -25.73
N GLY C 158 23.73 -16.54 -25.00
CA GLY C 158 24.70 -17.04 -24.06
C GLY C 158 25.97 -17.50 -24.73
N PRO C 159 27.00 -17.81 -23.92
CA PRO C 159 28.26 -18.29 -24.49
C PRO C 159 28.07 -19.62 -25.22
N CYS C 160 28.58 -19.67 -26.44
CA CYS C 160 28.44 -20.84 -27.30
C CYS C 160 29.44 -20.72 -28.44
N TRP C 161 29.57 -21.78 -29.22
CA TRP C 161 30.48 -21.77 -30.36
C TRP C 161 29.95 -20.86 -31.45
N LEU C 162 30.85 -20.11 -32.07
CA LEU C 162 30.51 -19.20 -33.15
C LEU C 162 31.42 -19.45 -34.34
N GLU C 163 30.85 -19.30 -35.53
CA GLU C 163 31.57 -19.40 -36.79
C GLU C 163 31.78 -18.01 -37.36
N VAL C 164 33.00 -17.67 -37.72
CA VAL C 164 33.29 -16.40 -38.38
C VAL C 164 34.00 -16.68 -39.69
N LYS C 165 33.47 -16.08 -40.77
CA LYS C 165 33.96 -16.28 -42.12
C LYS C 165 34.79 -15.09 -42.57
N SER C 166 35.63 -15.32 -43.57
CA SER C 166 36.46 -14.30 -44.20
C SER C 166 37.22 -13.45 -43.18
N PRO C 167 38.09 -14.06 -42.37
CA PRO C 167 38.83 -13.28 -41.38
C PRO C 167 39.83 -12.35 -42.03
N GLN C 168 40.08 -11.22 -41.36
CA GLN C 168 41.08 -10.25 -41.77
C GLN C 168 42.17 -10.17 -40.72
N LEU C 169 43.37 -9.81 -41.15
CA LEU C 169 44.52 -9.71 -40.26
C LEU C 169 44.80 -8.26 -39.93
N LEU C 170 44.85 -7.94 -38.64
CA LEU C 170 45.07 -6.58 -38.19
C LEU C 170 46.48 -6.12 -38.48
N ASN C 171 46.65 -4.81 -38.62
CA ASN C 171 47.98 -4.24 -38.81
C ASN C 171 48.86 -4.50 -37.60
N GLN C 172 48.33 -4.30 -36.40
CA GLN C 172 49.05 -4.49 -35.15
C GLN C 172 48.18 -5.24 -34.16
N PRO C 173 48.77 -5.98 -33.22
CA PRO C 173 47.98 -6.63 -32.18
C PRO C 173 47.24 -5.61 -31.32
N VAL C 174 46.03 -5.97 -30.91
CA VAL C 174 45.19 -5.10 -30.10
C VAL C 174 44.80 -5.77 -28.78
N SER C 175 45.39 -6.91 -28.45
CA SER C 175 45.03 -7.63 -27.24
C SER C 175 46.18 -8.53 -26.81
N TRP C 176 46.12 -8.96 -25.56
CA TRP C 176 47.10 -9.89 -25.02
C TRP C 176 46.78 -11.34 -25.34
N CYS C 177 45.67 -11.60 -26.04
CA CYS C 177 45.27 -12.96 -26.38
C CYS C 177 46.27 -13.59 -27.35
N LYS C 178 46.28 -14.92 -27.39
CA LYS C 178 47.26 -15.63 -28.20
C LYS C 178 46.94 -15.57 -29.68
N ALA C 179 45.65 -15.48 -30.04
CA ALA C 179 45.23 -15.41 -31.43
C ALA C 179 44.26 -14.25 -31.61
N GLU C 180 44.28 -13.67 -32.81
CA GLU C 180 43.42 -12.54 -33.12
C GLU C 180 42.88 -12.68 -34.53
N ALA C 181 41.72 -12.06 -34.77
CA ALA C 181 41.10 -12.05 -36.08
C ALA C 181 40.18 -10.85 -36.18
N MET C 182 39.80 -10.52 -37.40
CA MET C 182 38.93 -9.38 -37.69
C MET C 182 37.75 -9.83 -38.53
N ALA C 183 36.56 -9.36 -38.15
CA ALA C 183 35.34 -9.57 -38.93
C ALA C 183 34.89 -8.22 -39.48
N LEU C 184 34.74 -8.15 -40.80
CA LEU C 184 34.41 -6.87 -41.43
C LEU C 184 32.96 -6.48 -41.16
N LYS C 185 32.04 -7.42 -41.23
CA LYS C 185 30.63 -7.10 -41.06
C LYS C 185 29.99 -8.05 -40.06
N PRO C 186 28.96 -7.58 -39.35
CA PRO C 186 28.28 -8.45 -38.38
C PRO C 186 27.70 -9.72 -38.99
N ASP C 187 27.18 -9.62 -40.21
CA ASP C 187 26.54 -10.77 -40.86
C ASP C 187 27.53 -11.85 -41.26
N LEU C 188 28.83 -11.64 -41.02
CA LEU C 188 29.84 -12.63 -41.33
C LEU C 188 30.08 -13.61 -40.19
N VAL C 189 29.37 -13.45 -39.07
CA VAL C 189 29.51 -14.30 -37.90
C VAL C 189 28.18 -15.01 -37.66
N ASN C 190 28.23 -16.34 -37.58
CA ASN C 190 27.05 -17.16 -37.36
C ASN C 190 27.29 -18.10 -36.18
N VAL C 191 26.18 -18.51 -35.56
CA VAL C 191 26.21 -19.26 -34.31
C VAL C 191 26.01 -20.75 -34.63
N ILE C 192 26.92 -21.58 -34.13
CA ILE C 192 26.84 -23.03 -34.26
C ILE C 192 26.75 -23.61 -32.86
N LYS C 193 25.72 -24.42 -32.62
CA LYS C 193 25.43 -24.89 -31.27
C LYS C 193 25.78 -26.36 -31.05
N ASP C 194 26.09 -27.11 -32.10
CA ASP C 194 26.32 -28.55 -32.00
C ASP C 194 27.79 -28.88 -31.78
N VAL C 195 28.43 -28.24 -30.80
CA VAL C 195 29.82 -28.51 -30.44
C VAL C 195 29.94 -28.46 -28.92
N SER C 196 30.74 -29.37 -28.36
CA SER C 196 30.92 -29.43 -26.92
C SER C 196 31.71 -28.22 -26.42
N PRO C 197 31.49 -27.80 -25.17
CA PRO C 197 32.21 -26.65 -24.63
C PRO C 197 33.59 -27.04 -24.12
N PRO C 198 34.55 -26.13 -24.17
CA PRO C 198 35.90 -26.44 -23.68
C PRO C 198 36.06 -26.04 -22.23
N PRO C 199 36.95 -26.71 -21.49
CA PRO C 199 37.23 -26.28 -20.11
C PRO C 199 38.01 -24.98 -20.07
N LEU C 200 37.83 -24.25 -18.97
CA LEU C 200 38.48 -22.96 -18.78
C LEU C 200 39.62 -23.08 -17.77
N VAL C 201 40.21 -21.94 -17.44
CA VAL C 201 41.25 -21.83 -16.43
C VAL C 201 40.72 -21.02 -15.26
N VAL C 202 40.84 -21.56 -14.06
CA VAL C 202 40.28 -20.95 -12.85
C VAL C 202 41.44 -20.42 -12.00
N MET C 203 41.30 -19.19 -11.52
CA MET C 203 42.33 -18.53 -10.73
C MET C 203 41.68 -17.89 -9.52
N ALA C 204 42.03 -18.36 -8.32
CA ALA C 204 41.60 -17.75 -7.08
C ALA C 204 42.79 -17.07 -6.42
N PHE C 205 42.53 -15.95 -5.75
CA PHE C 205 43.63 -15.24 -5.11
C PHE C 205 43.13 -14.49 -3.88
N SER C 206 44.04 -14.33 -2.91
CA SER C 206 43.77 -13.63 -1.66
C SER C 206 44.84 -12.58 -1.43
N MET C 207 44.41 -11.47 -0.82
CA MET C 207 45.23 -10.29 -0.62
C MET C 207 45.18 -9.85 0.83
N LYS C 208 46.27 -9.25 1.29
CA LYS C 208 46.34 -8.65 2.63
C LYS C 208 46.84 -7.23 2.50
N THR C 209 46.23 -6.33 3.27
CA THR C 209 46.51 -4.90 3.18
C THR C 209 46.81 -4.35 4.57
N MET C 210 47.52 -3.23 4.58
CA MET C 210 47.84 -2.52 5.82
C MET C 210 47.61 -1.03 5.62
N GLN C 211 46.92 -0.40 6.56
CA GLN C 211 46.75 1.04 6.51
C GLN C 211 48.08 1.75 6.73
N ASN C 212 48.33 2.78 5.94
CA ASN C 212 49.54 3.58 6.10
C ASN C 212 49.52 4.28 7.44
N ALA C 213 50.65 4.18 8.17
CA ALA C 213 50.77 4.89 9.44
C ALA C 213 50.71 6.40 9.22
N LYS C 214 51.39 6.90 8.17
CA LYS C 214 51.44 8.34 7.99
C LYS C 214 50.07 8.91 7.64
N ASN C 215 49.44 8.49 6.53
CA ASN C 215 48.17 9.08 6.15
C ASN C 215 47.35 8.25 5.15
N HIS C 216 46.20 7.71 5.58
CA HIS C 216 45.07 7.36 4.69
C HIS C 216 45.39 6.44 3.49
N GLN C 217 46.52 5.76 3.51
CA GLN C 217 46.83 4.88 2.40
C GLN C 217 46.71 3.42 2.83
N ASN C 218 46.31 2.57 1.89
CA ASN C 218 46.05 1.16 2.14
C ASN C 218 46.98 0.32 1.27
N GLU C 219 48.18 0.06 1.77
CA GLU C 219 49.21 -0.60 0.98
C GLU C 219 49.01 -2.11 0.99
N ILE C 220 49.58 -2.75 -0.03
CA ILE C 220 49.45 -4.19 -0.25
C ILE C 220 50.77 -4.85 0.10
N ILE C 221 50.71 -5.93 0.87
CA ILE C 221 51.92 -6.60 1.36
C ILE C 221 52.00 -8.07 0.97
N ALA C 222 50.90 -8.72 0.60
CA ALA C 222 50.96 -10.15 0.32
C ALA C 222 49.86 -10.55 -0.65
N MET C 223 50.20 -11.47 -1.56
CA MET C 223 49.26 -12.10 -2.48
C MET C 223 49.47 -13.61 -2.44
N ALA C 224 48.38 -14.36 -2.57
CA ALA C 224 48.49 -15.81 -2.62
C ALA C 224 47.41 -16.36 -3.54
N ALA C 225 47.81 -17.11 -4.57
CA ALA C 225 46.88 -17.52 -5.62
C ALA C 225 47.00 -19.02 -5.90
N LEU C 226 45.85 -19.61 -6.23
CA LEU C 226 45.74 -21.00 -6.65
C LEU C 226 45.14 -21.04 -8.05
N VAL C 227 45.66 -21.92 -8.90
CA VAL C 227 45.23 -21.98 -10.30
C VAL C 227 44.95 -23.41 -10.70
N HIS C 228 43.93 -23.59 -11.55
CA HIS C 228 43.61 -24.87 -12.15
C HIS C 228 43.46 -24.66 -13.65
N HIS C 229 44.21 -25.44 -14.44
CA HIS C 229 44.27 -25.21 -15.87
C HIS C 229 43.13 -25.84 -16.65
N SER C 230 42.37 -26.76 -16.04
CA SER C 230 41.27 -27.44 -16.73
C SER C 230 40.10 -27.57 -15.76
N PHE C 231 39.21 -26.58 -15.77
CA PHE C 231 38.00 -26.58 -14.97
C PHE C 231 36.80 -26.68 -15.91
N ALA C 232 36.03 -27.75 -15.77
CA ALA C 232 34.94 -28.03 -16.69
C ALA C 232 33.65 -27.36 -16.23
N LEU C 233 33.08 -26.53 -17.10
CA LEU C 233 31.80 -25.88 -16.78
C LEU C 233 30.66 -26.89 -16.76
N ASP C 234 30.73 -27.90 -17.63
CA ASP C 234 29.64 -28.84 -17.82
C ASP C 234 29.86 -30.16 -17.09
N LYS C 235 30.75 -30.18 -16.09
CA LYS C 235 31.00 -31.38 -15.31
C LYS C 235 31.17 -30.99 -13.85
N ALA C 236 31.44 -31.98 -13.01
CA ALA C 236 31.61 -31.75 -11.59
C ALA C 236 32.91 -31.01 -11.30
N ALA C 237 32.98 -30.41 -10.12
CA ALA C 237 34.18 -29.69 -9.72
C ALA C 237 35.35 -30.66 -9.55
N PRO C 238 36.49 -30.40 -10.17
CA PRO C 238 37.63 -31.31 -10.02
C PRO C 238 38.14 -31.33 -8.59
N LYS C 239 38.67 -32.49 -8.20
CA LYS C 239 39.26 -32.65 -6.87
C LYS C 239 40.72 -33.10 -6.99
N PRO C 240 41.68 -32.33 -6.48
CA PRO C 240 41.55 -31.02 -5.85
C PRO C 240 41.30 -29.92 -6.87
N PRO C 241 40.63 -28.83 -6.48
CA PRO C 241 40.31 -27.76 -7.43
C PRO C 241 41.50 -26.89 -7.84
N PHE C 242 42.73 -27.27 -7.50
CA PHE C 242 43.90 -26.48 -7.88
C PHE C 242 45.03 -27.43 -8.25
N GLN C 243 45.94 -26.93 -9.10
CA GLN C 243 47.09 -27.70 -9.55
C GLN C 243 48.41 -27.07 -9.11
N SER C 244 48.60 -25.77 -9.37
CA SER C 244 49.80 -25.07 -8.97
C SER C 244 49.43 -23.78 -8.23
N HIS C 245 50.45 -23.12 -7.69
CA HIS C 245 50.22 -21.95 -6.85
C HIS C 245 51.51 -21.13 -6.77
N PHE C 246 51.37 -19.91 -6.28
CA PHE C 246 52.52 -19.03 -6.06
C PHE C 246 52.17 -18.04 -4.95
N CYS C 247 53.21 -17.46 -4.35
CA CYS C 247 53.05 -16.50 -3.27
C CYS C 247 54.07 -15.38 -3.45
N VAL C 248 53.80 -14.25 -2.81
CA VAL C 248 54.68 -13.09 -2.85
C VAL C 248 54.43 -12.23 -1.61
N VAL C 249 55.51 -11.75 -0.99
CA VAL C 249 55.43 -10.98 0.25
C VAL C 249 56.42 -9.82 0.15
N SER C 250 56.03 -8.67 0.70
CA SER C 250 56.84 -7.46 0.61
C SER C 250 56.76 -6.68 1.92
N LYS C 251 57.75 -5.82 2.13
CA LYS C 251 57.79 -4.86 3.23
C LYS C 251 57.27 -3.51 2.75
N PRO C 252 56.26 -2.94 3.41
CA PRO C 252 55.55 -1.80 2.81
C PRO C 252 56.42 -0.57 2.55
N LYS C 253 56.87 0.11 3.60
CA LYS C 253 57.76 1.25 3.42
C LYS C 253 58.91 1.27 4.43
N ASP C 254 58.66 0.75 5.64
CA ASP C 254 59.54 0.98 6.78
C ASP C 254 60.16 -0.28 7.33
N CYS C 255 59.35 -1.30 7.63
CA CYS C 255 59.88 -2.52 8.23
C CYS C 255 60.77 -3.25 7.24
N ILE C 256 61.58 -4.16 7.76
CA ILE C 256 62.48 -4.96 6.96
C ILE C 256 62.21 -6.44 7.24
N PHE C 257 62.52 -7.27 6.26
CA PHE C 257 62.28 -8.70 6.42
C PHE C 257 63.18 -9.26 7.53
N PRO C 258 62.70 -10.24 8.29
CA PRO C 258 63.57 -10.88 9.27
C PRO C 258 64.76 -11.55 8.61
N TYR C 259 65.87 -11.60 9.33
CA TYR C 259 67.12 -12.08 8.76
C TYR C 259 66.98 -13.52 8.28
N ALA C 260 67.64 -13.82 7.16
CA ALA C 260 67.66 -15.14 6.53
C ALA C 260 66.29 -15.62 6.10
N PHE C 261 65.37 -14.69 5.80
CA PHE C 261 64.04 -15.09 5.36
C PHE C 261 64.10 -15.85 4.04
N LYS C 262 64.97 -15.41 3.12
CA LYS C 262 65.10 -16.07 1.84
C LYS C 262 65.54 -17.53 2.01
N GLU C 263 66.53 -17.77 2.88
CA GLU C 263 67.03 -19.12 3.08
C GLU C 263 65.97 -20.03 3.70
N VAL C 264 65.24 -19.53 4.70
CA VAL C 264 64.17 -20.32 5.30
C VAL C 264 63.07 -20.60 4.29
N ILE C 265 62.80 -19.65 3.40
CA ILE C 265 61.84 -19.88 2.33
C ILE C 265 62.31 -21.00 1.41
N GLU C 266 63.60 -20.99 1.06
CA GLU C 266 64.12 -22.03 0.17
C GLU C 266 64.13 -23.40 0.84
N LYS C 267 64.35 -23.45 2.16
CA LYS C 267 64.40 -24.74 2.84
C LYS C 267 63.04 -25.43 2.83
N LYS C 268 61.96 -24.68 3.03
CA LYS C 268 60.62 -25.25 3.17
C LYS C 268 59.86 -25.30 1.85
N ASN C 269 60.59 -25.35 0.72
CA ASN C 269 60.09 -25.55 -0.64
C ASN C 269 58.71 -24.91 -0.89
N VAL C 270 58.55 -23.66 -0.48
CA VAL C 270 57.31 -22.92 -0.66
C VAL C 270 57.53 -21.92 -1.79
N LYS C 271 56.62 -21.92 -2.76
CA LYS C 271 56.74 -21.05 -3.93
C LYS C 271 56.30 -19.63 -3.57
N VAL C 272 57.19 -18.95 -2.85
CA VAL C 272 56.98 -17.56 -2.44
C VAL C 272 58.17 -16.75 -2.96
N GLU C 273 57.89 -15.72 -3.75
CA GLU C 273 58.91 -14.84 -4.29
C GLU C 273 58.88 -13.53 -3.50
N VAL C 274 59.95 -13.25 -2.77
CA VAL C 274 60.01 -12.04 -1.94
C VAL C 274 60.27 -10.83 -2.82
N ALA C 275 59.48 -9.77 -2.63
CA ALA C 275 59.64 -8.53 -3.35
C ALA C 275 60.04 -7.42 -2.39
N ALA C 276 61.05 -6.64 -2.79
CA ALA C 276 61.56 -5.58 -1.93
C ALA C 276 60.60 -4.40 -1.83
N THR C 277 59.74 -4.21 -2.84
CA THR C 277 58.85 -3.07 -2.90
C THR C 277 57.48 -3.52 -3.37
N GLU C 278 56.46 -2.74 -3.01
CA GLU C 278 55.10 -3.02 -3.49
C GLU C 278 55.03 -2.97 -5.01
N ARG C 279 55.83 -2.10 -5.64
CA ARG C 279 55.85 -2.04 -7.09
C ARG C 279 56.32 -3.35 -7.70
N THR C 280 57.35 -3.95 -7.12
CA THR C 280 57.82 -5.26 -7.60
C THR C 280 56.76 -6.33 -7.40
N LEU C 281 56.04 -6.28 -6.27
CA LEU C 281 54.97 -7.23 -6.01
C LEU C 281 53.88 -7.11 -7.08
N LEU C 282 53.47 -5.88 -7.39
CA LEU C 282 52.44 -5.68 -8.41
C LEU C 282 52.91 -6.12 -9.78
N GLY C 283 54.17 -5.83 -10.12
CA GLY C 283 54.70 -6.29 -11.39
C GLY C 283 54.73 -7.81 -11.49
N PHE C 284 55.13 -8.48 -10.39
CA PHE C 284 55.13 -9.94 -10.38
C PHE C 284 53.73 -10.49 -10.55
N PHE C 285 52.73 -9.91 -9.87
CA PHE C 285 51.35 -10.37 -10.02
C PHE C 285 50.87 -10.17 -11.45
N LEU C 286 51.16 -9.01 -12.05
CA LEU C 286 50.73 -8.76 -13.42
C LEU C 286 51.38 -9.73 -14.39
N ALA C 287 52.67 -10.00 -14.21
CA ALA C 287 53.36 -10.96 -15.08
C ALA C 287 52.75 -12.36 -14.94
N LYS C 288 52.48 -12.78 -13.70
CA LYS C 288 51.87 -14.10 -13.48
C LYS C 288 50.50 -14.19 -14.16
N VAL C 289 49.67 -13.16 -14.01
CA VAL C 289 48.35 -13.17 -14.62
C VAL C 289 48.47 -13.21 -16.14
N HIS C 290 49.37 -12.41 -16.71
CA HIS C 290 49.53 -12.37 -18.16
C HIS C 290 50.02 -13.71 -18.70
N LYS C 291 50.93 -14.36 -17.98
CA LYS C 291 51.46 -15.64 -18.48
C LYS C 291 50.43 -16.75 -18.34
N ILE C 292 49.75 -16.84 -17.20
CA ILE C 292 48.73 -17.87 -17.01
C ILE C 292 47.53 -17.59 -17.90
N ASP C 293 47.07 -16.34 -17.93
CA ASP C 293 45.90 -15.90 -18.68
C ASP C 293 44.66 -16.71 -18.30
N PRO C 294 44.17 -16.58 -17.08
CA PRO C 294 42.92 -17.27 -16.72
C PRO C 294 41.71 -16.59 -17.33
N ASP C 295 40.64 -17.37 -17.50
CA ASP C 295 39.39 -16.84 -17.99
C ASP C 295 38.54 -16.26 -16.87
N ILE C 296 38.56 -16.89 -15.71
CA ILE C 296 37.75 -16.48 -14.56
C ILE C 296 38.66 -16.30 -13.35
N ILE C 297 38.50 -15.19 -12.65
CA ILE C 297 39.22 -14.89 -11.43
C ILE C 297 38.21 -14.84 -10.29
N VAL C 298 38.42 -15.66 -9.27
CA VAL C 298 37.46 -15.84 -8.19
C VAL C 298 38.07 -15.37 -6.87
N GLY C 299 37.34 -14.51 -6.16
CA GLY C 299 37.82 -13.98 -4.90
C GLY C 299 36.66 -13.55 -4.04
N HIS C 300 37.00 -12.97 -2.89
CA HIS C 300 36.01 -12.50 -1.92
C HIS C 300 36.10 -10.99 -1.81
N ASN C 301 34.94 -10.33 -1.80
CA ASN C 301 34.85 -8.88 -1.64
C ASN C 301 35.66 -8.14 -2.70
N ILE C 302 35.67 -8.68 -3.92
CA ILE C 302 36.43 -8.06 -5.00
C ILE C 302 35.77 -6.77 -5.45
N TYR C 303 34.44 -6.79 -5.63
CA TYR C 303 33.73 -5.67 -6.21
C TYR C 303 33.39 -4.58 -5.20
N GLY C 304 33.75 -4.76 -3.94
CA GLY C 304 33.52 -3.73 -2.95
C GLY C 304 34.75 -3.38 -2.13
N PHE C 305 35.93 -3.73 -2.64
CA PHE C 305 37.17 -3.53 -1.91
C PHE C 305 38.40 -3.85 -2.75
N GLU C 306 38.67 -5.14 -2.95
CA GLU C 306 40.00 -5.57 -3.39
C GLU C 306 40.34 -5.04 -4.77
N LEU C 307 39.38 -5.02 -5.70
CA LEU C 307 39.67 -4.59 -7.06
C LEU C 307 40.08 -3.13 -7.10
N GLU C 308 39.32 -2.26 -6.42
CA GLU C 308 39.65 -0.83 -6.41
C GLU C 308 40.99 -0.58 -5.73
N VAL C 309 41.27 -1.31 -4.63
CA VAL C 309 42.54 -1.15 -3.95
C VAL C 309 43.69 -1.56 -4.86
N LEU C 310 43.55 -2.69 -5.55
CA LEU C 310 44.60 -3.14 -6.46
C LEU C 310 44.84 -2.14 -7.58
N LEU C 311 43.76 -1.64 -8.17
CA LEU C 311 43.90 -0.65 -9.24
C LEU C 311 44.57 0.62 -8.74
N GLN C 312 44.18 1.09 -7.55
CA GLN C 312 44.76 2.31 -7.01
C GLN C 312 46.24 2.13 -6.71
N ARG C 313 46.64 0.99 -6.13
CA ARG C 313 48.05 0.80 -5.85
C ARG C 313 48.86 0.53 -7.10
N ILE C 314 48.25 0.01 -8.17
CA ILE C 314 48.94 -0.11 -9.44
C ILE C 314 49.17 1.28 -10.05
N ASN C 315 48.14 2.13 -10.01
CA ASN C 315 48.27 3.48 -10.57
C ASN C 315 49.26 4.32 -9.78
N VAL C 316 49.23 4.23 -8.45
CA VAL C 316 50.07 5.08 -7.62
C VAL C 316 51.55 4.75 -7.83
N CYS C 317 51.89 3.47 -7.85
CA CYS C 317 53.27 3.05 -8.00
C CYS C 317 53.74 3.03 -9.46
N LYS C 318 52.84 3.31 -10.40
CA LYS C 318 53.15 3.29 -11.83
C LYS C 318 53.75 1.95 -12.25
N ALA C 319 53.03 0.88 -11.90
CA ALA C 319 53.46 -0.45 -12.27
C ALA C 319 53.40 -0.61 -13.79
N PRO C 320 54.33 -1.35 -14.39
CA PRO C 320 54.35 -1.48 -15.85
C PRO C 320 53.22 -2.38 -16.35
N HIS C 321 52.55 -1.93 -17.41
CA HIS C 321 51.54 -2.71 -18.12
C HIS C 321 50.40 -3.12 -17.18
N TRP C 322 49.67 -2.11 -16.72
CA TRP C 322 48.47 -2.36 -15.93
C TRP C 322 47.44 -3.15 -16.73
N SER C 323 47.40 -2.96 -18.05
CA SER C 323 46.42 -3.61 -18.90
C SER C 323 46.57 -5.12 -18.91
N LYS C 324 47.68 -5.65 -18.41
CA LYS C 324 47.83 -7.10 -18.26
C LYS C 324 46.83 -7.68 -17.26
N ILE C 325 46.19 -6.82 -16.45
CA ILE C 325 45.13 -7.31 -15.57
C ILE C 325 43.92 -7.76 -16.37
N GLY C 326 43.76 -7.30 -17.61
CA GLY C 326 42.66 -7.72 -18.45
C GLY C 326 43.13 -8.46 -19.70
N ARG C 327 42.51 -8.18 -20.84
CA ARG C 327 42.89 -8.82 -22.09
C ARG C 327 43.05 -7.83 -23.24
N LEU C 328 42.69 -6.56 -23.07
CA LEU C 328 42.78 -5.56 -24.12
C LEU C 328 43.84 -4.53 -23.75
N LYS C 329 44.67 -4.17 -24.72
CA LYS C 329 45.71 -3.18 -24.49
C LYS C 329 45.10 -1.79 -24.46
N ARG C 330 45.17 -1.14 -23.29
CA ARG C 330 44.65 0.21 -23.11
C ARG C 330 45.72 1.08 -22.47
N SER C 331 45.60 2.39 -22.69
CA SER C 331 46.60 3.34 -22.23
C SER C 331 46.18 4.02 -20.92
N ASN C 332 45.00 4.63 -20.90
CA ASN C 332 44.53 5.38 -19.74
C ASN C 332 43.59 4.53 -18.90
N MET C 333 43.78 4.58 -17.58
CA MET C 333 42.96 3.81 -16.65
C MET C 333 41.94 4.73 -15.99
N PRO C 334 40.64 4.53 -16.23
CA PRO C 334 39.64 5.38 -15.57
C PRO C 334 39.54 5.06 -14.09
N LYS C 335 39.08 6.05 -13.33
CA LYS C 335 38.90 5.89 -11.89
C LYS C 335 37.46 5.51 -11.57
N GLY C 343 34.69 3.57 -13.86
CA GLY C 343 35.08 2.56 -14.83
C GLY C 343 35.71 1.34 -14.18
N GLU C 344 35.24 1.00 -12.97
CA GLU C 344 35.77 -0.14 -12.26
C GLU C 344 35.42 -1.45 -12.97
N ARG C 345 34.21 -1.55 -13.52
CA ARG C 345 33.78 -2.78 -14.18
C ARG C 345 34.60 -3.07 -15.43
N ASN C 346 34.87 -2.04 -16.23
CA ASN C 346 35.55 -2.21 -17.52
C ASN C 346 37.05 -2.37 -17.37
N ALA C 347 37.60 -2.22 -16.16
CA ALA C 347 39.05 -2.27 -15.99
C ALA C 347 39.61 -3.64 -16.32
N THR C 348 38.89 -4.70 -15.96
CA THR C 348 39.35 -6.08 -16.15
C THR C 348 38.67 -6.75 -17.34
N CYS C 349 38.45 -6.01 -18.42
CA CYS C 349 37.79 -6.57 -19.60
C CYS C 349 38.57 -7.74 -20.17
N GLY C 350 37.85 -8.75 -20.63
CA GLY C 350 38.44 -9.98 -21.13
C GLY C 350 38.41 -11.12 -20.15
N ARG C 351 38.24 -10.84 -18.86
CA ARG C 351 38.15 -11.85 -17.83
C ARG C 351 36.92 -11.61 -16.98
N MET C 352 36.26 -12.68 -16.57
CA MET C 352 35.10 -12.58 -15.69
C MET C 352 35.52 -12.75 -14.24
N ILE C 353 35.12 -11.81 -13.40
CA ILE C 353 35.41 -11.84 -11.98
C ILE C 353 34.24 -12.47 -11.26
N CYS C 354 34.52 -13.49 -10.44
CA CYS C 354 33.50 -14.22 -9.71
C CYS C 354 33.64 -13.88 -8.23
N ASP C 355 32.75 -13.01 -7.74
CA ASP C 355 32.69 -12.67 -6.32
C ASP C 355 31.84 -13.71 -5.62
N VAL C 356 32.46 -14.52 -4.76
CA VAL C 356 31.73 -15.58 -4.08
C VAL C 356 30.72 -15.01 -3.10
N GLU C 357 31.02 -13.84 -2.52
CA GLU C 357 30.09 -13.22 -1.59
C GLU C 357 28.77 -12.87 -2.27
N ILE C 358 28.84 -12.33 -3.49
CA ILE C 358 27.63 -11.94 -4.21
C ILE C 358 26.77 -13.16 -4.53
N SER C 359 27.40 -14.23 -5.00
CA SER C 359 26.65 -15.45 -5.28
C SER C 359 26.08 -16.06 -4.01
N ALA C 360 26.80 -15.96 -2.89
CA ALA C 360 26.27 -16.45 -1.63
C ALA C 360 25.03 -15.68 -1.22
N LYS C 361 25.05 -14.35 -1.36
CA LYS C 361 23.85 -13.57 -1.09
C LYS C 361 22.72 -13.97 -2.03
N GLU C 362 23.04 -14.20 -3.30
CA GLU C 362 22.00 -14.55 -4.27
C GLU C 362 21.48 -15.97 -4.10
N LEU C 363 22.17 -16.81 -3.34
CA LEU C 363 21.83 -18.22 -3.26
C LEU C 363 21.51 -18.73 -1.86
N ILE C 364 22.24 -18.28 -0.84
CA ILE C 364 22.13 -18.85 0.51
C ILE C 364 21.79 -17.74 1.49
N ARG C 365 20.82 -18.01 2.36
CA ARG C 365 20.44 -17.08 3.43
C ARG C 365 21.33 -17.30 4.64
N CYS C 366 21.80 -16.20 5.23
CA CYS C 366 22.67 -16.27 6.39
C CYS C 366 22.62 -14.93 7.14
N LYS C 367 23.14 -14.95 8.36
CA LYS C 367 23.17 -13.72 9.17
C LYS C 367 24.10 -12.68 8.58
N SER C 368 25.26 -13.10 8.09
CA SER C 368 26.23 -12.19 7.50
C SER C 368 27.10 -12.97 6.53
N TYR C 369 27.53 -12.31 5.46
CA TYR C 369 28.24 -12.96 4.37
C TYR C 369 29.74 -12.65 4.39
N HIS C 370 30.32 -12.52 5.58
CA HIS C 370 31.76 -12.42 5.68
C HIS C 370 32.38 -13.79 5.45
N LEU C 371 33.70 -13.80 5.23
CA LEU C 371 34.38 -15.05 4.90
C LEU C 371 34.31 -16.03 6.06
N SER C 372 34.47 -15.54 7.29
CA SER C 372 34.46 -16.43 8.46
C SER C 372 33.11 -17.11 8.61
N GLU C 373 32.02 -16.34 8.56
CA GLU C 373 30.69 -16.94 8.67
C GLU C 373 30.39 -17.85 7.49
N LEU C 374 30.82 -17.47 6.29
CA LEU C 374 30.58 -18.29 5.11
C LEU C 374 31.26 -19.65 5.22
N VAL C 375 32.52 -19.66 5.67
CA VAL C 375 33.21 -20.93 5.82
C VAL C 375 32.69 -21.69 7.03
N GLN C 376 32.12 -20.99 8.01
CA GLN C 376 31.53 -21.66 9.16
C GLN C 376 30.23 -22.37 8.79
N GLN C 377 29.46 -21.79 7.87
CA GLN C 377 28.17 -22.37 7.48
C GLN C 377 28.31 -23.34 6.31
N ILE C 378 28.81 -22.84 5.17
CA ILE C 378 28.88 -23.66 3.97
C ILE C 378 29.92 -24.77 4.13
N LEU C 379 31.11 -24.43 4.61
CA LEU C 379 32.20 -25.40 4.72
C LEU C 379 32.29 -26.03 6.10
N LYS C 380 31.63 -25.46 7.11
CA LYS C 380 31.64 -25.99 8.47
C LYS C 380 33.06 -26.10 9.02
N THR C 381 33.88 -25.08 8.73
CA THR C 381 35.25 -25.04 9.19
C THR C 381 35.57 -23.64 9.70
N GLU C 382 36.24 -23.57 10.85
CA GLU C 382 36.58 -22.29 11.44
C GLU C 382 37.68 -21.59 10.64
N ARG C 383 37.70 -20.27 10.75
CA ARG C 383 38.71 -19.46 10.06
C ARG C 383 39.16 -18.36 11.00
N VAL C 384 40.45 -18.38 11.38
CA VAL C 384 41.00 -17.34 12.22
C VAL C 384 41.08 -16.04 11.43
N VAL C 385 40.93 -14.91 12.14
CA VAL C 385 40.99 -13.59 11.55
C VAL C 385 42.17 -12.85 12.15
N ILE C 386 43.00 -12.25 11.29
CA ILE C 386 44.18 -11.52 11.71
C ILE C 386 43.84 -10.03 11.71
N PRO C 387 43.79 -9.37 12.85
CA PRO C 387 43.53 -7.92 12.86
C PRO C 387 44.65 -7.16 12.17
N MET C 388 44.29 -6.01 11.59
CA MET C 388 45.28 -5.21 10.87
C MET C 388 46.32 -4.64 11.81
N GLU C 389 45.99 -4.47 13.09
CA GLU C 389 46.94 -3.92 14.04
C GLU C 389 48.08 -4.89 14.35
N ASN C 390 47.76 -6.20 14.37
CA ASN C 390 48.76 -7.20 14.72
C ASN C 390 49.76 -7.44 13.60
N ILE C 391 49.46 -6.99 12.38
CA ILE C 391 50.24 -7.40 11.21
C ILE C 391 51.67 -6.88 11.30
N GLN C 392 51.84 -5.62 11.70
CA GLN C 392 53.17 -5.03 11.72
C GLN C 392 54.08 -5.74 12.71
N ASN C 393 53.52 -6.24 13.81
CA ASN C 393 54.32 -6.99 14.77
C ASN C 393 54.80 -8.30 14.20
N MET C 394 54.02 -8.91 13.29
CA MET C 394 54.40 -10.19 12.69
C MET C 394 55.59 -10.07 11.75
N TYR C 395 56.00 -8.86 11.39
CA TYR C 395 57.12 -8.65 10.49
C TYR C 395 58.47 -8.72 11.19
N SER C 396 58.49 -8.87 12.51
CA SER C 396 59.72 -8.87 13.28
C SER C 396 60.32 -10.26 13.46
N GLU C 397 59.64 -11.31 12.99
CA GLU C 397 60.14 -12.67 13.14
C GLU C 397 59.67 -13.50 11.96
N SER C 398 60.53 -14.45 11.56
CA SER C 398 60.27 -15.24 10.35
C SER C 398 59.02 -16.10 10.50
N SER C 399 58.83 -16.71 11.67
CA SER C 399 57.70 -17.64 11.85
C SER C 399 56.37 -16.91 11.73
N GLN C 400 56.26 -15.70 12.26
CA GLN C 400 55.01 -14.96 12.17
C GLN C 400 54.69 -14.57 10.73
N LEU C 401 55.70 -14.14 9.96
CA LEU C 401 55.47 -13.82 8.56
C LEU C 401 55.10 -15.06 7.76
N LEU C 402 55.73 -16.19 8.06
CA LEU C 402 55.36 -17.45 7.42
C LEU C 402 53.92 -17.82 7.76
N TYR C 403 53.50 -17.60 9.00
CA TYR C 403 52.11 -17.84 9.38
C TYR C 403 51.16 -16.92 8.63
N LEU C 404 51.57 -15.67 8.41
CA LEU C 404 50.74 -14.76 7.63
C LEU C 404 50.58 -15.25 6.20
N LEU C 405 51.67 -15.72 5.59
CA LEU C 405 51.59 -16.26 4.24
C LEU C 405 50.71 -17.50 4.20
N GLU C 406 50.83 -18.36 5.21
CA GLU C 406 49.96 -19.55 5.29
C GLU C 406 48.50 -19.13 5.44
N HIS C 407 48.23 -18.08 6.21
CA HIS C 407 46.87 -17.58 6.35
C HIS C 407 46.32 -17.12 5.00
N THR C 408 47.13 -16.39 4.22
CA THR C 408 46.68 -15.98 2.90
C THR C 408 46.40 -17.18 2.00
N TRP C 409 47.28 -18.18 2.04
CA TRP C 409 47.09 -19.37 1.23
C TRP C 409 45.80 -20.10 1.60
N LYS C 410 45.57 -20.27 2.90
CA LYS C 410 44.34 -20.93 3.35
C LYS C 410 43.11 -20.12 2.99
N ASP C 411 43.20 -18.79 3.06
CA ASP C 411 42.08 -17.96 2.65
C ASP C 411 41.74 -18.19 1.18
N ALA C 412 42.76 -18.19 0.31
CA ALA C 412 42.52 -18.42 -1.11
C ALA C 412 41.92 -19.80 -1.35
N LYS C 413 42.44 -20.81 -0.67
CA LYS C 413 41.90 -22.16 -0.80
C LYS C 413 40.45 -22.21 -0.33
N PHE C 414 40.12 -21.44 0.71
CA PHE C 414 38.75 -21.42 1.22
C PHE C 414 37.80 -20.77 0.23
N ILE C 415 38.21 -19.68 -0.42
CA ILE C 415 37.36 -19.10 -1.45
C ILE C 415 37.16 -20.08 -2.59
N LEU C 416 38.22 -20.76 -3.00
CA LEU C 416 38.09 -21.76 -4.07
C LEU C 416 37.11 -22.87 -3.68
N GLN C 417 37.25 -23.37 -2.46
CA GLN C 417 36.37 -24.45 -2.00
C GLN C 417 34.91 -24.00 -1.92
N ILE C 418 34.68 -22.78 -1.40
CA ILE C 418 33.31 -22.31 -1.26
C ILE C 418 32.69 -22.07 -2.63
N MET C 419 33.49 -21.58 -3.59
CA MET C 419 32.98 -21.44 -4.95
C MET C 419 32.64 -22.79 -5.55
N CYS C 420 33.47 -23.81 -5.31
CA CYS C 420 33.20 -25.13 -5.87
C CYS C 420 31.97 -25.77 -5.24
N GLU C 421 31.74 -25.52 -3.94
CA GLU C 421 30.61 -26.17 -3.26
C GLU C 421 29.27 -25.71 -3.81
N LEU C 422 29.11 -24.42 -4.07
CA LEU C 422 27.84 -23.88 -4.53
C LEU C 422 27.61 -24.06 -6.02
N ASN C 423 28.59 -24.57 -6.76
CA ASN C 423 28.50 -24.72 -8.22
C ASN C 423 28.15 -23.40 -8.88
N VAL C 424 28.94 -22.37 -8.55
CA VAL C 424 28.65 -21.02 -9.03
C VAL C 424 28.81 -20.96 -10.55
N LEU C 425 29.87 -21.55 -11.08
CA LEU C 425 30.15 -21.50 -12.51
C LEU C 425 29.10 -22.23 -13.35
N PRO C 426 28.73 -23.48 -13.02
CA PRO C 426 27.65 -24.13 -13.80
C PRO C 426 26.33 -23.39 -13.68
N LEU C 427 25.99 -22.88 -12.50
CA LEU C 427 24.76 -22.11 -12.34
C LEU C 427 24.78 -20.88 -13.24
N ALA C 428 25.90 -20.16 -13.25
CA ALA C 428 26.00 -18.97 -14.08
C ALA C 428 25.90 -19.31 -15.56
N LEU C 429 26.57 -20.39 -15.99
CA LEU C 429 26.51 -20.79 -17.38
C LEU C 429 25.09 -21.13 -17.80
N GLN C 430 24.38 -21.91 -16.98
CA GLN C 430 23.02 -22.28 -17.33
C GLN C 430 22.10 -21.06 -17.33
N ILE C 431 22.24 -20.17 -16.34
CA ILE C 431 21.37 -19.01 -16.26
C ILE C 431 21.58 -18.10 -17.46
N THR C 432 22.84 -17.88 -17.87
CA THR C 432 23.10 -17.03 -19.02
C THR C 432 22.73 -17.74 -20.32
N ASN C 433 22.65 -19.07 -20.30
CA ASN C 433 22.17 -19.77 -21.49
C ASN C 433 20.66 -19.62 -21.65
N ILE C 434 19.89 -19.75 -20.57
CA ILE C 434 18.45 -19.55 -20.67
C ILE C 434 18.12 -18.08 -20.95
N ALA C 435 18.73 -17.17 -20.19
CA ALA C 435 18.42 -15.75 -20.35
C ALA C 435 18.99 -15.19 -21.65
N GLY C 436 20.23 -15.57 -21.99
CA GLY C 436 20.86 -15.06 -23.19
C GLY C 436 21.51 -13.71 -23.00
N ASN C 437 22.44 -13.61 -22.05
CA ASN C 437 23.15 -12.37 -21.79
C ASN C 437 24.63 -12.70 -21.60
N ILE C 438 25.39 -11.73 -21.14
CA ILE C 438 26.84 -11.87 -20.98
C ILE C 438 27.13 -12.52 -19.63
N MET C 439 28.10 -13.43 -19.62
CA MET C 439 28.42 -14.18 -18.40
C MET C 439 28.95 -13.27 -17.30
N SER C 440 29.74 -12.26 -17.66
CA SER C 440 30.26 -11.34 -16.65
C SER C 440 29.13 -10.56 -15.97
N ARG C 441 28.09 -10.21 -16.73
CA ARG C 441 27.00 -9.44 -16.16
C ARG C 441 26.18 -10.27 -15.17
N THR C 442 25.97 -11.56 -15.46
CA THR C 442 25.27 -12.40 -14.50
C THR C 442 26.18 -12.83 -13.34
N LEU C 443 27.50 -12.79 -13.54
CA LEU C 443 28.41 -12.98 -12.42
C LEU C 443 28.42 -11.78 -11.48
N MET C 444 28.26 -10.57 -12.03
CA MET C 444 28.19 -9.38 -11.20
C MET C 444 26.97 -9.42 -10.28
N GLY C 445 25.83 -9.85 -10.81
CA GLY C 445 24.59 -9.89 -10.07
C GLY C 445 23.53 -9.01 -10.71
N GLY C 446 22.29 -9.29 -10.31
CA GLY C 446 21.15 -8.55 -10.82
C GLY C 446 20.21 -9.40 -11.66
N ARG C 447 19.04 -9.72 -11.12
CA ARG C 447 18.04 -10.48 -11.86
C ARG C 447 17.45 -9.67 -13.00
N SER C 448 17.31 -8.35 -12.79
CA SER C 448 16.62 -7.51 -13.78
C SER C 448 17.33 -7.53 -15.12
N GLU C 449 18.66 -7.52 -15.11
CA GLU C 449 19.40 -7.52 -16.37
C GLU C 449 19.12 -8.79 -17.16
N ARG C 450 19.13 -9.95 -16.50
CA ARG C 450 18.90 -11.21 -17.19
C ARG C 450 17.47 -11.30 -17.71
N ASN C 451 16.49 -10.92 -16.88
CA ASN C 451 15.10 -10.94 -17.34
C ASN C 451 14.89 -9.97 -18.49
N GLU C 452 15.51 -8.79 -18.42
CA GLU C 452 15.39 -7.81 -19.49
C GLU C 452 15.98 -8.35 -20.78
N PHE C 453 17.12 -9.04 -20.70
CA PHE C 453 17.71 -9.61 -21.91
C PHE C 453 16.82 -10.70 -22.50
N LEU C 454 16.22 -11.53 -21.64
CA LEU C 454 15.31 -12.56 -22.12
C LEU C 454 14.11 -11.93 -22.84
N LEU C 455 13.53 -10.90 -22.22
CA LEU C 455 12.37 -10.24 -22.84
C LEU C 455 12.74 -9.51 -24.12
N LEU C 456 13.95 -8.93 -24.18
CA LEU C 456 14.39 -8.30 -25.42
C LEU C 456 14.56 -9.31 -26.53
N HIS C 457 15.11 -10.48 -26.22
CA HIS C 457 15.19 -11.54 -27.23
C HIS C 457 13.80 -11.94 -27.70
N ALA C 458 12.86 -12.10 -26.77
CA ALA C 458 11.50 -12.50 -27.13
C ALA C 458 10.83 -11.46 -28.01
N PHE C 459 10.96 -10.18 -27.66
CA PHE C 459 10.33 -9.12 -28.45
C PHE C 459 10.99 -8.97 -29.81
N TYR C 460 12.32 -9.10 -29.87
CA TYR C 460 13.02 -9.03 -31.15
C TYR C 460 12.56 -10.14 -32.08
N GLU C 461 12.34 -11.34 -31.54
CA GLU C 461 11.89 -12.44 -32.37
C GLU C 461 10.51 -12.17 -32.96
N ASN C 462 9.63 -11.53 -32.19
CA ASN C 462 8.24 -11.31 -32.59
C ASN C 462 8.03 -9.98 -33.32
N ASN C 463 9.08 -9.41 -33.90
CA ASN C 463 8.98 -8.21 -34.75
C ASN C 463 8.39 -7.03 -33.99
N TYR C 464 9.09 -6.61 -32.94
CA TYR C 464 8.62 -5.56 -32.06
C TYR C 464 9.64 -4.45 -31.93
N ILE C 465 9.17 -3.26 -31.56
CA ILE C 465 10.04 -2.13 -31.23
C ILE C 465 10.24 -2.11 -29.72
N VAL C 466 11.49 -2.24 -29.29
CA VAL C 466 11.81 -2.35 -27.87
C VAL C 466 12.10 -0.97 -27.30
N PRO C 467 11.90 -0.74 -26.00
CA PRO C 467 12.16 0.58 -25.44
C PRO C 467 13.65 0.91 -25.46
N ASP C 468 13.95 2.21 -25.50
CA ASP C 468 15.32 2.66 -25.35
C ASP C 468 15.71 2.68 -23.88
N LYS C 469 17.02 2.83 -23.64
CA LYS C 469 17.52 2.95 -22.28
C LYS C 469 17.33 4.36 -21.76
N GLN C 470 16.84 4.47 -20.53
CA GLN C 470 16.56 5.76 -19.90
C GLN C 470 17.69 6.12 -18.93
N ILE C 471 17.98 7.41 -18.86
CA ILE C 471 19.00 7.92 -17.95
C ILE C 471 18.80 9.42 -17.71
N GLY C 505 1.48 -5.96 -1.46
CA GLY C 505 2.14 -6.78 -0.45
C GLY C 505 1.34 -6.89 0.82
N LEU C 506 0.60 -7.99 0.97
CA LEU C 506 -0.23 -8.24 2.13
C LEU C 506 0.54 -9.08 3.14
N VAL C 507 0.59 -8.61 4.39
CA VAL C 507 1.21 -9.34 5.49
C VAL C 507 0.13 -9.62 6.52
N LEU C 508 -0.09 -10.90 6.81
CA LEU C 508 -1.08 -11.29 7.80
C LEU C 508 -0.51 -11.12 9.21
N ASP C 509 -1.35 -10.65 10.14
CA ASP C 509 -0.95 -10.43 11.51
C ASP C 509 -0.46 -11.72 12.15
N PRO C 510 0.83 -11.82 12.47
CA PRO C 510 1.36 -13.07 13.04
C PRO C 510 0.84 -13.29 14.46
N LYS C 511 0.45 -14.53 14.75
CA LYS C 511 0.01 -14.90 16.09
C LYS C 511 1.24 -15.13 16.94
N VAL C 512 1.60 -14.11 17.72
CA VAL C 512 2.77 -14.18 18.59
C VAL C 512 2.49 -15.16 19.72
N GLY C 513 3.43 -16.08 19.95
CA GLY C 513 3.29 -17.01 21.05
C GLY C 513 4.09 -18.27 20.79
N PHE C 514 3.99 -19.19 21.75
CA PHE C 514 4.67 -20.47 21.72
C PHE C 514 3.70 -21.58 21.35
N TYR C 515 4.13 -22.48 20.47
CA TYR C 515 3.28 -23.53 19.93
C TYR C 515 3.81 -24.90 20.34
N ASP C 516 2.89 -25.77 20.76
CA ASP C 516 3.28 -27.06 21.33
C ASP C 516 3.27 -28.16 20.28
N LYS C 517 2.21 -28.23 19.47
CA LYS C 517 2.04 -29.30 18.51
C LYS C 517 2.90 -29.05 17.28
N PHE C 518 2.67 -29.82 16.21
CA PHE C 518 3.40 -29.64 14.97
C PHE C 518 2.97 -28.35 14.27
N ILE C 519 3.91 -27.76 13.53
CA ILE C 519 3.64 -26.60 12.69
C ILE C 519 3.97 -27.00 11.26
N LEU C 520 2.96 -26.99 10.39
CA LEU C 520 3.16 -27.26 8.97
C LEU C 520 3.30 -25.94 8.23
N LEU C 521 4.36 -25.82 7.44
CA LEU C 521 4.69 -24.58 6.74
C LEU C 521 4.52 -24.82 5.24
N LEU C 522 3.69 -24.00 4.61
CA LEU C 522 3.44 -24.10 3.17
C LEU C 522 3.79 -22.77 2.51
N ASP C 523 4.30 -22.86 1.28
CA ASP C 523 4.72 -21.69 0.53
C ASP C 523 4.19 -21.76 -0.88
N PHE C 524 3.94 -20.59 -1.46
CA PHE C 524 3.43 -20.50 -2.82
C PHE C 524 4.56 -20.72 -3.83
N ASN C 525 4.27 -21.51 -4.86
CA ASN C 525 5.24 -21.80 -5.93
C ASN C 525 5.12 -20.71 -6.98
N SER C 526 5.95 -19.68 -6.85
CA SER C 526 5.98 -18.57 -7.82
C SER C 526 4.59 -17.95 -7.98
N LEU C 527 4.15 -17.31 -6.89
CA LEU C 527 2.83 -16.70 -6.85
C LEU C 527 2.64 -15.72 -8.00
N TYR C 528 3.56 -14.77 -8.15
CA TYR C 528 3.41 -13.76 -9.19
C TYR C 528 3.51 -14.32 -10.61
N PRO C 529 4.47 -15.20 -10.95
CA PRO C 529 4.41 -15.82 -12.28
C PRO C 529 3.14 -16.61 -12.53
N SER C 530 2.61 -17.28 -11.51
CA SER C 530 1.33 -17.97 -11.68
C SER C 530 0.19 -17.00 -11.92
N ILE C 531 0.22 -15.84 -11.25
CA ILE C 531 -0.79 -14.81 -11.50
C ILE C 531 -0.68 -14.31 -12.94
N ILE C 532 0.54 -14.08 -13.40
CA ILE C 532 0.73 -13.58 -14.77
C ILE C 532 0.23 -14.60 -15.78
N GLN C 533 0.53 -15.88 -15.57
CA GLN C 533 0.06 -16.91 -16.48
C GLN C 533 -1.47 -17.04 -16.44
N GLU C 534 -2.05 -16.99 -15.25
CA GLU C 534 -3.47 -17.29 -15.08
C GLU C 534 -4.34 -16.21 -15.74
N PHE C 535 -4.07 -14.94 -15.43
CA PHE C 535 -4.93 -13.84 -15.84
C PHE C 535 -4.44 -13.16 -17.10
N ASN C 536 -3.44 -13.73 -17.77
CA ASN C 536 -2.97 -13.24 -19.07
C ASN C 536 -2.50 -11.79 -18.98
N ILE C 537 -1.75 -11.48 -17.93
CA ILE C 537 -1.17 -10.15 -17.77
C ILE C 537 0.01 -10.02 -18.71
N CYS C 538 -0.02 -8.99 -19.55
CA CYS C 538 1.05 -8.77 -20.51
C CYS C 538 1.04 -7.30 -20.92
N PHE C 539 2.04 -6.91 -21.71
CA PHE C 539 2.10 -5.55 -22.24
C PHE C 539 1.06 -5.31 -23.33
N THR C 540 0.71 -6.35 -24.09
CA THR C 540 -0.18 -6.22 -25.24
C THR C 540 -1.65 -6.44 -24.91
N THR C 541 -1.98 -6.72 -23.65
CA THR C 541 -3.35 -7.06 -23.29
C THR C 541 -3.96 -6.11 -22.26
N VAL C 542 -3.18 -5.65 -21.29
CA VAL C 542 -3.74 -4.79 -20.24
C VAL C 542 -3.92 -3.39 -20.77
N GLN C 543 -5.13 -2.86 -20.65
CA GLN C 543 -5.42 -1.48 -21.04
C GLN C 543 -4.96 -0.56 -19.92
N ARG C 544 -4.02 0.33 -20.23
CA ARG C 544 -3.41 1.20 -19.24
C ARG C 544 -3.42 2.64 -19.75
N VAL C 545 -3.24 3.57 -18.82
CA VAL C 545 -3.22 4.99 -19.14
C VAL C 545 -2.23 5.73 -18.26
N ILE C 561 -5.92 1.23 -10.72
CA ILE C 561 -5.74 -0.19 -10.99
C ILE C 561 -6.49 -0.58 -12.26
N PRO C 562 -5.75 -0.95 -13.30
CA PRO C 562 -6.38 -1.34 -14.55
C PRO C 562 -7.15 -2.64 -14.40
N GLU C 563 -8.19 -2.77 -15.23
CA GLU C 563 -9.02 -3.97 -15.24
C GLU C 563 -8.34 -5.07 -16.03
N LEU C 564 -8.39 -6.28 -15.50
CA LEU C 564 -7.73 -7.41 -16.13
C LEU C 564 -8.47 -7.82 -17.42
N PRO C 565 -7.76 -8.36 -18.40
CA PRO C 565 -8.40 -8.72 -19.66
C PRO C 565 -9.36 -9.89 -19.51
N ASP C 566 -10.33 -9.95 -20.42
CA ASP C 566 -11.28 -11.05 -20.43
C ASP C 566 -10.60 -12.32 -20.90
N PRO C 567 -11.12 -13.49 -20.52
CA PRO C 567 -10.46 -14.76 -20.85
C PRO C 567 -10.50 -15.12 -22.33
N SER C 568 -11.18 -14.35 -23.18
CA SER C 568 -11.23 -14.66 -24.60
C SER C 568 -9.95 -14.30 -25.34
N LEU C 569 -9.16 -13.37 -24.80
CA LEU C 569 -7.92 -12.98 -25.46
C LEU C 569 -6.89 -14.10 -25.42
N GLU C 570 -5.96 -14.07 -26.38
CA GLU C 570 -4.90 -15.05 -26.46
C GLU C 570 -3.77 -14.71 -25.50
N MET C 571 -2.75 -15.55 -25.48
CA MET C 571 -1.61 -15.32 -24.61
C MET C 571 -0.71 -14.22 -25.17
N GLY C 572 -0.23 -13.36 -24.28
CA GLY C 572 0.71 -12.33 -24.66
C GLY C 572 2.12 -12.88 -24.80
N ILE C 573 3.06 -11.97 -25.06
CA ILE C 573 4.45 -12.38 -25.21
C ILE C 573 5.01 -12.86 -23.88
N LEU C 574 4.80 -12.09 -22.81
CA LEU C 574 5.34 -12.47 -21.50
C LEU C 574 4.73 -13.76 -20.96
N PRO C 575 3.40 -13.95 -20.96
CA PRO C 575 2.87 -15.25 -20.54
C PRO C 575 3.36 -16.40 -21.41
N ARG C 576 3.54 -16.18 -22.72
CA ARG C 576 4.08 -17.22 -23.57
C ARG C 576 5.52 -17.55 -23.19
N GLU C 577 6.31 -16.54 -22.84
CA GLU C 577 7.68 -16.78 -22.39
C GLU C 577 7.69 -17.60 -21.10
N ILE C 578 6.81 -17.27 -20.16
CA ILE C 578 6.75 -18.03 -18.91
C ILE C 578 6.29 -19.46 -19.17
N ARG C 579 5.32 -19.63 -20.07
CA ARG C 579 4.85 -20.97 -20.44
C ARG C 579 5.97 -21.79 -21.06
N LYS C 580 6.77 -21.18 -21.94
CA LYS C 580 7.91 -21.88 -22.51
C LYS C 580 8.96 -22.18 -21.46
N LEU C 581 9.13 -21.29 -20.49
CA LEU C 581 10.07 -21.54 -19.41
C LEU C 581 9.67 -22.75 -18.60
N VAL C 582 8.38 -22.90 -18.29
CA VAL C 582 7.89 -24.10 -17.62
C VAL C 582 7.92 -25.33 -18.53
N GLU C 583 7.72 -25.15 -19.85
CA GLU C 583 7.84 -26.27 -20.78
C GLU C 583 9.26 -26.82 -20.80
N ARG C 584 10.25 -25.93 -20.79
CA ARG C 584 11.64 -26.38 -20.70
C ARG C 584 11.89 -27.15 -19.41
N ARG C 585 11.30 -26.70 -18.31
CA ARG C 585 11.41 -27.42 -17.05
C ARG C 585 10.76 -28.79 -17.14
N LYS C 586 9.61 -28.89 -17.83
CA LYS C 586 8.99 -30.19 -18.06
C LYS C 586 9.91 -31.11 -18.83
N GLN C 587 10.54 -30.58 -19.89
CA GLN C 587 11.46 -31.38 -20.68
C GLN C 587 12.64 -31.87 -19.83
N VAL C 588 13.21 -30.97 -19.02
CA VAL C 588 14.35 -31.35 -18.20
C VAL C 588 13.94 -32.38 -17.15
N LYS C 589 12.80 -32.18 -16.51
CA LYS C 589 12.33 -33.11 -15.50
C LYS C 589 12.06 -34.49 -16.08
N GLN C 590 11.44 -34.54 -17.27
CA GLN C 590 11.24 -35.82 -17.94
C GLN C 590 12.57 -36.47 -18.30
N LEU C 591 13.52 -35.68 -18.81
CA LEU C 591 14.85 -36.20 -19.11
C LEU C 591 15.60 -36.58 -17.84
N MET C 592 15.31 -35.91 -16.73
CA MET C 592 15.92 -36.28 -15.46
C MET C 592 15.42 -37.63 -14.97
N LYS C 593 14.14 -37.95 -15.23
CA LYS C 593 13.59 -39.23 -14.83
C LYS C 593 14.21 -40.38 -15.62
N GLN C 594 14.90 -40.09 -16.72
CA GLN C 594 15.49 -41.14 -17.54
C GLN C 594 16.56 -41.89 -16.76
N GLN C 595 16.56 -43.22 -16.90
CA GLN C 595 17.52 -44.09 -16.25
C GLN C 595 18.67 -44.39 -17.21
N ASP C 596 19.74 -44.97 -16.68
CA ASP C 596 20.94 -45.31 -17.44
C ASP C 596 21.53 -44.07 -18.12
N LEU C 597 21.55 -42.97 -17.38
CA LEU C 597 22.08 -41.71 -17.86
C LEU C 597 23.48 -41.49 -17.31
N ASN C 598 24.21 -40.56 -17.93
CA ASN C 598 25.55 -40.22 -17.46
C ASN C 598 25.47 -39.67 -16.04
N PRO C 599 26.33 -40.13 -15.13
CA PRO C 599 26.25 -39.66 -13.74
C PRO C 599 26.44 -38.16 -13.59
N ASP C 600 27.25 -37.54 -14.43
CA ASP C 600 27.43 -36.09 -14.36
C ASP C 600 26.24 -35.34 -14.95
N LEU C 601 25.51 -35.96 -15.88
CA LEU C 601 24.38 -35.29 -16.50
C LEU C 601 23.23 -35.06 -15.54
N ILE C 602 23.13 -35.88 -14.48
CA ILE C 602 22.12 -35.63 -13.44
C ILE C 602 22.39 -34.29 -12.77
N LEU C 603 23.66 -33.98 -12.52
CA LEU C 603 24.03 -32.70 -11.94
C LEU C 603 23.63 -31.55 -12.88
N GLN C 604 23.89 -31.72 -14.17
CA GLN C 604 23.51 -30.67 -15.13
C GLN C 604 22.00 -30.48 -15.19
N TYR C 605 21.24 -31.58 -15.11
CA TYR C 605 19.79 -31.46 -15.07
C TYR C 605 19.33 -30.73 -13.81
N ASP C 606 19.96 -31.02 -12.67
CA ASP C 606 19.62 -30.33 -11.43
C ASP C 606 19.91 -28.83 -11.54
N ILE C 607 21.07 -28.48 -12.09
CA ILE C 607 21.41 -27.07 -12.23
C ILE C 607 20.47 -26.38 -13.21
N ARG C 608 20.07 -27.08 -14.27
CA ARG C 608 19.12 -26.51 -15.22
C ARG C 608 17.77 -26.27 -14.57
N GLN C 609 17.31 -27.22 -13.74
CA GLN C 609 16.06 -27.05 -13.02
C GLN C 609 16.13 -25.84 -12.10
N LYS C 610 17.24 -25.71 -11.35
CA LYS C 610 17.38 -24.55 -10.47
C LYS C 610 17.40 -23.26 -11.26
N ALA C 611 18.12 -23.22 -12.38
CA ALA C 611 18.22 -22.00 -13.17
C ALA C 611 16.87 -21.59 -13.72
N LEU C 612 16.10 -22.55 -14.23
CA LEU C 612 14.73 -22.25 -14.65
C LEU C 612 13.88 -21.76 -13.49
N LYS C 613 14.09 -22.32 -12.29
CA LYS C 613 13.35 -21.86 -11.11
C LYS C 613 13.63 -20.38 -10.83
N LEU C 614 14.91 -19.99 -10.75
CA LEU C 614 15.18 -18.59 -10.45
C LEU C 614 14.75 -17.67 -11.58
N THR C 615 14.87 -18.11 -12.84
CA THR C 615 14.42 -17.26 -13.94
C THR C 615 12.93 -17.02 -13.86
N ALA C 616 12.15 -18.08 -13.61
CA ALA C 616 10.70 -17.92 -13.48
C ALA C 616 10.35 -17.03 -12.30
N ASN C 617 11.03 -17.21 -11.16
CA ASN C 617 10.72 -16.41 -9.98
C ASN C 617 11.05 -14.94 -10.20
N SER C 618 12.15 -14.65 -10.89
CA SER C 618 12.57 -13.27 -11.09
C SER C 618 11.92 -12.61 -12.30
N MET C 619 11.13 -13.37 -13.07
CA MET C 619 10.40 -12.76 -14.19
C MET C 619 9.60 -11.53 -13.77
N TYR C 620 8.97 -11.58 -12.59
CA TYR C 620 8.18 -10.43 -12.15
C TYR C 620 9.04 -9.22 -11.86
N GLY C 621 10.28 -9.43 -11.42
CA GLY C 621 11.13 -8.32 -11.01
C GLY C 621 11.38 -7.30 -12.09
N CYS C 622 11.22 -7.67 -13.36
CA CYS C 622 11.43 -6.74 -14.46
C CYS C 622 10.31 -5.73 -14.58
N LEU C 623 9.20 -5.90 -13.86
CA LEU C 623 8.06 -4.99 -13.93
C LEU C 623 7.93 -4.08 -12.71
N GLY C 624 8.15 -4.59 -11.51
CA GLY C 624 7.96 -3.83 -10.29
C GLY C 624 9.13 -3.00 -9.85
N PHE C 625 10.23 -2.98 -10.61
CA PHE C 625 11.41 -2.21 -10.24
C PHE C 625 11.37 -0.85 -10.94
N SER C 626 11.55 0.21 -10.16
CA SER C 626 11.39 1.56 -10.68
C SER C 626 12.42 1.87 -11.77
N TYR C 627 13.65 1.40 -11.58
CA TYR C 627 14.76 1.68 -12.49
C TYR C 627 15.01 0.57 -13.49
N SER C 628 13.95 -0.13 -13.90
CA SER C 628 14.06 -1.20 -14.87
C SER C 628 13.78 -0.67 -16.27
N ARG C 629 14.01 -1.53 -17.27
CA ARG C 629 13.80 -1.16 -18.66
C ARG C 629 12.36 -1.38 -19.11
N PHE C 630 11.68 -2.35 -18.53
CA PHE C 630 10.29 -2.69 -18.88
C PHE C 630 9.34 -2.29 -17.75
N TYR C 631 9.59 -1.14 -17.14
CA TYR C 631 8.78 -0.69 -16.01
C TYR C 631 7.33 -0.47 -16.44
N ALA C 632 6.41 -0.96 -15.63
CA ALA C 632 4.98 -0.79 -15.89
C ALA C 632 4.27 -0.75 -14.54
N LYS C 633 3.99 0.46 -14.05
CA LYS C 633 3.33 0.60 -12.75
C LYS C 633 1.94 -0.02 -12.71
N PRO C 634 1.04 0.22 -13.69
CA PRO C 634 -0.30 -0.40 -13.59
C PRO C 634 -0.27 -1.92 -13.56
N LEU C 635 0.62 -2.55 -14.35
CA LEU C 635 0.69 -4.00 -14.35
C LEU C 635 1.17 -4.53 -13.01
N ALA C 636 2.17 -3.87 -12.42
CA ALA C 636 2.64 -4.28 -11.10
C ALA C 636 1.55 -4.11 -10.05
N ALA C 637 0.80 -3.00 -10.12
CA ALA C 637 -0.28 -2.80 -9.17
C ALA C 637 -1.35 -3.88 -9.30
N LEU C 638 -1.71 -4.23 -10.54
CA LEU C 638 -2.69 -5.30 -10.75
C LEU C 638 -2.18 -6.63 -10.20
N VAL C 639 -0.91 -6.94 -10.44
CA VAL C 639 -0.35 -8.21 -9.97
C VAL C 639 -0.35 -8.26 -8.45
N THR C 640 0.03 -7.16 -7.79
CA THR C 640 0.01 -7.13 -6.33
C THR C 640 -1.40 -7.25 -5.79
N TYR C 641 -2.38 -6.62 -6.45
CA TYR C 641 -3.76 -6.74 -6.01
C TYR C 641 -4.24 -8.18 -6.11
N LYS C 642 -3.91 -8.86 -7.21
CA LYS C 642 -4.31 -10.26 -7.35
C LYS C 642 -3.61 -11.13 -6.31
N GLY C 643 -2.36 -10.80 -5.97
CA GLY C 643 -1.67 -11.54 -4.93
C GLY C 643 -2.34 -11.40 -3.58
N ARG C 644 -2.73 -10.17 -3.23
CA ARG C 644 -3.46 -9.97 -1.97
C ARG C 644 -4.79 -10.71 -1.98
N GLU C 645 -5.50 -10.69 -3.11
CA GLU C 645 -6.76 -11.41 -3.20
C GLU C 645 -6.57 -12.91 -2.99
N ILE C 646 -5.53 -13.48 -3.61
CA ILE C 646 -5.28 -14.91 -3.47
C ILE C 646 -4.91 -15.26 -2.04
N LEU C 647 -4.09 -14.42 -1.40
CA LEU C 647 -3.75 -14.67 0.01
C LEU C 647 -4.98 -14.62 0.90
N MET C 648 -5.84 -13.62 0.71
CA MET C 648 -7.05 -13.53 1.50
C MET C 648 -7.95 -14.74 1.28
N HIS C 649 -8.08 -15.18 0.02
CA HIS C 649 -8.92 -16.35 -0.26
C HIS C 649 -8.35 -17.60 0.39
N THR C 650 -7.03 -17.77 0.36
CA THR C 650 -6.41 -18.93 0.99
C THR C 650 -6.65 -18.93 2.51
N LYS C 651 -6.46 -17.78 3.15
CA LYS C 651 -6.70 -17.70 4.59
C LYS C 651 -8.17 -17.98 4.91
N GLU C 652 -9.09 -17.43 4.12
CA GLU C 652 -10.50 -17.67 4.35
C GLU C 652 -10.84 -19.15 4.21
N MET C 653 -10.29 -19.81 3.19
CA MET C 653 -10.61 -21.21 2.99
C MET C 653 -10.03 -22.08 4.09
N VAL C 654 -8.82 -21.76 4.58
CA VAL C 654 -8.26 -22.53 5.68
C VAL C 654 -9.09 -22.34 6.95
N GLN C 655 -9.51 -21.11 7.22
CA GLN C 655 -10.36 -20.88 8.39
C GLN C 655 -11.71 -21.59 8.24
N LYS C 656 -12.28 -21.58 7.04
CA LYS C 656 -13.54 -22.28 6.79
C LYS C 656 -13.38 -23.79 6.96
N MET C 657 -12.18 -24.30 6.71
CA MET C 657 -11.86 -25.69 7.02
C MET C 657 -11.83 -25.95 8.52
N ASN C 658 -12.01 -24.91 9.35
CA ASN C 658 -11.95 -24.99 10.81
C ASN C 658 -10.53 -25.29 11.27
N LEU C 659 -9.59 -24.48 10.81
CA LEU C 659 -8.19 -24.58 11.20
C LEU C 659 -7.62 -23.17 11.28
N GLU C 660 -6.61 -22.99 12.14
CA GLU C 660 -6.06 -21.67 12.42
C GLU C 660 -4.71 -21.49 11.72
N VAL C 661 -4.54 -20.36 11.04
CA VAL C 661 -3.28 -19.98 10.41
C VAL C 661 -2.55 -19.01 11.33
N ILE C 662 -1.27 -19.27 11.56
CA ILE C 662 -0.50 -18.50 12.52
C ILE C 662 0.36 -17.41 11.88
N TYR C 663 0.59 -17.46 10.57
CA TYR C 663 1.45 -16.48 9.94
C TYR C 663 1.23 -16.52 8.43
N GLY C 664 1.24 -15.35 7.81
CA GLY C 664 1.13 -15.26 6.36
C GLY C 664 1.99 -14.15 5.79
N ASP C 665 2.90 -14.50 4.88
CA ASP C 665 3.83 -13.51 4.31
C ASP C 665 3.93 -13.75 2.81
N THR C 666 2.99 -13.16 2.05
CA THR C 666 3.12 -12.74 0.66
C THR C 666 3.44 -13.87 -0.30
N ASP C 667 3.93 -14.99 0.21
CA ASP C 667 3.92 -16.25 -0.52
C ASP C 667 3.80 -17.44 0.42
N SER C 668 3.71 -17.24 1.73
CA SER C 668 3.84 -18.32 2.69
C SER C 668 2.68 -18.30 3.68
N ILE C 669 2.18 -19.48 4.00
CA ILE C 669 1.13 -19.66 5.01
C ILE C 669 1.64 -20.69 5.99
N MET C 670 1.71 -20.33 7.27
CA MET C 670 2.10 -21.28 8.31
C MET C 670 0.86 -21.87 8.95
N ILE C 671 0.84 -23.19 9.10
CA ILE C 671 -0.30 -23.93 9.61
C ILE C 671 0.09 -24.63 10.89
N ASN C 672 -0.66 -24.38 11.96
CA ASN C 672 -0.56 -25.16 13.19
C ASN C 672 -1.66 -26.21 13.18
N THR C 673 -1.27 -27.46 12.96
CA THR C 673 -2.23 -28.54 12.75
C THR C 673 -2.88 -29.04 14.04
N ASN C 674 -2.34 -28.68 15.20
CA ASN C 674 -2.84 -29.16 16.49
C ASN C 674 -2.87 -30.67 16.57
N SER C 675 -1.96 -31.34 15.88
CA SER C 675 -1.95 -32.80 15.79
C SER C 675 -0.55 -33.34 16.05
N THR C 676 -0.51 -34.55 16.61
CA THR C 676 0.74 -35.24 16.89
C THR C 676 1.11 -36.26 15.81
N ASN C 677 0.14 -36.94 15.22
CA ASN C 677 0.41 -37.91 14.17
C ASN C 677 0.96 -37.19 12.95
N LEU C 678 2.19 -37.54 12.56
CA LEU C 678 2.80 -36.92 11.38
C LEU C 678 2.07 -37.32 10.10
N GLU C 679 1.58 -38.57 10.04
CA GLU C 679 0.84 -39.02 8.87
C GLU C 679 -0.42 -38.20 8.67
N GLU C 680 -1.15 -37.91 9.75
CA GLU C 680 -2.34 -37.08 9.64
C GLU C 680 -2.00 -35.68 9.22
N VAL C 681 -0.88 -35.14 9.69
CA VAL C 681 -0.43 -33.81 9.28
C VAL C 681 -0.16 -33.80 7.78
N PHE C 682 0.52 -34.83 7.27
CA PHE C 682 0.80 -34.91 5.85
C PHE C 682 -0.49 -35.03 5.03
N LYS C 683 -1.43 -35.85 5.50
CA LYS C 683 -2.70 -35.99 4.78
C LYS C 683 -3.46 -34.66 4.75
N LEU C 684 -3.46 -33.93 5.87
CA LEU C 684 -4.15 -32.64 5.91
C LEU C 684 -3.48 -31.63 4.98
N GLY C 685 -2.15 -31.61 4.96
CA GLY C 685 -1.45 -30.73 4.04
C GLY C 685 -1.72 -31.05 2.59
N ASN C 686 -1.76 -32.34 2.26
CA ASN C 686 -2.09 -32.74 0.90
C ASN C 686 -3.53 -32.41 0.55
N LYS C 687 -4.46 -32.50 1.51
CA LYS C 687 -5.83 -32.08 1.26
C LYS C 687 -5.90 -30.58 0.97
N VAL C 688 -5.14 -29.79 1.73
CA VAL C 688 -5.08 -28.35 1.48
C VAL C 688 -4.53 -28.09 0.08
N LYS C 689 -3.47 -28.80 -0.28
CA LYS C 689 -2.89 -28.65 -1.62
C LYS C 689 -3.91 -28.99 -2.70
N SER C 690 -4.63 -30.11 -2.52
CA SER C 690 -5.61 -30.53 -3.53
C SER C 690 -6.72 -29.50 -3.67
N GLU C 691 -7.22 -28.97 -2.55
CA GLU C 691 -8.29 -27.98 -2.62
C GLU C 691 -7.80 -26.70 -3.30
N VAL C 692 -6.59 -26.26 -2.96
CA VAL C 692 -6.06 -25.03 -3.55
C VAL C 692 -5.86 -25.20 -5.06
N ASN C 693 -5.27 -26.32 -5.47
CA ASN C 693 -5.05 -26.57 -6.90
C ASN C 693 -6.34 -26.86 -7.64
N LYS C 694 -7.40 -27.29 -6.94
CA LYS C 694 -8.70 -27.40 -7.59
C LYS C 694 -9.31 -26.02 -7.80
N LEU C 695 -9.11 -25.11 -6.84
CA LEU C 695 -9.66 -23.75 -6.99
C LEU C 695 -9.05 -23.03 -8.18
N TYR C 696 -7.73 -23.11 -8.33
CA TYR C 696 -7.01 -22.46 -9.41
C TYR C 696 -6.63 -23.48 -10.49
N LYS C 697 -5.82 -23.04 -11.44
CA LYS C 697 -5.36 -23.90 -12.53
C LYS C 697 -3.86 -24.12 -12.52
N LEU C 698 -3.08 -23.05 -12.42
CA LEU C 698 -1.63 -23.12 -12.49
C LEU C 698 -0.94 -22.87 -11.16
N LEU C 699 -1.48 -21.97 -10.34
CA LEU C 699 -0.90 -21.73 -9.02
C LEU C 699 -1.02 -22.98 -8.16
N GLU C 700 0.06 -23.32 -7.46
CA GLU C 700 0.09 -24.54 -6.66
C GLU C 700 0.85 -24.31 -5.37
N ILE C 701 0.15 -24.46 -4.25
CA ILE C 701 0.82 -24.46 -2.95
C ILE C 701 1.60 -25.76 -2.78
N ASP C 702 2.68 -25.70 -2.02
CA ASP C 702 3.60 -26.82 -1.90
C ASP C 702 3.91 -27.13 -0.44
N ILE C 703 4.21 -28.40 -0.16
CA ILE C 703 4.72 -28.78 1.14
C ILE C 703 6.21 -28.48 1.20
N ASP C 704 6.63 -27.75 2.24
CA ASP C 704 8.03 -27.37 2.38
C ASP C 704 8.70 -27.90 3.63
N GLY C 705 8.03 -27.91 4.78
CA GLY C 705 8.64 -28.41 5.99
C GLY C 705 7.69 -28.33 7.15
N VAL C 706 8.01 -29.10 8.19
CA VAL C 706 7.19 -29.17 9.40
C VAL C 706 8.07 -28.89 10.61
N PHE C 707 7.51 -28.21 11.60
CA PHE C 707 8.19 -27.86 12.83
C PHE C 707 7.63 -28.70 13.97
N LYS C 708 8.48 -28.99 14.95
CA LYS C 708 8.00 -29.66 16.17
C LYS C 708 7.74 -28.69 17.30
N SER C 709 8.50 -27.59 17.39
CA SER C 709 8.24 -26.54 18.35
C SER C 709 8.52 -25.22 17.66
N LEU C 710 7.90 -24.15 18.16
CA LEU C 710 8.00 -22.85 17.51
C LEU C 710 7.59 -21.78 18.51
N LEU C 711 8.17 -20.59 18.34
CA LEU C 711 7.70 -19.42 19.09
C LEU C 711 7.86 -18.20 18.22
N LEU C 712 6.73 -17.62 17.81
CA LEU C 712 6.73 -16.38 17.04
C LEU C 712 6.81 -15.21 18.01
N LEU C 713 7.89 -14.42 17.90
CA LEU C 713 8.05 -13.25 18.76
C LEU C 713 7.38 -12.03 18.13
N LYS C 714 7.70 -11.73 16.88
CA LYS C 714 7.05 -10.67 16.12
C LYS C 714 7.07 -11.06 14.65
N LYS C 715 6.82 -10.08 13.78
CA LYS C 715 6.83 -10.35 12.35
C LYS C 715 8.23 -10.76 11.90
N LYS C 716 8.30 -11.88 11.19
CA LYS C 716 9.54 -12.38 10.59
C LYS C 716 10.62 -12.62 11.65
N LYS C 717 10.26 -13.33 12.72
CA LYS C 717 11.19 -13.57 13.83
C LYS C 717 10.75 -14.81 14.57
N TYR C 718 11.60 -15.84 14.62
CA TYR C 718 11.23 -17.07 15.30
C TYR C 718 12.45 -17.96 15.53
N ALA C 719 12.28 -18.87 16.50
CA ALA C 719 13.16 -20.01 16.71
C ALA C 719 12.29 -21.26 16.76
N ALA C 720 12.83 -22.38 16.31
CA ALA C 720 12.01 -23.57 16.09
C ALA C 720 12.88 -24.82 16.05
N LEU C 721 12.21 -25.96 15.92
CA LEU C 721 12.85 -27.25 15.69
C LEU C 721 12.35 -27.80 14.35
N VAL C 722 13.17 -27.67 13.31
CA VAL C 722 12.81 -28.23 12.02
C VAL C 722 12.83 -29.75 12.10
N VAL C 723 11.82 -30.38 11.51
CA VAL C 723 11.63 -31.82 11.59
C VAL C 723 12.00 -32.45 10.26
N GLU C 724 12.83 -33.49 10.32
CA GLU C 724 13.22 -34.23 9.13
C GLU C 724 12.64 -35.64 9.21
N PRO C 725 11.56 -35.94 8.49
CA PRO C 725 10.89 -37.23 8.66
C PRO C 725 11.76 -38.39 8.19
N THR C 726 11.89 -39.40 9.05
CA THR C 726 12.58 -40.64 8.70
C THR C 726 11.56 -41.64 8.18
N SER C 727 11.97 -42.91 8.10
CA SER C 727 11.11 -43.94 7.51
C SER C 727 10.01 -44.34 8.49
N ASP C 728 8.76 -44.12 8.09
CA ASP C 728 7.57 -44.67 8.75
C ASP C 728 7.47 -44.21 10.21
N GLY C 729 7.30 -42.90 10.38
CA GLY C 729 6.85 -42.36 11.65
C GLY C 729 7.86 -41.56 12.44
N ASN C 730 9.11 -42.02 12.51
CA ASN C 730 10.11 -41.32 13.29
C ASN C 730 10.63 -40.12 12.52
N TYR C 731 11.40 -39.28 13.21
CA TYR C 731 11.87 -38.03 12.63
C TYR C 731 13.13 -37.58 13.36
N VAL C 732 13.76 -36.54 12.81
CA VAL C 732 14.95 -35.94 13.39
C VAL C 732 14.69 -34.45 13.59
N THR C 733 15.07 -33.92 14.75
CA THR C 733 14.82 -32.53 15.11
C THR C 733 16.13 -31.76 15.07
N LYS C 734 16.10 -30.59 14.42
CA LYS C 734 17.26 -29.71 14.32
C LYS C 734 16.86 -28.32 14.79
N GLN C 735 17.75 -27.66 15.54
CA GLN C 735 17.43 -26.36 16.11
C GLN C 735 17.70 -25.26 15.09
N GLU C 736 16.73 -24.37 14.89
CA GLU C 736 16.85 -23.23 13.99
C GLU C 736 16.49 -21.97 14.74
N LEU C 737 17.21 -20.88 14.47
CA LEU C 737 16.96 -19.59 15.09
C LEU C 737 17.14 -18.49 14.07
N LYS C 738 16.29 -17.47 14.14
CA LYS C 738 16.44 -16.31 13.27
C LYS C 738 15.84 -15.10 13.96
N GLY C 739 16.55 -13.98 13.90
CA GLY C 739 16.11 -12.79 14.59
C GLY C 739 16.17 -12.89 16.10
N LEU C 740 16.99 -13.80 16.63
CA LEU C 740 17.16 -13.98 18.06
C LEU C 740 18.62 -13.78 18.44
N ASP C 741 19.22 -12.74 17.86
CA ASP C 741 20.61 -12.38 18.10
C ASP C 741 20.68 -11.22 19.08
N ILE C 742 21.65 -11.28 19.98
CA ILE C 742 21.81 -10.28 21.03
C ILE C 742 23.10 -9.52 20.78
N VAL C 743 23.00 -8.18 20.76
CA VAL C 743 24.11 -7.33 20.36
C VAL C 743 25.01 -7.03 21.54
N ARG C 744 24.43 -6.56 22.65
CA ARG C 744 25.22 -6.10 23.78
C ARG C 744 26.01 -7.25 24.40
N ARG C 745 27.30 -7.00 24.67
CA ARG C 745 28.12 -7.88 25.48
C ARG C 745 28.20 -7.43 26.93
N ASP C 746 27.36 -6.48 27.32
CA ASP C 746 27.37 -5.88 28.64
C ASP C 746 26.51 -6.70 29.62
N TRP C 747 26.26 -7.96 29.28
CA TRP C 747 25.38 -8.82 30.07
C TRP C 747 26.22 -9.71 30.98
N CYS C 748 25.80 -9.82 32.24
CA CYS C 748 26.55 -10.56 33.24
C CYS C 748 26.41 -12.07 33.03
N ASP C 749 27.17 -12.83 33.82
CA ASP C 749 27.16 -14.28 33.71
C ASP C 749 25.80 -14.86 34.09
N LEU C 750 25.19 -14.33 35.16
CA LEU C 750 23.92 -14.87 35.62
C LEU C 750 22.82 -14.67 34.58
N ALA C 751 22.80 -13.50 33.93
CA ALA C 751 21.80 -13.23 32.91
C ALA C 751 21.93 -14.19 31.74
N LYS C 752 23.17 -14.42 31.28
CA LYS C 752 23.38 -15.35 30.17
C LYS C 752 23.03 -16.76 30.57
N ASP C 753 23.36 -17.16 31.80
CA ASP C 753 23.01 -18.51 32.26
C ASP C 753 21.50 -18.70 32.28
N THR C 754 20.77 -17.73 32.83
CA THR C 754 19.31 -17.83 32.86
C THR C 754 18.73 -17.86 31.45
N GLY C 755 19.28 -17.03 30.56
CA GLY C 755 18.77 -17.00 29.19
C GLY C 755 18.98 -18.32 28.47
N ASN C 756 20.17 -18.90 28.61
CA ASN C 756 20.42 -20.17 27.94
C ASN C 756 19.57 -21.28 28.55
N PHE C 757 19.38 -21.25 29.87
CA PHE C 757 18.53 -22.26 30.50
C PHE C 757 17.10 -22.17 29.99
N VAL C 758 16.55 -20.95 29.93
CA VAL C 758 15.14 -20.82 29.53
C VAL C 758 14.98 -21.16 28.05
N ILE C 759 15.94 -20.78 27.20
CA ILE C 759 15.80 -21.14 25.79
C ILE C 759 15.96 -22.63 25.60
N GLY C 760 16.84 -23.28 26.36
CA GLY C 760 16.97 -24.73 26.26
C GLY C 760 15.71 -25.45 26.70
N GLN C 761 15.08 -24.97 27.77
CA GLN C 761 13.81 -25.55 28.19
C GLN C 761 12.72 -25.32 27.15
N ILE C 762 12.68 -24.13 26.56
CA ILE C 762 11.64 -23.81 25.58
C ILE C 762 11.79 -24.65 24.33
N LEU C 763 13.01 -24.86 23.84
CA LEU C 763 13.22 -25.64 22.64
C LEU C 763 13.10 -27.15 22.88
N SER C 764 12.81 -27.57 24.10
CA SER C 764 12.63 -28.99 24.38
C SER C 764 11.28 -29.48 23.84
N ASP C 765 11.05 -30.78 23.96
CA ASP C 765 9.86 -31.42 23.41
C ASP C 765 8.72 -31.57 24.41
N GLN C 766 8.88 -31.11 25.64
CA GLN C 766 7.84 -31.29 26.64
C GLN C 766 6.66 -30.37 26.37
N SER C 767 5.56 -30.61 27.08
CA SER C 767 4.37 -29.81 26.92
C SER C 767 4.57 -28.39 27.45
N ARG C 768 3.65 -27.51 27.07
CA ARG C 768 3.76 -26.11 27.48
C ARG C 768 3.70 -25.97 29.00
N ASP C 769 2.80 -26.72 29.65
CA ASP C 769 2.66 -26.60 31.10
C ASP C 769 3.93 -27.02 31.82
N THR C 770 4.55 -28.11 31.39
CA THR C 770 5.78 -28.57 32.04
C THR C 770 6.91 -27.57 31.87
N ILE C 771 7.06 -27.02 30.65
CA ILE C 771 8.12 -26.04 30.40
C ILE C 771 7.91 -24.80 31.25
N VAL C 772 6.66 -24.31 31.30
CA VAL C 772 6.37 -23.12 32.08
C VAL C 772 6.61 -23.35 33.56
N GLU C 773 6.21 -24.52 34.06
CA GLU C 773 6.43 -24.82 35.48
C GLU C 773 7.91 -24.92 35.80
N ASN C 774 8.69 -25.55 34.93
CA ASN C 774 10.13 -25.64 35.16
C ASN C 774 10.79 -24.27 35.14
N ILE C 775 10.39 -23.42 34.20
CA ILE C 775 10.94 -22.06 34.13
C ILE C 775 10.57 -21.28 35.39
N GLN C 776 9.32 -21.40 35.83
CA GLN C 776 8.88 -20.71 37.04
C GLN C 776 9.67 -21.15 38.26
N LYS C 777 9.89 -22.46 38.40
CA LYS C 777 10.66 -22.96 39.53
C LYS C 777 12.09 -22.45 39.47
N ARG C 778 12.70 -22.44 38.28
CA ARG C 778 14.07 -21.94 38.16
C ARG C 778 14.16 -20.47 38.52
N LEU C 779 13.20 -19.66 38.05
CA LEU C 779 13.22 -18.24 38.37
C LEU C 779 13.00 -17.99 39.86
N ILE C 780 12.11 -18.76 40.48
CA ILE C 780 11.87 -18.61 41.92
C ILE C 780 13.15 -18.94 42.69
N GLU C 781 13.82 -20.04 42.33
CA GLU C 781 15.06 -20.40 42.99
C GLU C 781 16.14 -19.33 42.78
N ILE C 782 16.23 -18.79 41.56
CA ILE C 782 17.24 -17.78 41.26
C ILE C 782 17.00 -16.53 42.08
N GLY C 783 15.74 -16.08 42.16
CA GLY C 783 15.42 -14.91 42.95
C GLY C 783 15.69 -15.11 44.42
N GLU C 784 15.35 -16.29 44.95
CA GLU C 784 15.62 -16.59 46.35
C GLU C 784 17.12 -16.59 46.63
N ASN C 785 17.91 -17.19 45.74
CA ASN C 785 19.35 -17.21 45.92
C ASN C 785 19.95 -15.81 45.84
N VAL C 786 19.46 -14.98 44.91
CA VAL C 786 19.97 -13.62 44.78
C VAL C 786 19.66 -12.81 46.03
N LEU C 787 18.42 -12.91 46.53
CA LEU C 787 18.08 -12.18 47.75
C LEU C 787 18.88 -12.66 48.94
N ASN C 788 19.03 -13.99 49.08
CA ASN C 788 19.80 -14.54 50.20
C ASN C 788 21.29 -14.25 50.04
N GLY C 789 21.82 -14.32 48.83
CA GLY C 789 23.22 -14.08 48.59
C GLY C 789 24.05 -15.31 48.25
N SER C 790 23.43 -16.39 47.81
CA SER C 790 24.15 -17.61 47.45
C SER C 790 24.86 -17.52 46.11
N VAL C 791 24.59 -16.47 45.33
CA VAL C 791 25.20 -16.30 44.02
C VAL C 791 26.65 -15.87 44.20
N PRO C 792 27.61 -16.55 43.56
CA PRO C 792 29.02 -16.15 43.70
C PRO C 792 29.25 -14.75 43.14
N VAL C 793 30.23 -14.05 43.74
CA VAL C 793 30.54 -12.69 43.33
C VAL C 793 31.03 -12.65 41.89
N SER C 794 31.67 -13.72 41.42
CA SER C 794 32.10 -13.77 40.03
C SER C 794 30.92 -13.74 39.08
N GLN C 795 29.73 -14.10 39.54
CA GLN C 795 28.51 -13.99 38.75
C GLN C 795 27.88 -12.61 38.83
N PHE C 796 28.64 -11.60 39.26
CA PHE C 796 28.17 -10.22 39.33
C PHE C 796 29.02 -9.25 38.52
N GLU C 797 30.18 -9.69 38.04
CA GLU C 797 31.07 -8.80 37.28
C GLU C 797 30.48 -8.51 35.90
N ILE C 798 30.50 -7.24 35.52
CA ILE C 798 30.01 -6.80 34.22
C ILE C 798 31.16 -6.14 33.46
N ASN C 799 31.44 -6.64 32.27
CA ASN C 799 32.58 -6.17 31.48
C ASN C 799 32.09 -5.37 30.28
N LYS C 800 32.69 -4.20 30.06
CA LYS C 800 32.37 -3.37 28.90
C LYS C 800 33.66 -2.84 28.29
N ALA C 801 33.68 -2.76 26.96
CA ALA C 801 34.83 -2.30 26.20
C ALA C 801 34.59 -0.87 25.74
N LEU C 802 35.59 -0.02 25.93
CA LEU C 802 35.48 1.39 25.58
C LEU C 802 35.90 1.65 24.14
N THR C 803 35.30 2.67 23.55
CA THR C 803 35.68 3.14 22.22
C THR C 803 36.32 4.52 22.25
N LYS C 804 36.15 5.28 23.33
CA LYS C 804 36.70 6.61 23.47
C LYS C 804 37.38 6.71 24.83
N ASP C 805 38.05 7.83 25.05
CA ASP C 805 38.65 8.08 26.35
C ASP C 805 37.55 8.34 27.39
N PRO C 806 37.82 8.04 28.66
CA PRO C 806 36.77 8.25 29.69
C PRO C 806 36.29 9.69 29.78
N GLN C 807 37.16 10.67 29.49
CA GLN C 807 36.78 12.06 29.59
C GLN C 807 36.02 12.56 28.37
N ASP C 808 36.00 11.81 27.27
CA ASP C 808 35.34 12.21 26.04
C ASP C 808 33.99 11.53 25.86
N TYR C 809 33.28 11.23 26.95
CA TYR C 809 31.96 10.65 26.86
C TYR C 809 30.93 11.72 27.22
N PRO C 810 30.18 12.25 26.25
CA PRO C 810 29.15 13.24 26.61
C PRO C 810 28.09 12.70 27.56
N ASP C 811 27.74 11.42 27.42
CA ASP C 811 26.70 10.83 28.25
C ASP C 811 27.22 10.48 29.66
N LYS C 812 28.54 10.36 29.82
CA LYS C 812 29.26 10.15 31.07
C LYS C 812 28.44 9.62 32.24
N LYS C 813 27.61 10.49 32.83
CA LYS C 813 26.99 10.18 34.12
C LYS C 813 26.10 8.95 34.05
N SER C 814 25.42 8.74 32.92
CA SER C 814 24.52 7.61 32.80
C SER C 814 25.21 6.32 32.39
N LEU C 815 26.54 6.34 32.24
CA LEU C 815 27.29 5.14 31.87
C LEU C 815 28.09 4.65 33.05
N PRO C 816 27.84 3.42 33.54
CA PRO C 816 28.59 2.90 34.69
C PRO C 816 30.06 2.64 34.38
N HIS C 817 30.31 2.02 33.22
CA HIS C 817 31.68 1.67 32.86
C HIS C 817 32.54 2.91 32.67
N VAL C 818 31.96 3.97 32.10
CA VAL C 818 32.69 5.23 31.96
C VAL C 818 33.05 5.79 33.34
N HIS C 819 32.11 5.74 34.27
CA HIS C 819 32.36 6.25 35.61
C HIS C 819 33.49 5.47 36.30
N VAL C 820 33.44 4.15 36.23
CA VAL C 820 34.45 3.34 36.91
C VAL C 820 35.81 3.50 36.23
N ALA C 821 35.83 3.60 34.90
CA ALA C 821 37.09 3.82 34.19
C ALA C 821 37.68 5.19 34.54
N LEU C 822 36.83 6.20 34.65
CA LEU C 822 37.31 7.52 35.05
C LEU C 822 37.88 7.50 36.45
N TRP C 823 37.21 6.79 37.37
CA TRP C 823 37.74 6.65 38.73
C TRP C 823 39.09 5.95 38.73
N ILE C 824 39.22 4.87 37.94
CA ILE C 824 40.48 4.14 37.88
C ILE C 824 41.59 5.04 37.33
N ASN C 825 41.29 5.78 36.26
CA ASN C 825 42.30 6.64 35.64
C ASN C 825 42.73 7.76 36.58
N SER C 826 41.77 8.37 37.28
CA SER C 826 42.09 9.52 38.12
C SER C 826 42.48 9.14 39.54
N GLN C 827 42.46 7.86 39.91
CA GLN C 827 42.80 7.44 41.26
C GLN C 827 44.18 6.82 41.36
N GLY C 828 44.49 5.82 40.55
CA GLY C 828 45.71 5.07 40.73
C GLY C 828 46.67 5.07 39.55
N GLY C 829 46.98 3.88 39.04
CA GLY C 829 48.02 3.72 38.04
C GLY C 829 47.52 3.54 36.63
N ARG C 830 47.42 2.28 36.19
CA ARG C 830 47.08 1.95 34.81
C ARG C 830 45.84 2.71 34.35
N LYS C 831 45.99 3.45 33.26
CA LYS C 831 44.92 4.27 32.70
C LYS C 831 44.28 3.57 31.52
N VAL C 832 42.95 3.61 31.46
CA VAL C 832 42.20 2.96 30.40
C VAL C 832 42.25 3.80 29.14
N LYS C 833 42.38 3.14 28.00
CA LYS C 833 42.42 3.79 26.69
C LYS C 833 41.38 3.12 25.79
N ALA C 834 41.25 3.65 24.57
CA ALA C 834 40.28 3.12 23.62
C ALA C 834 40.61 1.66 23.30
N GLY C 835 39.57 0.82 23.30
CA GLY C 835 39.72 -0.58 23.02
C GLY C 835 39.94 -1.46 24.24
N ASP C 836 40.11 -0.87 25.42
CA ASP C 836 40.33 -1.66 26.62
C ASP C 836 39.00 -2.08 27.24
N THR C 837 39.04 -3.17 28.00
CA THR C 837 37.86 -3.73 28.65
C THR C 837 37.95 -3.48 30.15
N VAL C 838 36.87 -2.97 30.74
CA VAL C 838 36.80 -2.63 32.15
C VAL C 838 35.65 -3.40 32.79
N SER C 839 35.91 -3.94 33.98
CA SER C 839 34.93 -4.66 34.76
C SER C 839 34.40 -3.78 35.88
N TYR C 840 33.09 -3.85 36.11
CA TYR C 840 32.41 -3.04 37.10
C TYR C 840 31.25 -3.84 37.67
N VAL C 841 30.83 -3.44 38.88
CA VAL C 841 29.70 -4.04 39.56
C VAL C 841 28.86 -2.93 40.20
N ILE C 842 27.55 -3.15 40.23
CA ILE C 842 26.59 -2.21 40.79
C ILE C 842 26.34 -2.59 42.25
N CYS C 843 26.40 -1.61 43.15
CA CYS C 843 26.22 -1.85 44.57
C CYS C 843 25.32 -0.77 45.15
N GLN C 844 25.25 -0.75 46.49
CA GLN C 844 24.39 0.17 47.23
C GLN C 844 25.27 1.06 48.11
N ASP C 845 25.47 2.32 47.67
CA ASP C 845 26.22 3.27 48.47
C ASP C 845 25.41 3.84 49.62
N GLY C 846 24.09 3.97 49.44
CA GLY C 846 23.26 4.68 50.38
C GLY C 846 23.15 6.16 50.14
N SER C 847 23.70 6.67 49.03
CA SER C 847 23.65 8.08 48.68
C SER C 847 22.53 8.39 47.70
N ASN C 848 21.57 7.48 47.53
CA ASN C 848 20.41 7.60 46.66
C ASN C 848 20.71 8.26 45.32
N LEU C 849 21.78 7.83 44.66
CA LEU C 849 22.04 8.25 43.30
C LEU C 849 21.53 7.20 42.31
N THR C 850 21.66 7.51 41.03
CA THR C 850 21.22 6.58 40.00
C THR C 850 22.11 5.33 40.01
N ALA C 851 21.53 4.22 39.55
CA ALA C 851 22.26 2.96 39.54
C ALA C 851 23.50 3.03 38.65
N SER C 852 23.40 3.74 37.53
CA SER C 852 24.55 3.88 36.64
C SER C 852 25.70 4.61 37.31
N GLN C 853 25.39 5.67 38.05
CA GLN C 853 26.42 6.43 38.75
C GLN C 853 26.97 5.69 39.96
N ARG C 854 26.28 4.66 40.44
CA ARG C 854 26.66 3.92 41.64
C ARG C 854 27.59 2.74 41.33
N ALA C 855 28.30 2.79 40.20
CA ALA C 855 29.14 1.68 39.75
C ALA C 855 30.46 1.68 40.52
N TYR C 856 30.89 0.49 40.94
CA TYR C 856 32.18 0.29 41.58
C TYR C 856 32.92 -0.86 40.88
N ALA C 857 34.15 -1.09 41.32
CA ALA C 857 34.94 -2.19 40.80
C ALA C 857 34.78 -3.41 41.69
N PRO C 858 34.78 -4.62 41.10
CA PRO C 858 34.66 -5.82 41.94
C PRO C 858 35.76 -5.95 42.98
N GLU C 859 36.99 -5.61 42.61
CA GLU C 859 38.07 -5.59 43.59
C GLU C 859 37.81 -4.52 44.65
N GLN C 860 37.31 -3.36 44.24
CA GLN C 860 36.99 -2.30 45.19
C GLN C 860 35.84 -2.72 46.11
N LEU C 861 34.80 -3.35 45.56
CA LEU C 861 33.68 -3.78 46.38
C LEU C 861 34.08 -4.87 47.37
N GLN C 862 34.90 -5.82 46.93
CA GLN C 862 35.26 -6.93 47.81
C GLN C 862 36.05 -6.42 49.01
N LYS C 863 36.94 -5.45 48.79
CA LYS C 863 37.78 -4.94 49.86
C LYS C 863 37.14 -3.83 50.68
N GLN C 864 35.96 -3.35 50.29
CA GLN C 864 35.26 -2.32 51.03
C GLN C 864 34.11 -2.93 51.83
N ASP C 865 33.88 -2.38 53.02
CA ASP C 865 32.92 -2.94 53.97
C ASP C 865 31.60 -2.17 54.03
N ASN C 866 31.63 -0.85 53.83
CA ASN C 866 30.42 -0.05 53.98
C ASN C 866 29.37 -0.36 52.91
N LEU C 867 29.76 -1.00 51.82
CA LEU C 867 28.89 -1.20 50.67
C LEU C 867 28.45 -2.66 50.58
N THR C 868 27.33 -2.88 49.89
CA THR C 868 26.76 -4.20 49.73
C THR C 868 26.13 -4.31 48.34
N ILE C 869 25.89 -5.55 47.91
CA ILE C 869 25.35 -5.81 46.59
C ILE C 869 23.94 -5.25 46.47
N ASP C 870 23.66 -4.58 45.36
CA ASP C 870 22.32 -4.07 45.07
C ASP C 870 21.57 -5.16 44.32
N THR C 871 20.79 -5.96 45.07
CA THR C 871 20.06 -7.07 44.46
C THR C 871 18.95 -6.58 43.54
N GLN C 872 18.42 -5.39 43.78
CA GLN C 872 17.36 -4.86 42.94
C GLN C 872 17.82 -4.69 41.49
N TYR C 873 19.01 -4.13 41.30
CA TYR C 873 19.52 -3.91 39.95
C TYR C 873 19.69 -5.23 39.21
N TYR C 874 20.27 -6.23 39.86
CA TYR C 874 20.50 -7.51 39.21
C TYR C 874 19.21 -8.28 38.97
N LEU C 875 18.21 -8.08 39.84
CA LEU C 875 16.94 -8.76 39.63
C LEU C 875 16.10 -8.11 38.54
N ALA C 876 16.19 -6.78 38.41
CA ALA C 876 15.30 -6.07 37.51
C ALA C 876 15.93 -5.79 36.15
N GLN C 877 17.14 -5.21 36.13
CA GLN C 877 17.75 -4.78 34.88
C GLN C 877 18.69 -5.80 34.27
N GLN C 878 18.89 -6.96 34.90
CA GLN C 878 19.84 -7.95 34.40
C GLN C 878 19.16 -9.26 33.98
N ILE C 879 18.40 -9.88 34.88
CA ILE C 879 17.82 -11.19 34.60
C ILE C 879 16.44 -11.06 33.97
N HIS C 880 15.63 -10.14 34.48
CA HIS C 880 14.29 -9.94 33.92
C HIS C 880 14.30 -9.62 32.43
N PRO C 881 15.18 -8.76 31.90
CA PRO C 881 15.16 -8.54 30.44
C PRO C 881 15.41 -9.79 29.63
N VAL C 882 16.43 -10.57 29.97
CA VAL C 882 16.77 -11.75 29.19
C VAL C 882 15.69 -12.81 29.32
N VAL C 883 15.03 -12.88 30.48
CA VAL C 883 13.94 -13.83 30.66
C VAL C 883 12.72 -13.40 29.85
N ALA C 884 12.37 -12.12 29.92
CA ALA C 884 11.13 -11.65 29.32
C ALA C 884 11.24 -11.50 27.81
N ARG C 885 12.46 -11.41 27.27
CA ARG C 885 12.60 -11.35 25.83
C ARG C 885 12.18 -12.65 25.16
N ILE C 886 12.09 -13.74 25.93
CA ILE C 886 11.62 -15.01 25.40
C ILE C 886 10.29 -15.44 26.00
N CYS C 887 10.03 -15.12 27.27
CA CYS C 887 8.81 -15.57 27.93
C CYS C 887 7.61 -14.67 27.67
N GLU C 888 7.80 -13.50 27.07
CA GLU C 888 6.67 -12.63 26.76
C GLU C 888 5.67 -13.23 25.77
N PRO C 889 6.07 -13.86 24.66
CA PRO C 889 5.06 -14.36 23.71
C PRO C 889 4.09 -15.37 24.29
N ILE C 890 4.52 -16.17 25.26
CA ILE C 890 3.65 -17.22 25.80
C ILE C 890 2.44 -16.59 26.48
N ASP C 891 1.26 -17.10 26.16
CA ASP C 891 0.05 -16.59 26.80
C ASP C 891 -0.02 -17.02 28.25
N GLY C 892 -0.68 -16.21 29.07
CA GLY C 892 -0.73 -16.43 30.50
C GLY C 892 0.51 -15.99 31.25
N ILE C 893 1.56 -15.59 30.55
CA ILE C 893 2.81 -15.14 31.15
C ILE C 893 3.09 -13.73 30.66
N ASP C 894 3.40 -12.82 31.59
CA ASP C 894 3.73 -11.45 31.25
C ASP C 894 4.92 -11.01 32.09
N ALA C 895 5.37 -9.78 31.85
CA ALA C 895 6.53 -9.26 32.56
C ALA C 895 6.26 -9.12 34.05
N VAL C 896 5.03 -8.74 34.41
CA VAL C 896 4.70 -8.54 35.83
C VAL C 896 4.71 -9.87 36.56
N LEU C 897 4.26 -10.95 35.92
CA LEU C 897 4.30 -12.26 36.56
C LEU C 897 5.74 -12.69 36.83
N ILE C 898 6.64 -12.45 35.87
CA ILE C 898 8.05 -12.77 36.07
C ILE C 898 8.64 -11.92 37.18
N ALA C 899 8.22 -10.65 37.26
CA ALA C 899 8.68 -9.78 38.33
C ALA C 899 8.23 -10.30 39.69
N THR C 900 6.98 -10.76 39.79
CA THR C 900 6.50 -11.34 41.04
C THR C 900 7.20 -12.64 41.37
N TRP C 901 7.61 -13.40 40.35
CA TRP C 901 8.34 -14.64 40.61
C TRP C 901 9.69 -14.38 41.25
N LEU C 902 10.32 -13.24 40.93
CA LEU C 902 11.67 -12.96 41.39
C LEU C 902 11.72 -12.22 42.72
N GLY C 903 10.63 -11.60 43.14
CA GLY C 903 10.63 -10.86 44.39
C GLY C 903 9.39 -10.00 44.54
N LEU C 904 9.53 -8.92 45.30
CA LEU C 904 8.45 -8.01 45.63
C LEU C 904 8.43 -6.80 44.70
N ASP C 905 8.70 -7.03 43.42
CA ASP C 905 8.82 -5.99 42.40
C ASP C 905 7.50 -5.42 41.84
N PRO C 906 6.37 -6.19 41.79
CA PRO C 906 5.33 -5.93 40.77
C PRO C 906 4.98 -4.47 40.49
N THR C 907 4.58 -3.70 41.51
CA THR C 907 4.05 -2.36 41.27
C THR C 907 5.10 -1.46 40.61
N GLN C 908 6.34 -1.52 41.09
CA GLN C 908 7.41 -0.76 40.46
C GLN C 908 7.64 -1.22 39.02
N PHE C 909 7.36 -2.48 38.71
CA PHE C 909 7.52 -2.95 37.34
C PHE C 909 6.40 -2.48 36.44
N ARG C 910 5.16 -2.42 36.96
CA ARG C 910 4.07 -1.82 36.18
C ARG C 910 4.32 -0.34 35.94
N VAL C 911 4.94 0.34 36.91
CA VAL C 911 5.43 1.69 36.65
C VAL C 911 6.49 1.67 35.55
N HIS C 912 7.40 0.70 35.63
CA HIS C 912 8.42 0.53 34.59
C HIS C 912 7.83 0.01 33.29
N HIS C 913 6.61 -0.52 33.31
CA HIS C 913 6.03 -1.15 32.13
C HIS C 913 5.69 -0.10 31.08
N TYR C 914 5.24 -0.57 29.91
CA TYR C 914 4.94 0.28 28.78
C TYR C 914 3.43 0.32 28.52
N HIS C 915 2.97 1.47 28.04
CA HIS C 915 1.55 1.72 27.79
C HIS C 915 1.10 1.27 26.40
N LYS C 916 1.90 1.56 25.37
CA LYS C 916 1.56 1.18 24.01
C LYS C 916 1.82 -0.30 23.73
N ASP C 917 2.47 -1.01 24.67
CA ASP C 917 2.79 -2.42 24.47
C ASP C 917 1.54 -3.25 24.22
N GLU C 918 0.41 -2.87 24.82
CA GLU C 918 -0.82 -3.63 24.69
C GLU C 918 -1.58 -3.33 23.40
N GLU C 919 -0.99 -2.55 22.48
CA GLU C 919 -1.65 -2.21 21.22
C GLU C 919 -1.50 -3.33 20.19
N ASN C 920 -1.91 -4.53 20.60
CA ASN C 920 -1.85 -5.69 19.73
C ASN C 920 -3.17 -6.47 19.78
N ASP C 921 -3.94 -6.27 20.84
CA ASP C 921 -5.21 -6.96 21.01
C ASP C 921 -6.23 -6.48 19.99
N GLN C 929 -14.78 -1.13 22.23
CA GLN C 929 -14.61 0.07 23.06
C GLN C 929 -14.43 -0.31 24.53
N LEU C 930 -13.74 0.55 25.28
CA LEU C 930 -13.42 0.28 26.66
C LEU C 930 -14.38 0.99 27.61
N THR C 931 -14.36 0.58 28.87
CA THR C 931 -15.17 1.20 29.90
C THR C 931 -14.42 2.38 30.53
N ASP C 932 -15.18 3.28 31.16
CA ASP C 932 -14.61 4.51 31.67
C ASP C 932 -13.59 4.26 32.78
N GLU C 933 -13.74 3.16 33.51
CA GLU C 933 -12.83 2.90 34.62
C GLU C 933 -11.48 2.37 34.14
N GLU C 934 -11.40 1.88 32.91
CA GLU C 934 -10.17 1.29 32.41
C GLU C 934 -9.44 2.14 31.38
N LYS C 935 -10.14 3.01 30.66
CA LYS C 935 -9.44 3.90 29.74
C LYS C 935 -8.64 4.95 30.48
N TYR C 936 -9.11 5.37 31.66
CA TYR C 936 -8.43 6.37 32.48
C TYR C 936 -7.63 5.72 33.61
N ARG C 937 -7.17 4.49 33.42
CA ARG C 937 -6.43 3.79 34.47
C ARG C 937 -5.04 4.37 34.64
N ASP C 938 -4.34 4.63 33.53
CA ASP C 938 -2.97 5.12 33.59
C ASP C 938 -2.88 6.63 33.71
N CYS C 939 -3.98 7.35 33.53
CA CYS C 939 -3.96 8.80 33.60
C CYS C 939 -3.66 9.27 35.02
N GLU C 940 -2.97 10.41 35.12
CA GLU C 940 -2.61 10.97 36.41
C GLU C 940 -3.76 11.77 36.98
N ARG C 941 -4.12 11.48 38.23
CA ARG C 941 -5.22 12.18 38.88
C ARG C 941 -4.87 13.65 39.08
N PHE C 942 -5.89 14.49 39.16
CA PHE C 942 -5.67 15.92 39.28
C PHE C 942 -5.28 16.26 40.71
N LYS C 943 -4.10 16.84 40.89
CA LYS C 943 -3.54 17.14 42.20
C LYS C 943 -3.52 18.65 42.40
N CYS C 944 -4.13 19.12 43.49
CA CYS C 944 -4.12 20.57 43.71
C CYS C 944 -4.08 20.91 45.20
N PRO C 945 -3.18 21.78 45.64
CA PRO C 945 -3.18 22.17 47.05
C PRO C 945 -4.31 23.12 47.37
N CYS C 946 -4.91 22.94 48.54
CA CYS C 946 -5.98 23.83 48.98
C CYS C 946 -5.38 25.19 49.33
N PRO C 947 -5.86 26.28 48.74
CA PRO C 947 -5.19 27.58 48.92
C PRO C 947 -5.21 28.10 50.34
N THR C 948 -6.12 27.62 51.20
CA THR C 948 -6.23 28.16 52.55
C THR C 948 -5.74 27.21 53.63
N CYS C 949 -5.63 25.91 53.36
CA CYS C 949 -5.11 24.96 54.34
C CYS C 949 -3.83 24.27 53.91
N GLY C 950 -3.53 24.24 52.60
CA GLY C 950 -2.29 23.67 52.10
C GLY C 950 -2.33 22.18 51.86
N THR C 951 -3.41 21.49 52.23
CA THR C 951 -3.48 20.06 52.02
C THR C 951 -3.75 19.74 50.55
N GLU C 952 -3.01 18.78 50.02
CA GLU C 952 -3.22 18.33 48.65
C GLU C 952 -4.59 17.67 48.51
N ASN C 953 -5.21 17.89 47.36
CA ASN C 953 -6.51 17.31 47.04
C ASN C 953 -6.37 16.52 45.75
N ILE C 954 -6.92 15.31 45.73
CA ILE C 954 -6.84 14.39 44.60
C ILE C 954 -8.23 14.31 43.98
N TYR C 955 -8.30 14.53 42.66
CA TYR C 955 -9.55 14.44 41.92
C TYR C 955 -9.43 13.35 40.86
N ASP C 956 -10.41 12.45 40.84
CA ASP C 956 -10.41 11.31 39.93
C ASP C 956 -11.72 11.22 39.16
N ASN C 957 -12.82 11.68 39.77
CA ASN C 957 -14.10 11.76 39.08
C ASN C 957 -14.99 12.76 39.82
N VAL C 958 -16.22 12.93 39.32
CA VAL C 958 -17.07 14.02 39.76
C VAL C 958 -17.48 13.84 41.22
N PHE C 959 -17.92 12.64 41.58
CA PHE C 959 -18.44 12.38 42.92
C PHE C 959 -17.35 11.82 43.83
N ASP C 960 -17.75 11.46 45.04
CA ASP C 960 -16.83 10.98 46.06
C ASP C 960 -17.49 9.85 46.84
N GLY C 961 -16.95 8.65 46.72
CA GLY C 961 -17.46 7.50 47.44
C GLY C 961 -18.40 6.65 46.60
N SER C 962 -19.31 5.97 47.31
CA SER C 962 -20.31 5.12 46.68
C SER C 962 -21.61 5.18 47.48
N GLY C 963 -22.73 5.22 46.76
CA GLY C 963 -24.03 5.11 47.39
C GLY C 963 -24.78 6.41 47.62
N THR C 964 -25.32 6.57 48.83
CA THR C 964 -26.19 7.71 49.13
C THR C 964 -25.39 9.00 49.29
N ASP C 965 -24.12 8.89 49.66
CA ASP C 965 -23.29 10.02 50.09
C ASP C 965 -22.62 10.75 48.93
N MET C 966 -23.26 10.82 47.77
CA MET C 966 -22.65 11.41 46.58
C MET C 966 -22.55 12.92 46.74
N GLU C 967 -21.53 13.35 47.46
CA GLU C 967 -21.16 14.75 47.44
C GLU C 967 -20.23 15.03 46.28
N PRO C 968 -20.28 16.21 45.69
CA PRO C 968 -19.33 16.56 44.64
C PRO C 968 -17.90 16.53 45.17
N SER C 969 -16.98 16.07 44.32
CA SER C 969 -15.57 16.05 44.72
C SER C 969 -15.04 17.45 44.98
N LEU C 970 -15.68 18.46 44.39
CA LEU C 970 -15.27 19.84 44.54
C LEU C 970 -15.98 20.55 45.69
N TYR C 971 -16.88 19.86 46.40
CA TYR C 971 -17.66 20.50 47.46
C TYR C 971 -16.82 20.79 48.69
N ARG C 972 -15.99 19.83 49.12
CA ARG C 972 -15.18 19.97 50.31
C ARG C 972 -13.78 19.42 50.03
N CYS C 973 -12.77 20.11 50.57
CA CYS C 973 -11.40 19.65 50.37
C CYS C 973 -11.11 18.44 51.25
N SER C 974 -10.08 17.69 50.87
CA SER C 974 -9.78 16.42 51.52
C SER C 974 -9.47 16.58 53.00
N ASN C 975 -8.99 17.75 53.41
CA ASN C 975 -8.74 17.99 54.83
C ASN C 975 -10.06 18.09 55.58
N ILE C 976 -10.17 17.36 56.69
CA ILE C 976 -11.40 17.37 57.46
C ILE C 976 -11.59 18.71 58.17
N ASP C 977 -10.51 19.28 58.69
CA ASP C 977 -10.61 20.52 59.46
C ASP C 977 -10.85 21.75 58.59
N CYS C 978 -10.54 21.69 57.30
CA CYS C 978 -10.75 22.83 56.42
C CYS C 978 -12.24 22.98 56.10
N LYS C 979 -12.73 24.22 56.20
CA LYS C 979 -14.13 24.52 55.96
C LYS C 979 -14.35 25.32 54.67
N ALA C 980 -13.31 25.50 53.85
CA ALA C 980 -13.44 26.24 52.61
C ALA C 980 -13.84 25.32 51.47
N SER C 981 -14.80 25.79 50.66
CA SER C 981 -15.25 25.03 49.51
C SER C 981 -14.30 25.24 48.35
N PRO C 982 -13.67 24.20 47.81
CA PRO C 982 -12.77 24.39 46.67
C PRO C 982 -13.44 24.99 45.44
N LEU C 983 -14.75 24.79 45.29
CA LEU C 983 -15.44 25.38 44.15
C LEU C 983 -15.39 26.90 44.20
N THR C 984 -15.42 27.47 45.40
CA THR C 984 -15.24 28.92 45.54
C THR C 984 -13.93 29.38 44.92
N PHE C 985 -12.91 28.53 44.94
CA PHE C 985 -11.66 28.79 44.23
C PHE C 985 -11.70 28.21 42.81
N THR C 986 -12.76 28.55 42.07
CA THR C 986 -12.88 28.11 40.70
C THR C 986 -11.77 28.69 39.82
N VAL C 987 -11.38 29.94 40.07
CA VAL C 987 -10.34 30.57 39.27
C VAL C 987 -9.03 29.82 39.40
N GLN C 988 -8.60 29.59 40.64
CA GLN C 988 -7.31 28.94 40.87
C GLN C 988 -7.24 27.59 40.19
N LEU C 989 -8.28 26.77 40.35
CA LEU C 989 -8.35 25.51 39.64
C LEU C 989 -8.22 25.74 38.13
N SER C 990 -9.03 26.65 37.59
CA SER C 990 -8.97 26.92 36.16
C SER C 990 -7.62 27.49 35.74
N ASN C 991 -6.83 27.98 36.70
CA ASN C 991 -5.45 28.33 36.42
C ASN C 991 -4.57 27.09 36.45
N LYS C 992 -4.65 26.33 37.54
CA LYS C 992 -3.77 25.17 37.72
C LYS C 992 -3.92 24.19 36.57
N LEU C 993 -5.16 23.81 36.26
CA LEU C 993 -5.45 22.94 35.13
C LEU C 993 -4.66 23.35 33.90
N ILE C 994 -4.62 24.66 33.61
CA ILE C 994 -3.98 25.14 32.39
C ILE C 994 -2.54 24.66 32.33
N MET C 995 -1.78 24.89 33.40
CA MET C 995 -0.39 24.46 33.38
C MET C 995 -0.27 22.95 33.35
N ASP C 996 -1.20 22.24 33.99
CA ASP C 996 -1.21 20.79 33.87
C ASP C 996 -1.34 20.36 32.43
N ILE C 997 -2.09 21.10 31.62
CA ILE C 997 -2.16 20.78 30.20
C ILE C 997 -0.85 21.14 29.50
N ARG C 998 -0.20 22.24 29.90
CA ARG C 998 1.04 22.64 29.23
C ARG C 998 2.12 21.56 29.39
N ARG C 999 2.35 21.13 30.63
CA ARG C 999 3.35 20.10 30.92
C ARG C 999 3.21 18.91 29.98
N PHE C 1000 2.05 18.25 30.03
CA PHE C 1000 1.83 17.05 29.22
C PHE C 1000 1.93 17.32 27.74
N ILE C 1001 1.72 18.56 27.30
CA ILE C 1001 1.97 18.86 25.90
C ILE C 1001 3.46 18.83 25.58
N LYS C 1002 4.26 19.49 26.42
CA LYS C 1002 5.70 19.57 26.17
C LYS C 1002 6.33 18.18 26.15
N LYS C 1003 5.92 17.32 27.09
CA LYS C 1003 6.37 15.93 27.09
C LYS C 1003 6.17 15.30 25.72
N TYR C 1004 4.96 15.43 25.16
CA TYR C 1004 4.67 14.81 23.88
C TYR C 1004 5.56 15.37 22.79
N TYR C 1005 5.97 16.64 22.92
CA TYR C 1005 6.82 17.26 21.91
C TYR C 1005 8.30 17.12 22.22
N ASP C 1006 8.67 16.38 23.27
CA ASP C 1006 10.07 16.13 23.54
C ASP C 1006 10.67 15.10 22.60
N GLY C 1007 9.86 14.22 22.02
CA GLY C 1007 10.34 13.30 21.02
C GLY C 1007 11.22 12.18 21.53
N TRP C 1008 11.07 11.80 22.80
CA TRP C 1008 11.88 10.72 23.36
C TRP C 1008 11.46 9.39 22.77
N LEU C 1009 12.38 8.73 22.08
CA LEU C 1009 12.15 7.43 21.49
C LEU C 1009 12.96 6.37 22.24
N ILE C 1010 12.35 5.21 22.47
CA ILE C 1010 12.98 4.13 23.19
C ILE C 1010 12.92 2.87 22.35
N CYS C 1011 13.98 2.06 22.40
CA CYS C 1011 14.05 0.86 21.59
C CYS C 1011 13.08 -0.19 22.12
N GLU C 1012 12.44 -0.91 21.19
CA GLU C 1012 11.45 -1.91 21.57
C GLU C 1012 12.07 -3.20 22.08
N GLU C 1013 13.35 -3.45 21.82
CA GLU C 1013 14.00 -4.66 22.28
C GLU C 1013 14.29 -4.56 23.77
N PRO C 1014 13.83 -5.50 24.59
CA PRO C 1014 14.02 -5.38 26.05
C PRO C 1014 15.46 -5.38 26.50
N THR C 1015 16.38 -5.92 25.69
CA THR C 1015 17.79 -5.93 26.07
C THR C 1015 18.54 -4.68 25.63
N CYS C 1016 18.03 -3.95 24.64
CA CYS C 1016 18.71 -2.76 24.14
C CYS C 1016 18.25 -1.51 24.89
N ARG C 1017 16.97 -1.17 24.78
CA ARG C 1017 16.37 -0.02 25.46
C ARG C 1017 17.16 1.26 25.20
N ASN C 1018 17.43 1.52 23.92
CA ASN C 1018 18.19 2.69 23.52
C ASN C 1018 17.28 3.91 23.55
N ARG C 1019 17.60 4.88 24.42
CA ARG C 1019 16.82 6.09 24.57
C ARG C 1019 17.50 7.24 23.83
N THR C 1020 16.76 7.88 22.94
CA THR C 1020 17.30 8.98 22.15
C THR C 1020 16.17 9.92 21.75
N ARG C 1021 16.55 11.17 21.45
CA ARG C 1021 15.61 12.17 20.95
C ARG C 1021 15.76 12.39 19.45
N HIS C 1022 16.86 11.94 18.85
CA HIS C 1022 17.10 12.09 17.43
C HIS C 1022 16.35 11.02 16.66
N LEU C 1023 15.56 11.44 15.67
CA LEU C 1023 14.79 10.50 14.86
C LEU C 1023 15.62 10.11 13.65
N PRO C 1024 16.06 8.86 13.54
CA PRO C 1024 16.89 8.47 12.40
C PRO C 1024 16.11 8.47 11.09
N LEU C 1025 16.83 8.80 10.01
CA LEU C 1025 16.24 8.79 8.67
C LEU C 1025 16.17 7.39 8.08
N GLN C 1026 16.79 6.39 8.72
CA GLN C 1026 16.76 5.02 8.25
C GLN C 1026 15.56 4.32 8.91
N PHE C 1027 14.53 4.06 8.13
CA PHE C 1027 13.28 3.50 8.62
C PHE C 1027 13.17 2.02 8.24
N SER C 1028 12.54 1.25 9.12
CA SER C 1028 12.21 -0.14 8.83
C SER C 1028 10.80 -0.18 8.22
N ARG C 1029 10.24 -1.38 8.10
CA ARG C 1029 8.89 -1.49 7.55
C ARG C 1029 7.83 -0.97 8.51
N THR C 1030 8.14 -0.89 9.80
CA THR C 1030 7.20 -0.38 10.80
C THR C 1030 7.50 1.05 11.19
N GLY C 1031 8.71 1.31 11.69
CA GLY C 1031 9.08 2.63 12.15
C GLY C 1031 10.57 2.87 12.10
N PRO C 1032 11.04 3.89 12.82
CA PRO C 1032 12.47 4.21 12.81
C PRO C 1032 13.30 3.04 13.33
N LEU C 1033 14.46 2.84 12.73
CA LEU C 1033 15.32 1.71 13.03
C LEU C 1033 16.37 2.12 14.04
N CYS C 1034 16.53 1.31 15.09
CA CYS C 1034 17.41 1.66 16.19
C CYS C 1034 18.86 1.72 15.71
N PRO C 1035 19.62 2.77 16.05
CA PRO C 1035 21.00 2.86 15.58
C PRO C 1035 21.99 2.03 16.37
N ALA C 1036 21.75 1.77 17.66
CA ALA C 1036 22.66 0.95 18.44
C ALA C 1036 22.51 -0.52 18.11
N CYS C 1037 21.32 -1.07 18.35
CA CYS C 1037 20.97 -2.42 17.90
C CYS C 1037 20.38 -2.30 16.50
N MET C 1038 21.12 -2.75 15.50
CA MET C 1038 20.78 -2.44 14.12
C MET C 1038 19.49 -3.10 13.65
N LYS C 1039 18.95 -4.06 14.41
CA LYS C 1039 17.70 -4.73 14.07
C LYS C 1039 16.69 -4.54 15.21
N ALA C 1040 16.02 -3.39 15.19
CA ALA C 1040 15.03 -3.01 16.20
C ALA C 1040 14.36 -1.71 15.78
N THR C 1041 13.16 -1.45 16.29
CA THR C 1041 12.42 -0.25 15.95
C THR C 1041 12.20 0.60 17.19
N LEU C 1042 12.53 1.89 17.09
CA LEU C 1042 12.26 2.82 18.16
C LEU C 1042 10.78 3.18 18.20
N GLN C 1043 10.26 3.38 19.40
CA GLN C 1043 8.87 3.74 19.60
C GLN C 1043 8.78 4.94 20.54
N PRO C 1044 7.77 5.80 20.36
CA PRO C 1044 7.64 6.97 21.23
C PRO C 1044 7.45 6.57 22.68
N GLU C 1045 8.12 7.32 23.57
CA GLU C 1045 8.00 7.06 25.00
C GLU C 1045 6.69 7.60 25.56
N TYR C 1046 6.18 8.71 25.02
CA TYR C 1046 4.91 9.30 25.42
C TYR C 1046 4.10 9.50 24.15
N SER C 1047 3.21 8.56 23.86
CA SER C 1047 2.46 8.58 22.62
C SER C 1047 1.44 9.71 22.61
N ASP C 1048 0.95 10.02 21.40
CA ASP C 1048 -0.11 11.01 21.25
C ASP C 1048 -1.43 10.54 21.85
N LYS C 1049 -1.70 9.24 21.78
CA LYS C 1049 -2.92 8.71 22.35
C LYS C 1049 -2.94 8.88 23.86
N SER C 1050 -1.77 8.78 24.51
CA SER C 1050 -1.71 9.01 25.95
C SER C 1050 -2.07 10.44 26.30
N LEU C 1051 -1.58 11.42 25.52
CA LEU C 1051 -1.94 12.81 25.75
C LEU C 1051 -3.43 13.04 25.50
N TYR C 1052 -3.97 12.43 24.44
CA TYR C 1052 -5.39 12.56 24.17
C TYR C 1052 -6.23 12.00 25.32
N THR C 1053 -5.82 10.84 25.84
CA THR C 1053 -6.55 10.23 26.95
C THR C 1053 -6.44 11.06 28.21
N GLN C 1054 -5.27 11.67 28.45
CA GLN C 1054 -5.14 12.54 29.62
C GLN C 1054 -6.02 13.78 29.50
N LEU C 1055 -6.07 14.38 28.31
CA LEU C 1055 -6.96 15.53 28.10
C LEU C 1055 -8.43 15.12 28.29
N CYS C 1056 -8.80 13.94 27.78
CA CYS C 1056 -10.16 13.45 27.98
C CYS C 1056 -10.46 13.23 29.45
N PHE C 1057 -9.48 12.72 30.21
CA PHE C 1057 -9.66 12.52 31.65
C PHE C 1057 -9.84 13.86 32.36
N TYR C 1058 -9.07 14.88 31.96
CA TYR C 1058 -9.22 16.21 32.55
C TYR C 1058 -10.60 16.78 32.24
N ARG C 1059 -11.10 16.55 31.02
CA ARG C 1059 -12.45 16.96 30.69
C ARG C 1059 -13.48 16.20 31.52
N TYR C 1060 -13.24 14.91 31.75
CA TYR C 1060 -14.23 14.03 32.36
C TYR C 1060 -14.34 14.23 33.87
N ILE C 1061 -13.25 14.59 34.54
CA ILE C 1061 -13.31 14.74 36.00
C ILE C 1061 -14.22 15.88 36.43
N PHE C 1062 -14.63 16.74 35.50
CA PHE C 1062 -15.50 17.88 35.81
C PHE C 1062 -16.79 17.86 35.00
N ASP C 1063 -17.08 16.77 34.30
CA ASP C 1063 -18.25 16.70 33.42
C ASP C 1063 -19.44 16.17 34.20
N ALA C 1064 -20.21 17.09 34.77
CA ALA C 1064 -21.42 16.70 35.51
C ALA C 1064 -22.56 16.33 34.55
N GLU C 1065 -22.58 16.93 33.36
CA GLU C 1065 -23.65 16.65 32.40
C GLU C 1065 -23.69 15.17 32.04
N CYS C 1066 -22.54 14.60 31.69
CA CYS C 1066 -22.47 13.18 31.37
C CYS C 1066 -22.39 12.30 32.62
N ALA C 1067 -22.09 12.87 33.78
CA ALA C 1067 -22.06 12.09 35.02
C ALA C 1067 -23.43 11.91 35.62
N LEU C 1068 -24.39 12.78 35.31
CA LEU C 1068 -25.75 12.61 35.81
C LEU C 1068 -26.59 11.68 34.94
N GLU C 1069 -26.38 11.69 33.62
CA GLU C 1069 -27.08 10.74 32.76
C GLU C 1069 -26.62 9.31 32.97
N LYS C 1070 -25.46 9.09 33.60
CA LYS C 1070 -24.99 7.75 33.90
C LYS C 1070 -25.82 7.05 34.97
N LEU C 1071 -26.63 7.81 35.71
CA LEU C 1071 -27.47 7.24 36.75
C LEU C 1071 -28.67 6.53 36.11
N THR C 1072 -28.93 5.30 36.54
CA THR C 1072 -29.95 4.48 35.90
C THR C 1072 -31.35 5.06 36.11
N THR C 1073 -31.65 5.53 37.31
CA THR C 1073 -32.97 6.03 37.65
C THR C 1073 -32.99 7.55 37.68
N ASP C 1074 -34.16 8.11 37.37
CA ASP C 1074 -34.32 9.56 37.35
C ASP C 1074 -34.39 10.13 38.76
N HIS C 1075 -34.82 9.33 39.74
CA HIS C 1075 -35.03 9.85 41.09
C HIS C 1075 -33.73 10.36 41.70
N GLU C 1076 -32.69 9.52 41.70
CA GLU C 1076 -31.41 9.94 42.25
C GLU C 1076 -30.81 11.09 41.44
N LYS C 1077 -30.99 11.07 40.12
CA LYS C 1077 -30.48 12.15 39.29
C LYS C 1077 -31.09 13.48 39.68
N ASP C 1078 -32.42 13.54 39.82
CA ASP C 1078 -33.05 14.80 40.18
C ASP C 1078 -32.76 15.19 41.63
N LYS C 1079 -32.65 14.20 42.52
CA LYS C 1079 -32.31 14.51 43.91
C LYS C 1079 -30.94 15.17 44.01
N LEU C 1080 -29.95 14.61 43.31
CA LEU C 1080 -28.62 15.21 43.33
C LEU C 1080 -28.60 16.53 42.55
N LYS C 1081 -29.42 16.65 41.51
CA LYS C 1081 -29.49 17.90 40.75
C LYS C 1081 -29.99 19.04 41.63
N LYS C 1082 -31.02 18.79 42.44
CA LYS C 1082 -31.59 19.83 43.28
C LYS C 1082 -30.81 20.04 44.57
N GLN C 1083 -30.17 19.00 45.10
CA GLN C 1083 -29.50 19.12 46.40
C GLN C 1083 -28.22 19.95 46.29
N PHE C 1084 -27.39 19.66 45.30
CA PHE C 1084 -26.10 20.33 45.15
C PHE C 1084 -25.95 21.07 43.84
N PHE C 1085 -26.37 20.48 42.73
CA PHE C 1085 -26.02 21.01 41.40
C PHE C 1085 -27.00 22.12 41.00
N THR C 1086 -26.81 23.27 41.64
CA THR C 1086 -27.51 24.48 41.27
C THR C 1086 -26.97 24.99 39.93
N PRO C 1087 -27.71 25.86 39.25
CA PRO C 1087 -27.20 26.41 37.98
C PRO C 1087 -25.85 27.11 38.12
N LYS C 1088 -25.56 27.70 39.28
CA LYS C 1088 -24.24 28.29 39.51
C LYS C 1088 -23.15 27.23 39.49
N VAL C 1089 -23.34 26.14 40.24
CA VAL C 1089 -22.36 25.07 40.26
C VAL C 1089 -22.27 24.41 38.89
N LEU C 1090 -23.39 24.30 38.18
CA LEU C 1090 -23.37 23.78 36.83
C LEU C 1090 -22.54 24.66 35.91
N GLN C 1091 -22.66 25.98 36.06
CA GLN C 1091 -21.85 26.90 35.25
C GLN C 1091 -20.37 26.77 35.60
N ASP C 1092 -20.05 26.60 36.89
CA ASP C 1092 -18.66 26.42 37.29
C ASP C 1092 -18.08 25.15 36.67
N TYR C 1093 -18.84 24.06 36.73
CA TYR C 1093 -18.37 22.81 36.12
C TYR C 1093 -18.25 22.95 34.61
N ARG C 1094 -19.16 23.70 33.98
CA ARG C 1094 -19.05 23.93 32.54
C ARG C 1094 -17.80 24.72 32.20
N LYS C 1095 -17.45 25.71 33.03
CA LYS C 1095 -16.22 26.46 32.81
C LYS C 1095 -14.99 25.57 32.95
N LEU C 1096 -14.98 24.71 33.97
CA LEU C 1096 -13.86 23.79 34.13
C LEU C 1096 -13.78 22.79 32.99
N LYS C 1097 -14.92 22.35 32.45
CA LYS C 1097 -14.91 21.53 31.26
C LYS C 1097 -14.33 22.28 30.07
N ASN C 1098 -14.75 23.55 29.89
CA ASN C 1098 -14.30 24.32 28.75
C ASN C 1098 -12.80 24.60 28.81
N THR C 1099 -12.23 24.62 30.02
CA THR C 1099 -10.79 24.81 30.15
C THR C 1099 -10.02 23.75 29.36
N ALA C 1100 -10.50 22.50 29.36
CA ALA C 1100 -9.88 21.45 28.57
C ALA C 1100 -10.50 21.30 27.18
N GLU C 1101 -11.77 21.69 27.03
CA GLU C 1101 -12.38 21.67 25.70
C GLU C 1101 -11.70 22.64 24.77
N GLN C 1102 -11.11 23.72 25.30
CA GLN C 1102 -10.37 24.65 24.46
C GLN C 1102 -9.16 23.96 23.82
N PHE C 1103 -8.48 23.10 24.58
CA PHE C 1103 -7.34 22.36 24.03
C PHE C 1103 -7.81 21.23 23.13
N LEU C 1104 -8.95 20.62 23.43
CA LEU C 1104 -9.42 19.49 22.63
C LEU C 1104 -10.22 19.88 21.39
N SER C 1105 -10.58 21.16 21.23
CA SER C 1105 -11.48 21.57 20.15
C SER C 1105 -10.93 21.26 18.77
N ARG C 1106 -9.83 21.92 18.39
CA ARG C 1106 -9.25 21.74 17.07
C ARG C 1106 -7.97 20.93 17.11
N SER C 1107 -7.22 21.03 18.19
CA SER C 1107 -5.90 20.40 18.30
C SER C 1107 -6.04 18.92 18.68
N GLY C 1108 -5.03 18.15 18.29
CA GLY C 1108 -4.93 16.76 18.69
C GLY C 1108 -5.46 15.75 17.71
N TYR C 1109 -6.09 16.19 16.63
CA TYR C 1109 -6.73 15.31 15.66
C TYR C 1109 -7.63 14.29 16.34
N SER C 1110 -8.39 14.76 17.33
CA SER C 1110 -9.62 14.06 17.69
C SER C 1110 -10.68 14.28 16.62
N GLU C 1111 -10.53 15.33 15.83
CA GLU C 1111 -11.35 15.51 14.63
C GLU C 1111 -11.04 14.43 13.61
N VAL C 1112 -12.07 13.96 12.93
CA VAL C 1112 -11.92 12.99 11.84
C VAL C 1112 -12.52 13.65 10.61
N ASN C 1113 -11.69 13.88 9.59
CA ASN C 1113 -12.16 14.48 8.34
C ASN C 1113 -12.57 13.37 7.39
N LEU C 1114 -13.88 13.20 7.20
CA LEU C 1114 -14.35 12.21 6.25
C LEU C 1114 -14.17 12.64 4.80
N SER C 1115 -13.96 13.94 4.56
CA SER C 1115 -13.67 14.41 3.21
C SER C 1115 -12.38 13.81 2.68
N LYS C 1116 -11.34 13.79 3.51
CA LYS C 1116 -10.11 13.09 3.13
C LYS C 1116 -10.23 11.59 3.27
N LEU C 1117 -11.19 11.11 4.07
CA LEU C 1117 -11.33 9.68 4.31
C LEU C 1117 -11.98 8.96 3.14
N PHE C 1118 -12.96 9.58 2.48
CA PHE C 1118 -13.66 8.95 1.37
C PHE C 1118 -13.23 9.46 0.01
N ALA C 1119 -12.98 10.75 -0.13
CA ALA C 1119 -12.55 11.30 -1.41
C ALA C 1119 -11.03 11.23 -1.55
N ALA D 1 4.23 45.13 49.55
CA ALA D 1 5.08 46.07 50.28
C ALA D 1 6.50 46.04 49.75
N THR D 2 7.16 44.89 49.92
CA THR D 2 8.52 44.65 49.46
C THR D 2 8.68 44.67 47.94
N PRO D 3 7.80 44.02 47.15
CA PRO D 3 8.11 43.83 45.72
C PRO D 3 8.23 45.15 44.96
N SER D 4 9.04 45.11 43.90
CA SER D 4 9.30 46.22 42.98
C SER D 4 10.00 47.39 43.66
N GLN D 5 10.81 47.12 44.69
CA GLN D 5 11.54 48.19 45.37
C GLN D 5 12.87 48.48 44.67
N LYS D 6 13.63 47.42 44.37
CA LYS D 6 14.97 47.60 43.81
C LYS D 6 14.91 48.25 42.44
N TYR D 7 14.00 47.81 41.57
CA TYR D 7 13.90 48.40 40.25
C TYR D 7 13.48 49.86 40.32
N ASN D 8 12.51 50.18 41.19
CA ASN D 8 12.06 51.57 41.30
C ASN D 8 13.14 52.45 41.89
N SER D 9 14.02 51.89 42.73
CA SER D 9 15.12 52.63 43.34
C SER D 9 16.38 52.58 42.49
N ARG D 10 16.27 52.31 41.20
CA ARG D 10 17.45 52.25 40.34
C ARG D 10 18.01 53.65 40.10
N SER D 11 19.27 53.70 39.69
CA SER D 11 19.95 54.95 39.42
C SER D 11 20.54 55.05 38.01
N ASN D 12 20.48 53.98 37.22
CA ASN D 12 21.02 53.97 35.86
C ASN D 12 19.97 54.30 34.80
N ARG D 13 18.95 55.08 35.16
CA ARG D 13 17.89 55.40 34.21
C ARG D 13 18.40 56.35 33.14
N GLY D 14 18.11 56.02 31.88
CA GLY D 14 18.49 56.86 30.76
C GLY D 14 19.91 56.70 30.29
N GLU D 15 20.69 55.80 30.88
CA GLU D 15 22.07 55.60 30.47
C GLU D 15 22.12 54.83 29.16
N VAL D 16 22.88 55.35 28.20
CA VAL D 16 23.09 54.68 26.93
C VAL D 16 24.27 53.73 27.07
N VAL D 17 24.04 52.45 26.76
CA VAL D 17 25.08 51.44 26.94
C VAL D 17 25.72 51.00 25.63
N THR D 18 25.05 51.15 24.49
CA THR D 18 25.67 50.74 23.23
C THR D 18 25.23 51.65 22.10
N SER D 19 26.15 51.95 21.19
CA SER D 19 25.84 52.74 20.00
C SER D 19 26.49 52.07 18.79
N PHE D 20 25.85 52.22 17.63
CA PHE D 20 26.37 51.66 16.40
C PHE D 20 25.88 52.51 15.23
N GLY D 21 26.75 52.69 14.24
CA GLY D 21 26.42 53.47 13.06
C GLY D 21 27.03 54.85 13.09
N LEU D 22 26.18 55.87 13.22
CA LEU D 22 26.62 57.25 13.32
C LEU D 22 26.33 57.77 14.73
N ALA D 23 27.23 58.61 15.24
CA ALA D 23 27.07 59.15 16.59
C ALA D 23 25.78 59.97 16.68
N GLN D 24 25.00 59.70 17.72
CA GLN D 24 23.74 60.38 17.96
C GLN D 24 23.60 60.68 19.45
N GLY D 25 22.87 61.75 19.75
CA GLY D 25 22.65 62.13 21.13
C GLY D 25 21.54 61.34 21.80
N VAL D 26 20.72 62.01 22.60
CA VAL D 26 19.60 61.36 23.28
C VAL D 26 18.25 61.82 22.75
N SER D 27 18.21 62.86 21.92
CA SER D 27 16.94 63.38 21.39
C SER D 27 16.53 62.63 20.12
N TRP D 28 16.15 61.37 20.32
CA TRP D 28 15.65 60.53 19.23
C TRP D 28 14.15 60.75 19.12
N SER D 29 13.74 61.68 18.25
CA SER D 29 12.35 62.06 18.10
C SER D 29 11.92 61.82 16.66
N GLY D 30 10.76 61.21 16.48
CA GLY D 30 10.21 60.91 15.18
C GLY D 30 8.94 61.68 14.88
N ARG D 31 8.32 61.30 13.76
CA ARG D 31 7.08 61.92 13.32
C ARG D 31 5.83 61.23 13.85
N GLY D 32 5.98 60.13 14.58
CA GLY D 32 4.85 59.37 15.04
C GLY D 32 4.12 58.68 13.90
N GLY D 33 2.82 58.92 13.78
CA GLY D 33 2.02 58.36 12.71
C GLY D 33 2.02 59.15 11.43
N ALA D 34 2.76 60.25 11.37
CA ALA D 34 2.79 61.07 10.17
C ALA D 34 3.56 60.37 9.05
N GLY D 35 3.19 60.68 7.82
CA GLY D 35 3.84 60.11 6.65
C GLY D 35 3.34 58.72 6.32
N ASN D 36 3.90 58.16 5.25
CA ASN D 36 3.53 56.84 4.80
C ASN D 36 4.29 55.78 5.58
N ILE D 37 3.56 54.78 6.10
CA ILE D 37 4.14 53.68 6.85
C ILE D 37 3.70 52.39 6.18
N SER D 38 4.68 51.58 5.77
CA SER D 38 4.42 50.33 5.05
C SER D 38 4.81 49.16 5.94
N LEU D 39 3.83 48.56 6.60
CA LEU D 39 4.03 47.41 7.47
C LEU D 39 3.35 46.21 6.80
N LYS D 40 4.15 45.27 6.28
CA LYS D 40 3.58 44.10 5.61
C LYS D 40 4.40 42.86 5.93
N VAL D 41 3.71 41.77 6.25
CA VAL D 41 4.37 40.50 6.54
C VAL D 41 4.55 39.73 5.24
N LEU D 42 5.76 39.22 5.02
CA LEU D 42 6.08 38.60 3.74
C LEU D 42 6.61 37.17 3.94
N GLY D 43 7.07 36.58 2.84
CA GLY D 43 7.73 35.29 2.88
C GLY D 43 6.94 34.15 2.29
N CYS D 44 6.92 33.02 3.00
CA CYS D 44 6.12 31.84 2.71
C CYS D 44 4.64 32.20 2.92
N PRO D 45 3.67 31.26 2.76
CA PRO D 45 2.30 31.57 3.18
C PRO D 45 2.30 32.37 4.47
N GLU D 46 1.49 33.42 4.53
CA GLU D 46 1.88 34.61 5.28
C GLU D 46 1.91 34.38 6.78
N ALA D 47 3.08 33.94 7.28
CA ALA D 47 3.41 33.88 8.69
C ALA D 47 2.37 33.16 9.53
N LEU D 48 1.48 32.40 8.90
CA LEU D 48 0.38 31.70 9.55
C LEU D 48 -0.56 32.67 10.27
N THR D 49 -1.84 32.59 9.95
CA THR D 49 -2.84 33.47 10.52
C THR D 49 -3.83 32.76 11.43
N GLY D 50 -4.22 31.54 11.08
CA GLY D 50 -5.16 30.78 11.89
C GLY D 50 -4.54 30.30 13.17
N SER D 51 -5.36 29.61 13.97
CA SER D 51 -4.89 29.11 15.26
C SER D 51 -3.76 28.11 15.05
N TYR D 52 -4.07 26.94 14.50
CA TYR D 52 -3.04 25.97 14.15
C TYR D 52 -3.70 24.89 13.30
N LYS D 53 -2.96 23.80 13.08
CA LYS D 53 -3.44 22.67 12.28
C LYS D 53 -3.54 21.38 13.08
N SER D 54 -2.66 21.15 14.05
CA SER D 54 -2.58 19.84 14.68
C SER D 54 -1.92 19.97 16.04
N MET D 55 -2.09 18.92 16.85
CA MET D 55 -1.31 18.67 18.06
C MET D 55 -0.97 17.18 18.10
N PHE D 56 -0.69 16.62 16.92
CA PHE D 56 -0.45 15.19 16.76
C PHE D 56 0.35 15.00 15.48
N GLN D 57 1.59 14.53 15.60
CA GLN D 57 2.47 14.37 14.47
C GLN D 57 2.60 12.90 14.08
N LYS D 58 3.21 12.67 12.91
CA LYS D 58 3.53 11.35 12.42
C LYS D 58 5.02 11.30 12.11
N LEU D 59 5.68 10.23 12.55
CA LEU D 59 7.12 10.11 12.36
C LEU D 59 7.55 10.16 10.88
N PRO D 60 6.88 9.48 9.95
CA PRO D 60 7.27 9.63 8.53
C PRO D 60 7.20 11.06 8.02
N ASP D 61 6.28 11.88 8.52
CA ASP D 61 6.24 13.29 8.11
C ASP D 61 7.49 14.04 8.57
N ILE D 62 7.93 13.80 9.81
CA ILE D 62 9.16 14.42 10.29
C ILE D 62 10.36 13.94 9.48
N ARG D 63 10.38 12.64 9.16
CA ARG D 63 11.46 12.11 8.33
C ARG D 63 11.50 12.80 6.98
N GLU D 64 10.33 12.97 6.36
CA GLU D 64 10.26 13.63 5.07
C GLU D 64 10.72 15.08 5.17
N VAL D 65 10.33 15.78 6.23
CA VAL D 65 10.74 17.17 6.40
C VAL D 65 12.25 17.28 6.51
N LEU D 66 12.86 16.43 7.33
CA LEU D 66 14.32 16.48 7.48
C LEU D 66 15.03 16.11 6.19
N THR D 67 14.54 15.09 5.48
CA THR D 67 15.14 14.69 4.23
C THR D 67 15.06 15.81 3.20
N CYS D 68 13.91 16.49 3.12
CA CYS D 68 13.78 17.62 2.21
C CYS D 68 14.73 18.74 2.57
N LYS D 69 14.86 19.05 3.87
CA LYS D 69 15.80 20.08 4.30
C LYS D 69 17.21 19.78 3.79
N ILE D 70 17.67 18.55 4.07
CA ILE D 70 19.02 18.16 3.65
C ILE D 70 19.15 18.24 2.14
N GLU D 71 18.14 17.75 1.41
CA GLU D 71 18.24 17.67 -0.04
C GLU D 71 18.31 19.06 -0.68
N GLU D 72 17.42 19.97 -0.27
CA GLU D 72 17.46 21.31 -0.86
C GLU D 72 18.75 22.05 -0.50
N LEU D 73 19.19 21.97 0.76
CA LEU D 73 20.43 22.67 1.09
C LEU D 73 21.61 22.09 0.31
N GLY D 74 21.68 20.76 0.20
CA GLY D 74 22.76 20.14 -0.55
C GLY D 74 22.74 20.51 -2.02
N SER D 75 21.54 20.56 -2.61
CA SER D 75 21.44 20.95 -4.02
C SER D 75 21.90 22.38 -4.22
N GLU D 76 21.53 23.28 -3.32
CA GLU D 76 21.98 24.68 -3.44
C GLU D 76 23.50 24.77 -3.33
N LEU D 77 24.09 24.08 -2.35
CA LEU D 77 25.55 24.12 -2.22
C LEU D 77 26.25 23.49 -3.41
N LYS D 78 25.68 22.41 -3.95
CA LYS D 78 26.26 21.77 -5.13
C LYS D 78 26.22 22.72 -6.33
N GLU D 79 25.10 23.43 -6.50
CA GLU D 79 25.02 24.40 -7.60
C GLU D 79 25.98 25.56 -7.40
N HIS D 80 26.24 25.95 -6.15
CA HIS D 80 27.19 27.04 -5.91
C HIS D 80 28.62 26.59 -6.14
N TYR D 81 29.05 25.52 -5.48
CA TYR D 81 30.44 25.11 -5.49
C TYR D 81 30.79 24.22 -6.68
N LYS D 82 29.82 23.94 -7.56
CA LYS D 82 30.06 23.16 -8.78
C LYS D 82 30.65 21.79 -8.48
N ILE D 83 30.05 21.10 -7.51
CA ILE D 83 30.47 19.75 -7.17
C ILE D 83 30.02 18.79 -8.26
N GLU D 84 30.92 17.90 -8.68
CA GLU D 84 30.61 16.99 -9.77
C GLU D 84 29.54 15.98 -9.35
N ALA D 85 29.72 15.35 -8.19
CA ALA D 85 28.78 14.33 -7.71
C ALA D 85 29.12 14.01 -6.26
N PHE D 86 28.09 13.65 -5.50
CA PHE D 86 28.28 13.22 -4.12
C PHE D 86 28.53 11.71 -4.06
N THR D 87 29.04 11.27 -2.91
CA THR D 87 29.42 9.89 -2.70
C THR D 87 28.62 9.30 -1.54
N PRO D 88 28.14 8.06 -1.67
CA PRO D 88 27.45 7.42 -0.54
C PRO D 88 28.37 7.33 0.68
N LEU D 89 27.77 7.48 1.86
CA LEU D 89 28.55 7.51 3.09
C LEU D 89 29.21 6.17 3.37
N LEU D 90 28.54 5.07 3.04
CA LEU D 90 29.00 3.74 3.41
C LEU D 90 29.91 3.09 2.37
N ALA D 91 30.13 3.75 1.23
CA ALA D 91 30.92 3.15 0.16
C ALA D 91 32.39 3.52 0.33
N PRO D 92 33.29 2.54 0.48
CA PRO D 92 34.72 2.86 0.60
C PRO D 92 35.26 3.47 -0.68
N ALA D 93 36.23 4.36 -0.52
CA ALA D 93 36.86 5.03 -1.66
C ALA D 93 38.25 5.51 -1.25
N GLN D 94 39.27 5.01 -1.95
CA GLN D 94 40.63 5.39 -1.61
C GLN D 94 40.90 6.87 -1.87
N GLU D 95 40.44 7.38 -3.00
CA GLU D 95 40.59 8.79 -3.31
C GLU D 95 39.73 9.63 -2.39
N PRO D 96 40.13 10.88 -2.13
CA PRO D 96 39.28 11.77 -1.32
C PRO D 96 37.91 11.97 -1.97
N VAL D 97 36.88 12.00 -1.13
CA VAL D 97 35.50 12.08 -1.60
C VAL D 97 34.78 13.17 -0.85
N THR D 98 33.72 13.69 -1.48
CA THR D 98 32.85 14.70 -0.89
C THR D 98 31.54 14.06 -0.46
N LEU D 99 31.09 14.40 0.74
CA LEU D 99 29.89 13.83 1.33
C LEU D 99 28.97 14.93 1.80
N LEU D 100 27.66 14.69 1.68
CA LEU D 100 26.63 15.60 2.13
C LEU D 100 25.89 14.98 3.30
N GLY D 101 25.74 15.72 4.38
CA GLY D 101 25.06 15.16 5.54
C GLY D 101 24.66 16.25 6.51
N GLN D 102 24.31 15.82 7.72
CA GLN D 102 24.00 16.74 8.81
C GLN D 102 24.71 16.30 10.06
N ILE D 103 25.25 17.27 10.80
CA ILE D 103 26.05 16.96 11.98
C ILE D 103 25.17 16.47 13.11
N GLY D 104 25.70 15.55 13.92
CA GLY D 104 24.99 15.06 15.08
C GLY D 104 25.90 14.37 16.08
N CYS D 105 25.51 14.37 17.34
CA CYS D 105 26.27 13.66 18.37
C CYS D 105 25.79 12.21 18.47
N ASP D 106 26.66 11.36 19.01
CA ASP D 106 26.35 9.94 19.14
C ASP D 106 25.73 9.57 20.47
N SER D 107 25.43 10.55 21.33
CA SER D 107 24.84 10.27 22.64
C SER D 107 23.90 11.42 22.99
N ASN D 108 23.46 11.46 24.24
CA ASN D 108 22.50 12.45 24.72
C ASN D 108 23.17 13.65 25.38
N GLY D 109 24.49 13.71 25.37
CA GLY D 109 25.22 14.76 26.05
C GLY D 109 25.58 15.92 25.14
N LYS D 110 26.53 16.74 25.60
CA LYS D 110 26.99 17.89 24.85
C LYS D 110 27.92 17.46 23.72
N LEU D 111 27.77 18.08 22.57
CA LEU D 111 28.60 17.73 21.42
C LEU D 111 30.05 18.17 21.65
N ASN D 112 30.98 17.28 21.28
CA ASN D 112 32.39 17.60 21.32
C ASN D 112 33.06 16.95 20.11
N ASN D 113 34.33 17.28 19.90
CA ASN D 113 35.01 16.87 18.68
C ASN D 113 35.20 15.36 18.58
N LYS D 114 35.12 14.63 19.69
CA LYS D 114 35.26 13.19 19.66
C LYS D 114 33.94 12.46 19.43
N SER D 115 32.82 13.17 19.40
CA SER D 115 31.50 12.56 19.30
C SER D 115 30.72 13.05 18.09
N VAL D 116 31.39 13.55 17.05
CA VAL D 116 30.70 14.02 15.86
C VAL D 116 30.29 12.83 15.00
N ILE D 117 29.09 12.89 14.45
CA ILE D 117 28.57 11.86 13.55
C ILE D 117 27.87 12.56 12.39
N LEU D 118 28.15 12.09 11.17
CA LEU D 118 27.53 12.64 9.96
C LEU D 118 26.45 11.68 9.49
N GLU D 119 25.24 12.21 9.32
CA GLU D 119 24.08 11.42 8.89
C GLU D 119 23.73 11.82 7.45
N GLY D 120 23.79 10.84 6.55
CA GLY D 120 23.61 11.13 5.14
C GLY D 120 22.16 11.33 4.75
N ASP D 121 21.97 11.78 3.51
CA ASP D 121 20.64 12.03 3.00
C ASP D 121 20.01 10.74 2.49
N ARG D 122 18.69 10.78 2.32
CA ARG D 122 17.95 9.61 1.85
C ARG D 122 18.21 9.36 0.37
N GLU D 123 18.42 10.42 -0.41
CA GLU D 123 18.59 10.27 -1.85
C GLU D 123 19.87 9.50 -2.18
N HIS D 124 20.98 9.84 -1.52
CA HIS D 124 22.29 9.30 -1.87
C HIS D 124 22.68 8.11 -1.00
N SER D 125 22.75 8.31 0.32
CA SER D 125 23.27 7.29 1.23
C SER D 125 22.19 6.58 2.02
N SER D 126 20.91 6.86 1.72
CA SER D 126 19.78 6.19 2.37
C SER D 126 19.82 6.36 3.90
N GLY D 127 20.16 7.55 4.35
CA GLY D 127 20.15 7.87 5.76
C GLY D 127 21.17 7.10 6.60
N ALA D 128 22.38 6.94 6.10
CA ALA D 128 23.43 6.24 6.83
C ALA D 128 24.20 7.20 7.72
N GLN D 129 24.75 6.66 8.80
CA GLN D 129 25.49 7.45 9.79
C GLN D 129 26.92 6.94 9.88
N ILE D 130 27.88 7.86 9.84
CA ILE D 130 29.28 7.47 10.02
C ILE D 130 29.95 8.41 11.01
N PRO D 131 30.86 7.92 11.85
CA PRO D 131 31.66 8.82 12.69
C PRO D 131 32.61 9.65 11.85
N VAL D 132 32.91 10.85 12.34
CA VAL D 132 33.73 11.82 11.63
C VAL D 132 34.94 12.15 12.51
N ASP D 133 36.13 12.09 11.92
CA ASP D 133 37.37 12.37 12.62
C ASP D 133 37.83 13.77 12.21
N LEU D 134 38.09 14.62 13.20
CA LEU D 134 38.46 16.01 12.96
C LEU D 134 39.90 16.30 13.37
N SER D 135 40.77 15.29 13.37
CA SER D 135 42.17 15.52 13.77
C SER D 135 42.93 16.29 12.70
N GLU D 136 42.57 16.12 11.43
CA GLU D 136 43.27 16.74 10.32
C GLU D 136 42.55 17.98 9.79
N LEU D 137 41.56 18.48 10.51
CA LEU D 137 40.79 19.65 10.10
C LEU D 137 41.32 20.88 10.81
N LYS D 138 41.64 21.92 10.03
CA LYS D 138 42.22 23.13 10.60
C LYS D 138 41.15 24.04 11.18
N GLU D 139 40.22 24.51 10.34
CA GLU D 139 39.17 25.43 10.75
C GLU D 139 37.81 24.77 10.56
N TYR D 140 36.99 24.80 11.61
CA TYR D 140 35.63 24.27 11.52
C TYR D 140 34.77 24.91 12.60
N SER D 141 33.47 24.78 12.43
CA SER D 141 32.49 25.27 13.39
C SER D 141 31.23 24.45 13.20
N LEU D 142 30.93 23.59 14.17
CA LEU D 142 29.92 22.56 14.00
C LEU D 142 28.93 22.57 15.16
N PHE D 143 27.66 22.39 14.83
CA PHE D 143 26.58 22.24 15.81
C PHE D 143 25.63 21.18 15.28
N PRO D 144 24.89 20.51 16.17
CA PRO D 144 23.99 19.44 15.71
C PRO D 144 22.93 19.96 14.75
N GLY D 145 22.61 19.14 13.76
CA GLY D 145 21.62 19.51 12.77
C GLY D 145 22.11 20.48 11.72
N GLN D 146 23.41 20.63 11.55
CA GLN D 146 23.97 21.52 10.54
C GLN D 146 24.15 20.75 9.24
N VAL D 147 23.43 21.16 8.20
CA VAL D 147 23.57 20.52 6.89
C VAL D 147 24.91 20.98 6.30
N VAL D 148 25.82 20.03 6.11
CA VAL D 148 27.20 20.35 5.76
C VAL D 148 27.66 19.44 4.62
N ILE D 149 28.66 19.93 3.89
CA ILE D 149 29.34 19.17 2.85
C ILE D 149 30.81 19.09 3.23
N MET D 150 31.30 17.86 3.41
CA MET D 150 32.66 17.61 3.85
C MET D 150 33.47 17.00 2.71
N GLU D 151 34.77 17.23 2.73
CA GLU D 151 35.69 16.61 1.78
C GLU D 151 36.76 15.88 2.57
N GLY D 152 36.75 14.54 2.50
CA GLY D 152 37.65 13.77 3.34
C GLY D 152 38.11 12.47 2.72
N ILE D 153 38.60 11.56 3.56
CA ILE D 153 39.12 10.27 3.14
C ILE D 153 38.37 9.18 3.88
N ASN D 154 37.81 8.22 3.13
CA ASN D 154 37.05 7.12 3.72
C ASN D 154 37.45 5.84 2.97
N THR D 155 38.48 5.17 3.48
CA THR D 155 39.03 4.00 2.81
C THR D 155 38.41 2.68 3.28
N THR D 156 37.82 2.66 4.47
CA THR D 156 37.21 1.45 5.00
C THR D 156 35.69 1.49 4.99
N GLY D 157 35.08 2.65 4.75
CA GLY D 157 33.64 2.76 4.71
C GLY D 157 32.96 2.82 6.06
N ARG D 158 33.72 2.90 7.15
CA ARG D 158 33.16 2.96 8.48
C ARG D 158 33.53 4.21 9.27
N LYS D 159 34.42 5.05 8.73
CA LYS D 159 34.85 6.25 9.42
C LYS D 159 35.40 7.23 8.40
N LEU D 160 35.07 8.51 8.57
CA LEU D 160 35.51 9.56 7.67
C LEU D 160 36.57 10.41 8.36
N VAL D 161 37.71 10.58 7.71
CA VAL D 161 38.77 11.46 8.20
C VAL D 161 38.64 12.75 7.41
N ALA D 162 37.90 13.71 7.96
CA ALA D 162 37.60 14.94 7.25
C ALA D 162 38.85 15.78 7.03
N THR D 163 38.90 16.45 5.89
CA THR D 163 40.03 17.32 5.53
C THR D 163 39.62 18.74 5.18
N LYS D 164 38.43 18.93 4.61
CA LYS D 164 37.98 20.28 4.26
C LYS D 164 36.49 20.41 4.56
N LEU D 165 36.12 21.58 5.10
CA LEU D 165 34.74 21.92 5.42
C LEU D 165 34.33 23.11 4.54
N TYR D 166 33.35 22.90 3.68
CA TYR D 166 32.86 23.98 2.82
C TYR D 166 32.06 24.98 3.63
N GLU D 167 32.29 26.27 3.35
CA GLU D 167 31.56 27.33 4.02
C GLU D 167 30.19 27.52 3.39
N GLY D 168 29.18 27.78 4.22
CA GLY D 168 27.84 27.98 3.72
C GLY D 168 27.67 29.30 3.01
N VAL D 169 26.63 29.36 2.18
CA VAL D 169 26.34 30.53 1.36
C VAL D 169 24.98 31.06 1.77
N PRO D 170 24.86 32.34 2.12
CA PRO D 170 23.58 32.89 2.56
C PRO D 170 22.66 33.19 1.38
N LEU D 171 21.41 33.50 1.71
CA LEU D 171 20.40 33.86 0.73
C LEU D 171 20.65 35.26 0.19
N PRO D 172 20.19 35.54 -1.03
CA PRO D 172 20.36 36.90 -1.58
C PRO D 172 19.55 37.92 -0.78
N PHE D 173 20.06 39.15 -0.77
CA PHE D 173 19.37 40.22 -0.08
C PHE D 173 18.08 40.59 -0.80
N TYR D 174 17.19 41.25 -0.06
CA TYR D 174 15.95 41.75 -0.65
C TYR D 174 16.26 42.83 -1.69
N GLN D 175 15.69 42.68 -2.87
CA GLN D 175 15.96 43.61 -3.97
C GLN D 175 15.02 44.80 -3.86
N PRO D 176 15.52 46.01 -3.61
CA PRO D 176 14.62 47.16 -3.46
C PRO D 176 13.92 47.49 -4.77
N THR D 177 12.70 48.01 -4.63
CA THR D 177 11.98 48.56 -5.77
C THR D 177 12.15 50.07 -5.80
N GLU D 178 11.72 50.68 -6.91
CA GLU D 178 11.82 52.13 -7.03
C GLU D 178 10.92 52.84 -6.02
N GLU D 179 9.80 52.22 -5.65
CA GLU D 179 8.89 52.83 -4.68
C GLU D 179 9.45 52.75 -3.26
N ASP D 180 10.23 51.69 -2.96
CA ASP D 180 10.73 51.51 -1.60
C ASP D 180 11.76 52.57 -1.24
N ALA D 181 12.49 53.08 -2.23
CA ALA D 181 13.53 54.08 -1.95
C ALA D 181 12.97 55.49 -1.82
N ASP D 182 11.68 55.70 -2.09
CA ASP D 182 11.06 57.01 -1.99
C ASP D 182 10.59 57.34 -0.57
N PHE D 183 10.65 56.40 0.35
CA PHE D 183 10.20 56.63 1.71
C PHE D 183 11.21 57.47 2.49
N GLU D 184 10.74 58.02 3.61
CA GLU D 184 11.53 58.93 4.43
C GLU D 184 12.09 58.21 5.65
N GLN D 185 12.72 58.98 6.53
CA GLN D 185 13.36 58.42 7.72
C GLN D 185 12.31 58.00 8.74
N SER D 186 12.60 56.92 9.46
CA SER D 186 11.69 56.40 10.47
C SER D 186 12.49 55.91 11.67
N MET D 187 11.81 55.73 12.80
CA MET D 187 12.43 55.18 14.00
C MET D 187 11.60 54.02 14.52
N VAL D 188 12.29 52.97 14.95
CA VAL D 188 11.67 51.77 15.50
C VAL D 188 12.26 51.50 16.87
N LEU D 189 11.40 51.43 17.88
CA LEU D 189 11.78 50.97 19.21
C LEU D 189 11.55 49.47 19.33
N VAL D 190 12.45 48.79 20.02
CA VAL D 190 12.36 47.35 20.22
C VAL D 190 12.56 47.05 21.69
N ALA D 191 11.68 46.23 22.26
CA ALA D 191 11.80 45.79 23.64
C ALA D 191 11.31 44.37 23.77
N CYS D 192 11.84 43.65 24.77
CA CYS D 192 11.47 42.27 25.01
C CYS D 192 11.22 42.06 26.50
N GLY D 193 10.36 41.08 26.81
CA GLY D 193 9.98 40.82 28.18
C GLY D 193 11.04 40.04 28.93
N PRO D 194 10.76 39.76 30.20
CA PRO D 194 9.54 40.09 30.97
C PRO D 194 9.47 41.56 31.36
N TYR D 195 8.26 42.08 31.57
CA TYR D 195 8.03 43.48 31.86
C TYR D 195 7.85 43.76 33.35
N THR D 196 8.13 42.78 34.21
CA THR D 196 8.00 42.96 35.65
C THR D 196 9.14 42.23 36.34
N THR D 197 9.40 42.63 37.59
CA THR D 197 10.46 42.00 38.36
C THR D 197 10.06 40.57 38.72
N SER D 198 11.06 39.81 39.20
CA SER D 198 10.83 38.40 39.52
C SER D 198 9.97 38.20 40.76
N ASP D 199 9.68 39.27 41.52
CA ASP D 199 8.93 39.14 42.76
C ASP D 199 7.70 40.05 42.82
N SER D 200 7.38 40.74 41.73
CA SER D 200 6.29 41.70 41.73
C SER D 200 5.34 41.42 40.58
N ILE D 201 4.14 41.99 40.69
CA ILE D 201 3.11 41.91 39.66
C ILE D 201 2.61 43.29 39.25
N THR D 202 3.25 44.35 39.74
CA THR D 202 2.80 45.72 39.47
C THR D 202 3.14 46.17 38.05
N TYR D 203 4.07 45.51 37.38
CA TYR D 203 4.44 45.84 36.00
C TYR D 203 4.91 47.29 35.87
N ASP D 204 5.78 47.71 36.79
CA ASP D 204 6.38 49.04 36.70
C ASP D 204 7.24 49.24 35.45
N PRO D 205 8.11 48.30 35.05
CA PRO D 205 8.85 48.50 33.79
C PRO D 205 7.95 48.68 32.59
N LEU D 206 6.78 48.04 32.56
CA LEU D 206 5.84 48.26 31.46
C LEU D 206 5.37 49.70 31.42
N LEU D 207 5.06 50.28 32.58
CA LEU D 207 4.66 51.68 32.64
C LEU D 207 5.81 52.60 32.22
N ASP D 208 7.03 52.27 32.63
CA ASP D 208 8.19 53.05 32.22
C ASP D 208 8.37 53.00 30.70
N LEU D 209 8.19 51.82 30.11
CA LEU D 209 8.28 51.69 28.66
C LEU D 209 7.19 52.49 27.97
N ILE D 210 5.98 52.48 28.52
CA ILE D 210 4.89 53.27 27.95
C ILE D 210 5.24 54.76 27.99
N ALA D 211 5.80 55.22 29.12
CA ALA D 211 6.20 56.62 29.22
C ALA D 211 7.28 56.97 28.20
N VAL D 212 8.27 56.08 28.04
CA VAL D 212 9.33 56.33 27.06
C VAL D 212 8.76 56.37 25.65
N ILE D 213 7.85 55.45 25.32
CA ILE D 213 7.24 55.43 23.99
C ILE D 213 6.47 56.72 23.75
N ASN D 214 5.73 57.18 24.76
CA ASN D 214 4.99 58.43 24.62
C ASN D 214 5.94 59.60 24.42
N HIS D 215 7.06 59.62 25.15
CA HIS D 215 7.99 60.74 25.08
C HIS D 215 8.70 60.79 23.72
N ASP D 216 9.21 59.66 23.25
CA ASP D 216 10.02 59.62 22.04
C ASP D 216 9.19 59.59 20.76
N ARG D 217 7.89 59.31 20.85
CA ARG D 217 6.95 59.14 19.74
C ARG D 217 7.61 58.48 18.53
N PRO D 218 8.06 57.24 18.63
CA PRO D 218 8.69 56.59 17.48
C PRO D 218 7.69 56.29 16.38
N ASP D 219 8.22 55.90 15.23
CA ASP D 219 7.35 55.50 14.13
C ASP D 219 6.74 54.12 14.38
N VAL D 220 7.54 53.17 14.86
CA VAL D 220 7.06 51.82 15.13
C VAL D 220 7.60 51.37 16.49
N CYS D 221 6.83 50.55 17.20
CA CYS D 221 7.29 49.93 18.44
C CYS D 221 7.00 48.44 18.37
N ILE D 222 8.03 47.63 18.64
CA ILE D 222 7.90 46.18 18.68
C ILE D 222 8.11 45.71 20.12
N LEU D 223 7.17 44.93 20.62
CA LEU D 223 7.21 44.40 21.97
C LEU D 223 7.15 42.88 21.91
N PHE D 224 8.16 42.23 22.44
CA PHE D 224 8.23 40.78 22.50
C PHE D 224 7.73 40.28 23.86
N GLY D 225 7.36 39.01 23.89
CA GLY D 225 6.89 38.40 25.11
C GLY D 225 8.03 37.99 26.01
N PRO D 226 7.67 37.37 27.15
CA PRO D 226 6.32 37.06 27.63
C PRO D 226 5.64 38.25 28.29
N PHE D 227 4.33 38.41 28.09
CA PHE D 227 3.58 39.43 28.80
C PHE D 227 3.07 38.92 30.15
N LEU D 228 2.82 37.63 30.25
CA LEU D 228 2.56 36.96 31.52
C LEU D 228 3.56 35.80 31.60
N ASP D 229 4.61 35.98 32.39
CA ASP D 229 5.72 35.02 32.42
C ASP D 229 5.26 33.70 33.00
N ALA D 230 5.52 32.60 32.28
CA ALA D 230 5.19 31.28 32.78
C ALA D 230 6.14 30.84 33.89
N LYS D 231 7.36 31.37 33.90
CA LYS D 231 8.35 31.03 34.90
C LYS D 231 8.28 31.93 36.13
N HIS D 232 7.37 32.90 36.15
CA HIS D 232 7.24 33.78 37.29
C HIS D 232 6.79 32.99 38.52
N GLU D 233 7.30 33.37 39.69
CA GLU D 233 7.02 32.62 40.91
C GLU D 233 5.54 32.64 41.25
N GLN D 234 4.90 33.81 41.14
CA GLN D 234 3.49 33.92 41.47
C GLN D 234 2.61 33.27 40.41
N VAL D 235 3.13 33.06 39.21
CA VAL D 235 2.37 32.41 38.15
C VAL D 235 2.49 30.89 38.23
N GLU D 236 3.72 30.38 38.38
CA GLU D 236 3.95 28.94 38.32
C GLU D 236 3.33 28.19 39.50
N ASN D 237 3.06 28.87 40.62
CA ASN D 237 2.39 28.26 41.75
C ASN D 237 0.89 28.57 41.80
N CYS D 238 0.38 29.32 40.83
CA CYS D 238 -1.04 29.63 40.72
C CYS D 238 -1.57 30.34 41.97
N LEU D 239 -1.02 31.53 42.22
CA LEU D 239 -1.44 32.38 43.32
C LEU D 239 -2.40 33.47 42.87
N LEU D 240 -2.43 33.80 41.58
CA LEU D 240 -3.27 34.87 41.08
C LEU D 240 -4.75 34.54 41.27
N THR D 241 -5.53 35.58 41.53
CA THR D 241 -6.97 35.43 41.75
C THR D 241 -7.80 35.66 40.50
N SER D 242 -7.17 35.85 39.35
CA SER D 242 -7.87 36.09 38.10
C SER D 242 -7.34 35.16 37.02
N PRO D 243 -8.15 34.86 36.01
CA PRO D 243 -7.69 33.99 34.93
C PRO D 243 -6.53 34.62 34.16
N PHE D 244 -5.70 33.76 33.57
CA PHE D 244 -4.56 34.24 32.81
C PHE D 244 -5.01 35.08 31.60
N GLU D 245 -6.07 34.64 30.93
CA GLU D 245 -6.57 35.39 29.78
C GLU D 245 -7.00 36.80 30.17
N ASP D 246 -7.68 36.92 31.32
CA ASP D 246 -8.14 38.24 31.75
C ASP D 246 -6.97 39.16 32.08
N ILE D 247 -5.94 38.63 32.73
CA ILE D 247 -4.77 39.46 33.06
C ILE D 247 -4.03 39.87 31.79
N PHE D 248 -3.90 38.95 30.83
CA PHE D 248 -3.27 39.29 29.57
C PHE D 248 -4.06 40.38 28.84
N LYS D 249 -5.39 40.25 28.83
CA LYS D 249 -6.23 41.28 28.20
C LYS D 249 -6.07 42.62 28.89
N GLN D 250 -5.99 42.61 30.23
CA GLN D 250 -5.81 43.85 30.97
C GLN D 250 -4.48 44.51 30.62
N CYS D 251 -3.41 43.71 30.55
CA CYS D 251 -2.10 44.26 30.20
C CYS D 251 -2.10 44.82 28.78
N LEU D 252 -2.71 44.09 27.84
CA LEU D 252 -2.76 44.56 26.46
C LEU D 252 -3.56 45.85 26.36
N ARG D 253 -4.68 45.94 27.09
CA ARG D 253 -5.47 47.16 27.08
C ARG D 253 -4.71 48.32 27.68
N THR D 254 -3.96 48.09 28.76
CA THR D 254 -3.14 49.15 29.34
C THR D 254 -2.08 49.62 28.37
N ILE D 255 -1.44 48.70 27.66
CA ILE D 255 -0.42 49.07 26.68
C ILE D 255 -1.04 49.89 25.54
N ILE D 256 -2.16 49.40 25.00
CA ILE D 256 -2.75 50.04 23.83
C ILE D 256 -3.29 51.42 24.18
N GLU D 257 -4.00 51.53 25.32
CA GLU D 257 -4.58 52.81 25.71
C GLU D 257 -3.51 53.82 26.07
N GLY D 258 -2.39 53.36 26.64
CA GLY D 258 -1.34 54.28 27.05
C GLY D 258 -0.67 54.98 25.88
N THR D 259 -0.39 54.25 24.81
CA THR D 259 0.30 54.80 23.63
C THR D 259 -0.68 55.23 22.55
N ARG D 260 -1.91 55.59 22.92
CA ARG D 260 -2.88 56.04 21.92
C ARG D 260 -2.57 57.44 21.44
N SER D 261 -2.08 58.31 22.32
CA SER D 261 -1.78 59.69 21.92
C SER D 261 -0.52 59.78 21.07
N SER D 262 0.41 58.83 21.23
CA SER D 262 1.64 58.86 20.45
C SER D 262 1.38 58.63 18.96
N GLY D 263 0.41 57.79 18.63
CA GLY D 263 0.15 57.47 17.24
C GLY D 263 1.15 56.54 16.60
N SER D 264 1.91 55.81 17.41
CA SER D 264 2.92 54.89 16.91
C SER D 264 2.32 53.49 16.75
N HIS D 265 2.65 52.85 15.63
CA HIS D 265 2.20 51.49 15.39
C HIS D 265 2.81 50.55 16.42
N LEU D 266 2.02 49.56 16.84
CA LEU D 266 2.44 48.60 17.85
C LEU D 266 2.43 47.19 17.25
N VAL D 267 3.52 46.46 17.45
CA VAL D 267 3.64 45.09 16.96
C VAL D 267 3.94 44.20 18.16
N PHE D 268 3.00 43.32 18.50
CA PHE D 268 3.15 42.40 19.63
C PHE D 268 3.57 41.03 19.10
N VAL D 269 4.70 40.53 19.57
CA VAL D 269 5.24 39.26 19.14
C VAL D 269 5.13 38.27 20.30
N PRO D 270 4.44 37.14 20.14
CA PRO D 270 4.31 36.19 21.25
C PRO D 270 5.60 35.43 21.51
N SER D 271 5.64 34.79 22.67
CA SER D 271 6.76 33.95 23.06
C SER D 271 6.24 32.68 23.71
N LEU D 272 7.10 31.66 23.76
CA LEU D 272 6.72 30.38 24.32
C LEU D 272 6.51 30.42 25.83
N ARG D 273 6.89 31.50 26.49
CA ARG D 273 6.72 31.64 27.93
C ARG D 273 5.43 32.35 28.31
N ASP D 274 4.48 32.46 27.38
CA ASP D 274 3.17 33.04 27.69
C ASP D 274 2.22 31.93 28.11
N VAL D 275 1.61 32.09 29.29
CA VAL D 275 0.76 31.04 29.83
C VAL D 275 -0.53 30.88 29.03
N HIS D 276 -1.12 31.99 28.59
CA HIS D 276 -2.43 31.95 27.95
C HIS D 276 -2.37 31.47 26.50
N HIS D 277 -1.19 31.36 25.91
CA HIS D 277 -1.06 30.96 24.51
C HIS D 277 -0.66 29.49 24.41
N GLU D 278 -0.75 28.97 23.19
CA GLU D 278 -0.33 27.60 22.92
C GLU D 278 1.20 27.51 22.88
N PRO D 279 1.82 26.64 23.68
CA PRO D 279 3.28 26.54 23.73
C PRO D 279 3.87 25.64 22.64
N VAL D 280 3.62 25.98 21.37
CA VAL D 280 4.14 25.24 20.23
C VAL D 280 4.73 26.24 19.24
N TYR D 281 5.91 25.93 18.72
CA TYR D 281 6.67 26.74 17.77
C TYR D 281 6.47 26.22 16.35
N PRO D 282 6.10 27.07 15.38
CA PRO D 282 5.84 28.51 15.46
C PRO D 282 4.50 28.84 16.12
N GLN D 283 4.35 30.06 16.63
CA GLN D 283 3.15 30.42 17.37
C GLN D 283 2.24 31.30 16.53
N PRO D 284 0.93 31.11 16.61
CA PRO D 284 0.00 31.98 15.90
C PRO D 284 -0.06 33.36 16.54
N PRO D 285 -0.56 34.36 15.82
CA PRO D 285 -0.64 35.71 16.39
C PRO D 285 -1.58 35.78 17.58
N PHE D 286 -1.37 36.80 18.41
CA PHE D 286 -2.21 37.00 19.58
C PHE D 286 -3.67 37.18 19.17
N SER D 287 -4.57 36.61 19.95
CA SER D 287 -6.01 36.73 19.74
C SER D 287 -6.54 37.86 20.59
N TYR D 288 -7.21 38.83 19.95
CA TYR D 288 -7.74 39.98 20.65
C TYR D 288 -8.92 40.54 19.86
N SER D 289 -10.11 40.53 20.47
CA SER D 289 -11.33 40.95 19.81
C SER D 289 -11.88 42.27 20.30
N ASP D 290 -11.54 42.71 21.51
CA ASP D 290 -12.02 43.98 22.05
C ASP D 290 -11.12 45.09 21.50
N LEU D 291 -11.30 45.36 20.21
CA LEU D 291 -10.50 46.36 19.50
C LEU D 291 -11.44 47.32 18.78
N SER D 292 -11.22 48.62 18.98
CA SER D 292 -12.01 49.63 18.31
C SER D 292 -11.48 49.86 16.89
N ARG D 293 -12.26 50.58 16.09
CA ARG D 293 -11.88 50.81 14.70
C ARG D 293 -10.65 51.72 14.59
N GLU D 294 -10.50 52.69 15.50
CA GLU D 294 -9.34 53.58 15.45
C GLU D 294 -8.05 52.82 15.75
N ASP D 295 -8.10 51.88 16.71
CA ASP D 295 -6.92 51.14 17.10
C ASP D 295 -6.57 50.00 16.15
N LYS D 296 -7.48 49.63 15.25
CA LYS D 296 -7.17 48.57 14.29
C LYS D 296 -6.11 48.99 13.30
N LYS D 297 -5.90 50.29 13.09
CA LYS D 297 -4.86 50.78 12.21
C LYS D 297 -3.53 51.02 12.92
N GLN D 298 -3.50 50.93 14.25
CA GLN D 298 -2.29 51.15 15.02
C GLN D 298 -1.78 49.92 15.75
N VAL D 299 -2.59 48.87 15.88
CA VAL D 299 -2.22 47.66 16.60
C VAL D 299 -2.21 46.50 15.62
N GLN D 300 -1.09 45.80 15.56
CA GLN D 300 -0.94 44.63 14.70
C GLN D 300 -0.40 43.46 15.52
N PHE D 301 -0.89 42.27 15.22
CA PHE D 301 -0.45 41.04 15.88
C PHE D 301 0.23 40.16 14.86
N VAL D 302 1.49 39.81 15.10
CA VAL D 302 2.28 38.99 14.19
C VAL D 302 2.66 37.70 14.91
N SER D 303 3.11 36.73 14.13
CA SER D 303 3.44 35.41 14.65
C SER D 303 4.86 35.40 15.19
N GLU D 304 5.38 34.21 15.47
CA GLU D 304 6.74 34.01 15.92
C GLU D 304 7.25 32.68 15.37
N PRO D 305 8.24 32.70 14.47
CA PRO D 305 9.01 33.84 13.95
C PRO D 305 8.27 34.62 12.87
N CYS D 306 8.69 35.84 12.57
CA CYS D 306 8.01 36.71 11.62
C CYS D 306 9.02 37.38 10.70
N SER D 307 8.65 37.51 9.43
CA SER D 307 9.41 38.26 8.43
C SER D 307 8.55 39.46 8.04
N LEU D 308 8.93 40.64 8.52
CA LEU D 308 8.06 41.80 8.47
C LEU D 308 8.78 42.98 7.85
N SER D 309 8.29 43.48 6.73
CA SER D 309 8.90 44.63 6.07
C SER D 309 8.24 45.90 6.59
N ILE D 310 9.07 46.81 7.11
CA ILE D 310 8.67 48.10 7.65
C ILE D 310 9.22 49.14 6.69
N ASN D 311 8.37 49.77 5.90
CA ASN D 311 8.82 50.83 4.99
C ASN D 311 9.82 50.28 3.99
N GLY D 312 9.62 49.03 3.53
CA GLY D 312 10.52 48.38 2.59
C GLY D 312 11.78 47.76 3.18
N VAL D 313 11.90 47.72 4.50
CA VAL D 313 13.07 47.21 5.20
C VAL D 313 12.65 45.96 5.97
N ILE D 314 13.28 44.83 5.65
CA ILE D 314 12.87 43.54 6.18
C ILE D 314 13.43 43.37 7.58
N PHE D 315 12.57 42.94 8.51
CA PHE D 315 12.95 42.60 9.87
C PHE D 315 12.70 41.12 10.10
N GLY D 316 13.66 40.45 10.72
CA GLY D 316 13.45 39.09 11.17
C GLY D 316 13.24 39.05 12.66
N LEU D 317 12.02 38.73 13.09
CA LEU D 317 11.65 38.80 14.50
C LEU D 317 11.47 37.39 15.04
N THR D 318 12.10 37.11 16.18
CA THR D 318 11.95 35.84 16.86
C THR D 318 12.12 36.05 18.35
N SER D 319 11.20 35.49 19.12
CA SER D 319 11.22 35.63 20.57
C SER D 319 11.98 34.50 21.28
N THR D 320 12.20 33.38 20.60
CA THR D 320 12.93 32.28 21.21
C THR D 320 14.39 32.66 21.44
N ASP D 321 15.00 32.02 22.43
CA ASP D 321 16.39 32.28 22.78
C ASP D 321 17.30 31.38 21.93
N LEU D 322 17.34 31.69 20.64
CA LEU D 322 18.11 30.86 19.70
C LEU D 322 19.60 30.97 19.97
N LEU D 323 20.08 32.17 20.33
CA LEU D 323 21.51 32.35 20.54
C LEU D 323 22.02 31.51 21.70
N PHE D 324 21.28 31.48 22.82
CA PHE D 324 21.72 30.70 23.97
C PHE D 324 21.58 29.21 23.72
N HIS D 325 20.53 28.78 23.02
CA HIS D 325 20.37 27.36 22.71
C HIS D 325 21.46 26.86 21.78
N LEU D 326 21.75 27.63 20.73
CA LEU D 326 22.75 27.21 19.75
C LEU D 326 24.17 27.40 20.28
N GLY D 327 24.41 28.48 21.02
CA GLY D 327 25.75 28.77 21.48
C GLY D 327 26.29 27.78 22.48
N ALA D 328 25.42 27.04 23.16
CA ALA D 328 25.87 26.08 24.16
C ALA D 328 26.34 24.78 23.53
N GLU D 329 25.82 24.42 22.36
CA GLU D 329 26.10 23.13 21.73
C GLU D 329 26.93 23.29 20.46
N GLU D 330 27.94 24.16 20.49
CA GLU D 330 28.78 24.41 19.33
C GLU D 330 30.22 24.01 19.65
N ILE D 331 30.93 23.56 18.61
CA ILE D 331 32.34 23.25 18.71
C ILE D 331 33.10 24.01 17.63
N SER D 332 34.23 24.59 17.99
CA SER D 332 35.07 25.32 17.06
C SER D 332 36.53 24.98 17.32
N SER D 333 37.34 25.15 16.28
CA SER D 333 38.78 24.88 16.37
C SER D 333 39.56 26.05 16.97
N SER D 334 38.96 27.24 17.05
CA SER D 334 39.62 28.41 17.58
C SER D 334 38.84 28.95 18.78
N SER D 335 39.56 29.26 19.85
CA SER D 335 38.95 29.80 21.06
C SER D 335 39.69 31.01 21.64
N GLY D 336 40.89 31.32 21.15
CA GLY D 336 41.66 32.43 21.69
C GLY D 336 41.08 33.79 21.33
N THR D 337 41.11 34.14 20.05
CA THR D 337 40.62 35.43 19.57
C THR D 337 39.58 35.17 18.48
N SER D 338 38.33 34.99 18.90
CA SER D 338 37.23 34.77 17.97
C SER D 338 35.93 35.21 18.65
N ASP D 339 35.04 35.80 17.86
CA ASP D 339 33.77 36.30 18.38
C ASP D 339 32.73 35.19 18.25
N ARG D 340 32.28 34.66 19.39
CA ARG D 340 31.28 33.59 19.37
C ARG D 340 29.97 34.07 18.78
N PHE D 341 29.55 35.30 19.13
CA PHE D 341 28.28 35.83 18.65
C PHE D 341 28.28 35.98 17.14
N SER D 342 29.37 36.50 16.57
CA SER D 342 29.45 36.63 15.11
C SER D 342 29.40 35.27 14.43
N ARG D 343 30.08 34.28 15.02
CA ARG D 343 30.10 32.94 14.42
C ARG D 343 28.72 32.30 14.44
N ILE D 344 28.01 32.40 15.56
CA ILE D 344 26.68 31.79 15.62
C ILE D 344 25.71 32.57 14.74
N LEU D 345 25.87 33.89 14.62
CA LEU D 345 25.03 34.64 13.70
C LEU D 345 25.28 34.23 12.25
N LYS D 346 26.53 33.99 11.89
CA LYS D 346 26.84 33.48 10.56
C LYS D 346 26.19 32.13 10.33
N HIS D 347 26.23 31.26 11.34
CA HIS D 347 25.53 29.98 11.23
C HIS D 347 24.04 30.17 10.97
N ILE D 348 23.41 31.06 11.74
CA ILE D 348 21.98 31.30 11.60
C ILE D 348 21.65 31.82 10.20
N LEU D 349 22.45 32.77 9.71
CA LEU D 349 22.17 33.38 8.42
C LEU D 349 22.46 32.45 7.25
N THR D 350 23.43 31.53 7.37
CA THR D 350 23.74 30.62 6.29
C THR D 350 22.96 29.31 6.35
N GLN D 351 22.24 29.04 7.44
CA GLN D 351 21.47 27.80 7.54
C GLN D 351 20.05 27.91 6.98
N ARG D 352 19.59 29.11 6.63
CA ARG D 352 18.31 29.33 5.97
C ARG D 352 17.12 28.85 6.81
N SER D 353 17.14 29.17 8.10
CA SER D 353 16.03 28.84 8.99
C SER D 353 16.02 29.81 10.16
N TYR D 354 14.90 29.82 10.88
CA TYR D 354 14.78 30.60 12.11
C TYR D 354 15.15 29.80 13.35
N TYR D 355 15.12 28.47 13.28
CA TYR D 355 15.62 27.62 14.36
C TYR D 355 16.33 26.43 13.71
N PRO D 356 17.62 26.60 13.40
CA PRO D 356 18.31 25.55 12.65
C PRO D 356 18.82 24.39 13.49
N LEU D 357 18.87 24.53 14.81
CA LEU D 357 19.41 23.48 15.66
C LEU D 357 18.45 22.30 15.72
N TYR D 358 18.98 21.08 15.59
CA TYR D 358 18.18 19.87 15.70
C TYR D 358 19.01 18.77 16.35
N PRO D 359 18.50 18.12 17.40
CA PRO D 359 17.21 18.37 18.06
C PRO D 359 17.26 19.61 18.93
N PRO D 360 16.13 20.31 19.09
CA PRO D 360 16.14 21.57 19.85
C PRO D 360 16.45 21.37 21.32
N GLN D 361 16.44 22.46 22.09
CA GLN D 361 16.65 22.34 23.52
C GLN D 361 15.55 21.49 24.14
N GLU D 362 15.85 20.88 25.29
CA GLU D 362 14.96 19.87 25.86
C GLU D 362 13.57 20.44 26.16
N ASP D 363 13.49 21.69 26.61
CA ASP D 363 12.22 22.37 26.83
C ASP D 363 11.95 23.24 25.61
N MET D 364 11.52 22.61 24.52
CA MET D 364 11.20 23.34 23.30
C MET D 364 10.25 22.46 22.47
N ALA D 365 9.01 22.91 22.31
CA ALA D 365 8.02 22.20 21.53
C ALA D 365 7.99 22.77 20.11
N ILE D 366 8.28 21.93 19.12
CA ILE D 366 8.31 22.34 17.73
C ILE D 366 7.43 21.39 16.92
N ASP D 367 6.50 21.96 16.15
CA ASP D 367 5.68 21.22 15.21
C ASP D 367 6.37 21.30 13.85
N TYR D 368 6.97 20.19 13.41
CA TYR D 368 7.84 20.25 12.23
C TYR D 368 7.05 20.41 10.94
N GLU D 369 5.82 19.90 10.88
CA GLU D 369 5.01 20.11 9.69
C GLU D 369 4.72 21.58 9.46
N SER D 370 4.44 22.34 10.52
CA SER D 370 4.27 23.78 10.41
C SER D 370 5.60 24.51 10.42
N PHE D 371 6.63 23.93 11.02
CA PHE D 371 7.95 24.53 11.01
C PHE D 371 8.51 24.62 9.59
N TYR D 372 8.31 23.55 8.80
CA TYR D 372 8.85 23.50 7.45
C TYR D 372 8.26 24.55 6.53
N VAL D 373 7.08 25.07 6.84
CA VAL D 373 6.39 26.01 5.97
C VAL D 373 6.41 27.43 6.52
N TYR D 374 6.08 27.62 7.81
CA TYR D 374 5.90 28.95 8.37
C TYR D 374 7.15 29.50 9.05
N ALA D 375 8.27 28.77 9.05
CA ALA D 375 9.45 29.16 9.80
C ALA D 375 10.71 29.05 8.96
N GLN D 376 10.67 29.57 7.73
CA GLN D 376 11.83 29.62 6.86
C GLN D 376 12.13 31.07 6.49
N LEU D 377 13.40 31.39 6.33
CA LEU D 377 13.78 32.72 5.89
C LEU D 377 13.52 32.87 4.40
N PRO D 378 12.71 33.85 3.97
CA PRO D 378 12.49 34.04 2.53
C PRO D 378 13.71 34.60 1.83
N VAL D 379 14.31 35.63 2.44
CA VAL D 379 15.55 36.25 1.97
C VAL D 379 16.39 36.59 3.19
N THR D 380 17.57 37.13 2.95
CA THR D 380 18.41 37.58 4.06
C THR D 380 17.83 38.87 4.61
N PRO D 381 17.44 38.92 5.89
CA PRO D 381 16.82 40.13 6.43
C PRO D 381 17.80 41.30 6.45
N ASP D 382 17.25 42.49 6.25
CA ASP D 382 18.05 43.70 6.33
C ASP D 382 18.47 43.99 7.77
N VAL D 383 17.56 43.79 8.72
CA VAL D 383 17.84 43.93 10.14
C VAL D 383 17.29 42.70 10.85
N LEU D 384 18.11 42.08 11.69
CA LEU D 384 17.73 40.89 12.44
C LEU D 384 17.60 41.24 13.92
N ILE D 385 16.46 40.93 14.51
CA ILE D 385 16.19 41.18 15.92
C ILE D 385 16.15 39.84 16.64
N ILE D 386 17.14 39.61 17.50
CA ILE D 386 17.26 38.35 18.24
C ILE D 386 17.49 38.61 19.73
N PRO D 387 16.49 39.11 20.46
CA PRO D 387 16.69 39.33 21.90
C PRO D 387 17.03 38.04 22.63
N SER D 388 17.95 38.13 23.58
CA SER D 388 18.46 36.95 24.25
C SER D 388 18.94 37.33 25.66
N GLU D 389 19.03 36.32 26.52
CA GLU D 389 19.47 36.54 27.88
C GLU D 389 20.95 36.91 27.96
N LEU D 390 21.70 36.72 26.89
CA LEU D 390 23.11 37.08 26.87
C LEU D 390 23.26 38.61 26.86
N ARG D 391 24.51 39.07 26.82
CA ARG D 391 24.78 40.49 26.88
C ARG D 391 24.31 41.20 25.60
N TYR D 392 23.82 42.42 25.76
CA TYR D 392 23.32 43.20 24.63
C TYR D 392 24.44 43.50 23.64
N PHE D 393 24.09 43.50 22.36
CA PHE D 393 25.08 43.77 21.32
C PHE D 393 24.38 44.24 20.05
N VAL D 394 25.17 44.78 19.13
CA VAL D 394 24.73 45.10 17.78
C VAL D 394 25.91 44.86 16.84
N LYS D 395 25.77 43.90 15.94
CA LYS D 395 26.86 43.48 15.08
C LYS D 395 26.43 43.47 13.62
N ASP D 396 27.35 43.86 12.74
CA ASP D 396 27.13 43.79 11.30
C ASP D 396 27.78 42.51 10.78
N VAL D 397 26.97 41.49 10.53
CA VAL D 397 27.45 40.19 10.08
C VAL D 397 26.86 39.91 8.70
N LEU D 398 27.73 39.71 7.71
CA LEU D 398 27.33 39.36 6.35
C LEU D 398 26.35 40.39 5.78
N GLY D 399 26.56 41.65 6.11
CA GLY D 399 25.70 42.72 5.64
C GLY D 399 24.40 42.89 6.40
N CYS D 400 24.16 42.09 7.43
CA CYS D 400 22.94 42.15 8.22
C CYS D 400 23.25 42.73 9.59
N VAL D 401 22.43 43.68 10.03
CA VAL D 401 22.61 44.30 11.34
C VAL D 401 21.78 43.51 12.34
N CYS D 402 22.45 42.75 13.20
CA CYS D 402 21.80 41.94 14.22
C CYS D 402 21.89 42.66 15.55
N VAL D 403 20.74 42.90 16.17
CA VAL D 403 20.64 43.68 17.40
C VAL D 403 19.99 42.82 18.47
N ASN D 404 20.64 42.71 19.62
CA ASN D 404 20.08 42.02 20.78
C ASN D 404 20.11 43.00 21.95
N PRO D 405 18.98 43.62 22.30
CA PRO D 405 18.97 44.55 23.44
C PRO D 405 18.86 43.86 24.79
N GLY D 406 18.52 42.57 24.83
CA GLY D 406 18.32 41.88 26.08
C GLY D 406 16.94 42.09 26.64
N ARG D 407 16.68 41.42 27.76
CA ARG D 407 15.39 41.55 28.42
C ARG D 407 15.23 42.93 29.05
N LEU D 408 14.00 43.43 29.04
CA LEU D 408 13.74 44.74 29.64
C LEU D 408 13.93 44.70 31.16
N THR D 409 13.78 43.54 31.77
CA THR D 409 13.98 43.38 33.21
C THR D 409 14.66 42.05 33.46
N LYS D 410 15.90 42.10 33.92
CA LYS D 410 16.70 40.91 34.19
C LYS D 410 16.70 40.66 35.69
N GLY D 411 16.01 39.59 36.11
CA GLY D 411 15.93 39.29 37.53
C GLY D 411 15.17 40.36 38.28
N GLN D 412 15.81 40.93 39.28
CA GLN D 412 15.19 41.96 40.11
C GLN D 412 15.55 43.38 39.67
N VAL D 413 16.52 43.54 38.78
CA VAL D 413 16.97 44.86 38.34
C VAL D 413 16.50 45.09 36.92
N GLY D 414 16.55 46.36 36.50
CA GLY D 414 16.08 46.73 35.19
C GLY D 414 17.04 46.34 34.09
N GLY D 415 16.55 46.44 32.84
CA GLY D 415 17.34 46.07 31.68
C GLY D 415 17.49 47.18 30.66
N THR D 416 17.43 46.82 29.38
CA THR D 416 17.66 47.77 28.30
C THR D 416 16.63 47.56 27.20
N PHE D 417 16.48 48.58 26.35
CA PHE D 417 15.73 48.47 25.11
C PHE D 417 16.57 49.07 23.99
N ALA D 418 16.08 49.01 22.76
CA ALA D 418 16.86 49.46 21.62
C ALA D 418 16.02 50.37 20.74
N ARG D 419 16.71 51.25 20.01
CA ARG D 419 16.06 52.10 19.03
C ARG D 419 16.90 52.15 17.76
N LEU D 420 16.23 52.11 16.62
CA LEU D 420 16.87 52.05 15.32
C LEU D 420 16.33 53.15 14.41
N TYR D 421 17.23 53.76 13.64
CA TYR D 421 16.88 54.74 12.62
C TYR D 421 16.98 54.10 11.25
N LEU D 422 15.92 54.25 10.45
CA LEU D 422 15.81 53.58 9.16
C LEU D 422 15.64 54.60 8.05
N ARG D 423 16.41 54.45 6.98
CA ARG D 423 16.28 55.22 5.76
C ARG D 423 17.07 54.51 4.66
N ARG D 424 16.55 54.53 3.44
CA ARG D 424 17.17 53.79 2.34
C ARG D 424 17.93 54.75 1.44
N PRO D 425 19.25 54.61 1.33
CA PRO D 425 20.02 55.52 0.47
C PRO D 425 19.83 55.25 -1.01
N ALA D 426 20.62 55.93 -1.85
CA ALA D 426 20.50 55.76 -3.29
C ALA D 426 20.77 54.33 -3.70
N ALA D 427 20.03 53.86 -4.71
CA ALA D 427 20.12 52.46 -5.12
C ALA D 427 21.51 52.12 -5.67
N ASP D 428 22.00 52.94 -6.60
CA ASP D 428 23.29 52.65 -7.22
C ASP D 428 24.43 52.92 -6.25
N GLY D 429 25.47 52.11 -6.37
CA GLY D 429 26.63 52.20 -5.49
C GLY D 429 27.31 50.85 -5.41
N ALA D 430 27.88 50.58 -4.23
CA ALA D 430 28.57 49.32 -3.97
C ALA D 430 27.58 48.26 -3.47
N GLU D 431 26.51 48.09 -4.25
CA GLU D 431 25.45 47.13 -3.97
C GLU D 431 24.89 47.32 -2.56
N ARG D 432 25.36 46.53 -1.61
CA ARG D 432 24.84 46.56 -0.25
C ARG D 432 25.12 47.90 0.42
N GLN D 433 24.05 48.65 0.68
CA GLN D 433 24.09 49.87 1.50
C GLN D 433 23.04 49.68 2.58
N SER D 434 23.47 49.59 3.83
CA SER D 434 22.59 49.21 4.92
C SER D 434 21.50 50.26 5.13
N PRO D 435 20.21 49.88 5.03
CA PRO D 435 19.15 50.85 5.36
C PRO D 435 19.18 51.29 6.81
N CYS D 436 19.60 50.44 7.72
CA CYS D 436 19.64 50.79 9.15
C CYS D 436 20.84 51.69 9.39
N ILE D 437 20.58 52.96 9.67
CA ILE D 437 21.65 53.94 9.79
C ILE D 437 22.29 53.87 11.17
N ALA D 438 21.48 54.02 12.22
CA ALA D 438 21.99 54.06 13.59
C ALA D 438 21.17 53.14 14.48
N VAL D 439 21.86 52.51 15.42
CA VAL D 439 21.25 51.68 16.45
C VAL D 439 21.77 52.14 17.80
N GLN D 440 20.88 52.21 18.79
CA GLN D 440 21.27 52.65 20.13
C GLN D 440 20.56 51.76 21.15
N VAL D 441 21.36 51.10 21.98
CA VAL D 441 20.85 50.28 23.08
C VAL D 441 20.98 51.10 24.36
N VAL D 442 19.84 51.38 24.99
CA VAL D 442 19.75 52.31 26.12
C VAL D 442 19.08 51.60 27.28
N ARG D 443 19.59 51.85 28.50
CA ARG D 443 19.01 51.28 29.69
C ARG D 443 17.65 51.90 29.98
N ILE D 444 16.78 51.11 30.60
CA ILE D 444 15.46 51.59 31.00
C ILE D 444 15.45 51.87 32.50
ZN ZN E . -44.36 -23.68 -50.83
FE1 SF4 F . -21.26 -19.70 23.75
FE2 SF4 F . -20.94 -22.11 22.50
FE3 SF4 F . -23.15 -21.65 24.06
FE4 SF4 F . -20.68 -21.93 25.23
S1 SF4 F . -21.84 -23.52 24.06
S2 SF4 F . -22.26 -20.34 25.70
S3 SF4 F . -19.36 -20.95 23.66
S4 SF4 F . -22.59 -20.58 22.13
ZN ZN G . -8.62 22.91 52.59
ZN ZN H . 17.81 -0.83 20.13
#